data_7P3T
#
_entry.id   7P3T
#
_cell.length_a   86.810
_cell.length_b   144.580
_cell.length_c   151.760
_cell.angle_alpha   90.000
_cell.angle_beta   90.000
_cell.angle_gamma   90.000
#
_symmetry.space_group_name_H-M   'P 21 21 21'
#
loop_
_entity.id
_entity.type
_entity.pdbx_description
1 polymer 'Branched-chain amino acid aminotransferase'
2 non-polymer "PYRIDOXAL-5'-PHOSPHATE"
3 non-polymer GLYCEROL
4 water water
#
_entity_poly.entity_id   1
_entity_poly.type   'polypeptide(L)'
_entity_poly.pdbx_seq_one_letter_code
;MSDEPIIYINGDYLPLSQARVSPVDQGFLLGDGVFDVVSAWKGNIFKLDAHLDRFFDSIQAARLNHDMSRDAWKEAIIET
TRRNGLDDASIRFIVTRGEPKGVVADPRDFKPTCIVWVAPYIFLADEEKRRNGIRLMISATRGFPADTLDPRYKCLDRLH
SQLIRLEALEAGYDDALWLDHSGHVSESAASNLFIVKNGVLYTPSAGILRGITRDTILELATELDIPWKERQLSAFDVYI
ADEVFTCSTAGGALPVREVAGRTIRGTTPGPITQAIDNAYWAMRETDRYATPLSGSHHHHHH
;
_entity_poly.pdbx_strand_id   A,B,C,D,E,F
#
loop_
_chem_comp.id
_chem_comp.type
_chem_comp.name
_chem_comp.formula
GOL non-polymer GLYCEROL 'C3 H8 O3'
PLP non-polymer PYRIDOXAL-5'-PHOSPHATE 'C8 H10 N O6 P'
#
# COMPACT_ATOMS: atom_id res chain seq x y z
N MET A 1 31.20 -8.42 37.26
CA MET A 1 30.97 -9.71 37.97
C MET A 1 30.66 -9.52 39.45
N SER A 2 30.41 -8.29 39.85
CA SER A 2 30.04 -8.05 41.23
C SER A 2 28.52 -8.04 41.36
N ASP A 3 28.07 -7.78 42.59
CA ASP A 3 26.72 -7.30 42.82
C ASP A 3 26.50 -5.89 42.29
N GLU A 4 27.46 -5.33 41.54
CA GLU A 4 27.28 -4.03 40.91
C GLU A 4 27.96 -3.98 39.55
N PRO A 5 27.22 -3.97 38.45
CA PRO A 5 27.88 -3.84 37.15
C PRO A 5 28.60 -2.50 37.05
N ILE A 6 29.72 -2.50 36.33
CA ILE A 6 30.47 -1.27 36.04
C ILE A 6 30.24 -0.91 34.58
N ILE A 7 29.90 0.34 34.32
CA ILE A 7 29.68 0.73 32.93
C ILE A 7 30.68 1.81 32.54
N TYR A 8 30.86 1.95 31.23
CA TYR A 8 31.53 3.09 30.61
C TYR A 8 30.50 4.15 30.25
N ILE A 9 30.74 5.39 30.66
CA ILE A 9 29.87 6.48 30.24
C ILE A 9 30.72 7.74 30.08
N ASN A 10 30.80 8.20 28.82
CA ASN A 10 31.52 9.42 28.47
C ASN A 10 32.93 9.46 29.05
N GLY A 11 33.64 8.32 28.96
CA GLY A 11 35.03 8.23 29.33
C GLY A 11 35.29 7.77 30.73
N ASP A 12 34.26 7.71 31.57
CA ASP A 12 34.39 7.31 32.96
C ASP A 12 33.90 5.87 33.13
N TYR A 13 34.54 5.15 34.06
CA TYR A 13 34.11 3.80 34.44
C TYR A 13 33.56 3.86 35.85
N LEU A 14 32.26 3.59 36.01
CA LEU A 14 31.71 3.66 37.35
C LEU A 14 30.54 2.68 37.48
N PRO A 15 30.13 2.40 38.72
CA PRO A 15 29.01 1.47 38.94
C PRO A 15 27.75 1.98 38.26
N LEU A 16 26.97 1.04 37.74
CA LEU A 16 25.71 1.39 37.08
C LEU A 16 24.83 2.21 38.02
N SER A 17 24.83 1.84 39.30
CA SER A 17 24.06 2.52 40.35
C SER A 17 24.29 4.01 40.38
N GLN A 18 25.49 4.46 40.00
CA GLN A 18 25.91 5.85 40.09
C GLN A 18 25.91 6.53 38.74
N ALA A 19 26.03 5.75 37.66
CA ALA A 19 26.07 6.30 36.32
C ALA A 19 24.74 6.98 35.99
N ARG A 20 24.82 8.10 35.27
CA ARG A 20 23.69 9.00 35.09
C ARG A 20 23.50 9.33 33.63
N VAL A 21 22.31 9.07 33.12
CA VAL A 21 21.80 9.69 31.92
C VAL A 21 20.92 10.87 32.36
N SER A 22 21.12 12.01 31.74
CA SER A 22 20.32 13.17 32.10
C SER A 22 18.87 12.95 31.66
N PRO A 23 17.89 13.40 32.45
CA PRO A 23 16.50 13.35 32.00
C PRO A 23 16.25 14.16 30.75
N VAL A 24 17.17 15.06 30.35
CA VAL A 24 16.98 15.80 29.10
C VAL A 24 17.93 15.33 28.01
N ASP A 25 18.62 14.20 28.21
CA ASP A 25 19.31 13.55 27.10
C ASP A 25 18.34 13.27 25.97
N GLN A 26 18.72 13.66 24.74
CA GLN A 26 17.85 13.40 23.59
C GLN A 26 17.71 11.92 23.26
N GLY A 27 18.65 11.10 23.72
CA GLY A 27 18.47 9.66 23.63
C GLY A 27 17.28 9.18 24.45
N PHE A 28 17.01 9.85 25.58
CA PHE A 28 15.90 9.51 26.46
C PHE A 28 14.61 10.15 25.97
N LEU A 29 14.63 11.47 25.74
CA LEU A 29 13.40 12.19 25.45
C LEU A 29 12.87 11.92 24.04
N LEU A 30 13.77 11.64 23.10
CA LEU A 30 13.42 11.52 21.70
C LEU A 30 13.87 10.23 21.05
N GLY A 31 14.49 9.32 21.79
CA GLY A 31 14.99 8.10 21.16
C GLY A 31 16.09 8.36 20.15
N ASP A 32 16.82 9.47 20.30
CA ASP A 32 17.81 9.91 19.32
C ASP A 32 19.15 9.25 19.66
N GLY A 33 19.24 7.99 19.29
CA GLY A 33 20.46 7.24 19.49
C GLY A 33 20.40 5.90 18.80
N VAL A 34 21.59 5.31 18.61
CA VAL A 34 21.73 4.00 18.00
C VAL A 34 22.61 3.14 18.90
N PHE A 35 22.52 1.83 18.70
CA PHE A 35 23.28 0.93 19.54
C PHE A 35 23.66 -0.33 18.78
N ASP A 36 24.57 -1.10 19.36
CA ASP A 36 24.85 -2.43 18.89
C ASP A 36 25.18 -3.31 20.09
N VAL A 37 25.20 -4.61 19.85
CA VAL A 37 25.45 -5.60 20.90
C VAL A 37 26.36 -6.68 20.35
N VAL A 38 27.46 -6.94 21.07
CA VAL A 38 28.42 -7.96 20.72
C VAL A 38 28.56 -8.86 21.94
N SER A 39 28.96 -10.10 21.71
CA SER A 39 29.09 -11.06 22.80
C SER A 39 30.52 -11.53 23.00
N ALA A 40 30.79 -11.96 24.23
CA ALA A 40 32.00 -12.64 24.59
C ALA A 40 31.64 -14.04 25.07
N TRP A 41 32.48 -15.01 24.72
CA TRP A 41 32.31 -16.41 25.10
C TRP A 41 33.69 -16.99 25.40
N LYS A 42 33.86 -17.55 26.59
CA LYS A 42 35.10 -18.18 27.02
C LYS A 42 36.32 -17.33 26.72
N GLY A 43 36.21 -16.04 26.99
CA GLY A 43 37.33 -15.14 26.96
C GLY A 43 37.56 -14.41 25.66
N ASN A 44 36.73 -14.64 24.64
CA ASN A 44 36.89 -14.02 23.34
C ASN A 44 35.62 -13.26 22.97
N ILE A 45 35.78 -12.02 22.56
CA ILE A 45 34.71 -11.32 21.88
C ILE A 45 34.65 -11.85 20.45
N PHE A 46 33.43 -12.07 19.94
CA PHE A 46 33.22 -12.65 18.63
C PHE A 46 32.71 -11.58 17.66
N LYS A 47 33.44 -11.42 16.55
CA LYS A 47 33.06 -10.52 15.44
C LYS A 47 32.93 -9.08 15.89
N LEU A 48 33.87 -8.65 16.72
CA LEU A 48 33.84 -7.28 17.20
C LEU A 48 33.95 -6.30 16.04
N ASP A 49 34.83 -6.58 15.08
CA ASP A 49 34.98 -5.66 13.97
C ASP A 49 33.70 -5.55 13.16
N ALA A 50 33.01 -6.68 12.92
CA ALA A 50 31.73 -6.63 12.19
C ALA A 50 30.68 -5.81 12.94
N HIS A 51 30.63 -5.96 14.27
CA HIS A 51 29.63 -5.22 15.02
C HIS A 51 29.96 -3.74 15.04
N LEU A 52 31.25 -3.41 15.13
CA LEU A 52 31.66 -2.00 15.05
C LEU A 52 31.34 -1.43 13.68
N ASP A 53 31.55 -2.21 12.62
CA ASP A 53 31.18 -1.77 11.27
C ASP A 53 29.70 -1.38 11.23
N ARG A 54 28.83 -2.24 11.78
CA ARG A 54 27.40 -2.00 11.72
C ARG A 54 27.01 -0.80 12.56
N PHE A 55 27.61 -0.70 13.74
CA PHE A 55 27.40 0.46 14.61
C PHE A 55 27.69 1.75 13.86
N PHE A 56 28.84 1.80 13.20
CA PHE A 56 29.22 3.02 12.51
C PHE A 56 28.40 3.23 11.25
N ASP A 57 27.83 2.16 10.68
CA ASP A 57 26.82 2.34 9.64
C ASP A 57 25.59 3.07 10.20
N SER A 58 25.07 2.59 11.33
CA SER A 58 23.92 3.24 11.96
C SER A 58 24.23 4.69 12.30
N ILE A 59 25.43 4.94 12.82
CA ILE A 59 25.87 6.29 13.14
C ILE A 59 25.87 7.18 11.91
N GLN A 60 26.42 6.68 10.80
CA GLN A 60 26.47 7.45 9.57
C GLN A 60 25.07 7.78 9.08
N ALA A 61 24.16 6.80 9.09
CA ALA A 61 22.83 7.04 8.55
C ALA A 61 22.06 8.06 9.39
N ALA A 62 22.30 8.07 10.70
CA ALA A 62 21.60 8.97 11.61
C ALA A 62 22.37 10.26 11.85
N ARG A 63 23.47 10.49 11.12
N ARG A 63 23.47 10.48 11.14
CA ARG A 63 24.30 11.69 11.28
CA ARG A 63 24.29 11.69 11.30
C ARG A 63 24.73 11.88 12.75
C ARG A 63 24.74 11.87 12.75
N LEU A 64 25.07 10.77 13.41
CA LEU A 64 25.59 10.80 14.77
C LEU A 64 27.11 10.78 14.82
N ASN A 65 27.74 11.09 13.69
CA ASN A 65 29.20 11.09 13.63
C ASN A 65 29.74 12.02 14.70
N HIS A 66 30.75 11.55 15.43
CA HIS A 66 31.24 12.25 16.61
C HIS A 66 32.75 11.98 16.71
N ASP A 67 33.36 12.45 17.79
CA ASP A 67 34.82 12.42 17.83
C ASP A 67 35.36 11.06 18.23
N MET A 68 34.63 10.31 19.05
CA MET A 68 35.16 9.08 19.61
C MET A 68 35.47 8.09 18.51
N SER A 69 36.74 7.75 18.39
CA SER A 69 37.21 6.91 17.29
C SER A 69 36.68 5.49 17.40
N ARG A 70 36.75 4.78 16.28
CA ARG A 70 36.44 3.36 16.30
C ARG A 70 37.39 2.61 17.24
N ASP A 71 38.68 2.94 17.21
CA ASP A 71 39.63 2.32 18.13
C ASP A 71 39.28 2.63 19.57
N ALA A 72 38.83 3.86 19.84
CA ALA A 72 38.44 4.22 21.20
C ALA A 72 37.23 3.41 21.65
N TRP A 73 36.25 3.21 20.76
CA TRP A 73 35.11 2.38 21.11
C TRP A 73 35.54 0.94 21.36
N LYS A 74 36.40 0.41 20.49
CA LYS A 74 36.89 -0.96 20.68
C LYS A 74 37.56 -1.08 22.05
N GLU A 75 38.37 -0.09 22.41
CA GLU A 75 39.09 -0.13 23.70
C GLU A 75 38.11 -0.07 24.87
N ALA A 76 37.08 0.74 24.73
CA ALA A 76 36.09 0.86 25.80
C ALA A 76 35.28 -0.41 25.94
N ILE A 77 34.94 -1.05 24.82
CA ILE A 77 34.20 -2.31 24.87
C ILE A 77 35.00 -3.36 25.62
N ILE A 78 36.28 -3.53 25.26
CA ILE A 78 37.12 -4.53 25.91
C ILE A 78 37.31 -4.19 27.38
N GLU A 79 37.62 -2.92 27.67
CA GLU A 79 37.95 -2.54 29.05
C GLU A 79 36.72 -2.64 29.95
N THR A 80 35.54 -2.22 29.47
CA THR A 80 34.34 -2.37 30.30
C THR A 80 34.11 -3.83 30.62
N THR A 81 34.27 -4.72 29.63
CA THR A 81 34.08 -6.14 29.91
C THR A 81 35.06 -6.62 30.96
N ARG A 82 36.35 -6.25 30.83
CA ARG A 82 37.35 -6.69 31.80
C ARG A 82 37.07 -6.12 33.19
N ARG A 83 36.57 -4.87 33.26
CA ARG A 83 36.30 -4.28 34.57
C ARG A 83 35.18 -5.02 35.29
N ASN A 84 34.35 -5.74 34.56
CA ASN A 84 33.31 -6.56 35.18
C ASN A 84 33.75 -7.99 35.41
N GLY A 85 34.99 -8.32 35.08
CA GLY A 85 35.51 -9.65 35.39
C GLY A 85 34.75 -10.77 34.71
N LEU A 86 34.26 -10.53 33.49
CA LEU A 86 33.45 -11.50 32.75
C LEU A 86 34.24 -12.07 31.58
N ASP A 87 34.19 -13.39 31.44
CA ASP A 87 34.67 -14.05 30.22
C ASP A 87 33.54 -14.41 29.26
N ASP A 88 32.30 -14.50 29.75
CA ASP A 88 31.12 -14.67 28.93
C ASP A 88 30.25 -13.43 29.14
N ALA A 89 29.85 -12.75 28.06
CA ALA A 89 29.17 -11.48 28.26
C ALA A 89 28.29 -11.10 27.09
N SER A 90 27.33 -10.23 27.39
CA SER A 90 26.49 -9.53 26.43
C SER A 90 26.81 -8.05 26.58
N ILE A 91 27.36 -7.45 25.52
CA ILE A 91 28.01 -6.14 25.61
C ILE A 91 27.28 -5.15 24.69
N ARG A 92 26.61 -4.17 25.29
CA ARG A 92 25.83 -3.19 24.54
C ARG A 92 26.56 -1.86 24.51
N PHE A 93 26.72 -1.28 23.32
CA PHE A 93 27.36 0.02 23.18
C PHE A 93 26.40 0.95 22.46
N ILE A 94 26.27 2.17 23.01
CA ILE A 94 25.21 3.11 22.71
C ILE A 94 25.82 4.48 22.46
N VAL A 95 25.36 5.16 21.41
CA VAL A 95 25.63 6.58 21.29
C VAL A 95 24.31 7.31 21.08
N THR A 96 24.16 8.43 21.78
CA THR A 96 22.99 9.29 21.59
C THR A 96 23.42 10.69 21.22
N ARG A 97 22.44 11.48 20.75
CA ARG A 97 22.66 12.91 20.41
C ARG A 97 22.93 13.77 21.65
N GLY A 98 22.75 13.21 22.84
CA GLY A 98 23.17 13.88 24.04
C GLY A 98 22.25 14.99 24.52
N GLU A 99 22.80 15.83 25.43
CA GLU A 99 22.01 16.87 26.05
C GLU A 99 22.02 18.12 25.17
N PRO A 100 20.93 18.88 25.17
CA PRO A 100 20.85 20.06 24.31
C PRO A 100 22.12 20.90 24.37
N LYS A 101 22.60 21.27 23.19
CA LYS A 101 23.79 22.08 22.99
C LYS A 101 23.38 23.32 22.22
N GLY A 102 23.74 24.49 22.73
CA GLY A 102 23.19 25.70 22.18
C GLY A 102 21.74 25.90 22.64
N VAL A 103 21.13 26.94 22.07
CA VAL A 103 19.77 27.37 22.39
C VAL A 103 18.76 26.68 21.50
N VAL A 104 19.06 26.69 20.21
CA VAL A 104 18.26 26.01 19.20
C VAL A 104 18.88 24.64 19.00
N ALA A 105 18.09 23.60 19.23
CA ALA A 105 18.58 22.24 19.00
C ALA A 105 18.68 21.99 17.50
N ASP A 106 19.89 21.67 17.05
CA ASP A 106 20.20 21.40 15.65
C ASP A 106 20.90 20.05 15.66
N PRO A 107 20.31 18.99 15.13
CA PRO A 107 20.93 17.66 15.25
C PRO A 107 22.31 17.56 14.63
N ARG A 108 22.77 18.54 13.87
CA ARG A 108 24.13 18.51 13.33
C ARG A 108 25.17 19.00 14.31
N ASP A 109 24.76 19.61 15.42
CA ASP A 109 25.67 20.22 16.38
C ASP A 109 25.33 19.62 17.75
N PHE A 110 26.17 18.70 18.24
CA PHE A 110 25.82 17.98 19.45
C PHE A 110 27.06 17.43 20.13
N LYS A 111 26.90 17.16 21.43
CA LYS A 111 27.87 16.48 22.27
C LYS A 111 27.29 15.12 22.61
N PRO A 112 27.87 14.01 22.15
CA PRO A 112 27.19 12.72 22.32
C PRO A 112 27.29 12.17 23.73
N THR A 113 26.34 11.30 24.03
CA THR A 113 26.42 10.40 25.18
C THR A 113 26.88 9.04 24.67
N CYS A 114 27.98 8.52 25.24
CA CYS A 114 28.63 7.30 24.80
C CYS A 114 28.69 6.32 25.96
N ILE A 115 28.04 5.16 25.81
CA ILE A 115 27.86 4.21 26.90
C ILE A 115 28.26 2.82 26.44
N VAL A 116 28.93 2.07 27.34
CA VAL A 116 29.08 0.63 27.19
C VAL A 116 28.53 -0.03 28.45
N TRP A 117 27.56 -0.94 28.27
CA TRP A 117 26.93 -1.68 29.35
C TRP A 117 27.19 -3.17 29.14
N VAL A 118 27.79 -3.82 30.13
CA VAL A 118 28.17 -5.21 30.05
C VAL A 118 27.38 -6.02 31.08
N ALA A 119 26.80 -7.11 30.62
CA ALA A 119 26.03 -8.05 31.45
C ALA A 119 26.47 -9.45 31.12
N PRO A 120 26.11 -10.43 31.94
CA PRO A 120 26.44 -11.82 31.60
C PRO A 120 25.82 -12.22 30.27
N TYR A 121 26.42 -13.25 29.66
CA TYR A 121 25.87 -13.77 28.40
C TYR A 121 24.46 -14.29 28.64
N ILE A 122 23.53 -13.96 27.75
CA ILE A 122 22.13 -14.36 27.89
C ILE A 122 21.68 -15.13 26.66
N PHE A 123 20.85 -16.13 26.89
CA PHE A 123 20.08 -16.82 25.84
C PHE A 123 18.66 -16.25 25.80
N LEU A 124 17.97 -16.47 24.68
CA LEU A 124 16.61 -15.98 24.54
C LEU A 124 15.56 -16.98 25.00
N ALA A 125 15.95 -18.20 25.37
CA ALA A 125 15.01 -19.16 25.91
C ALA A 125 15.74 -20.02 26.92
N ASP A 126 14.96 -20.67 27.79
CA ASP A 126 15.55 -21.53 28.80
C ASP A 126 16.05 -22.82 28.15
N GLU A 127 16.68 -23.67 28.96
CA GLU A 127 17.36 -24.84 28.43
C GLU A 127 16.41 -25.83 27.76
N GLU A 128 15.24 -26.07 28.37
CA GLU A 128 14.29 -27.00 27.77
C GLU A 128 13.85 -26.51 26.40
N LYS A 129 13.62 -25.21 26.25
CA LYS A 129 13.13 -24.68 24.98
C LYS A 129 14.24 -24.59 23.95
N ARG A 130 15.48 -24.37 24.38
N ARG A 130 15.48 -24.35 24.38
CA ARG A 130 16.60 -24.50 23.45
CA ARG A 130 16.61 -24.50 23.47
C ARG A 130 16.70 -25.93 22.93
C ARG A 130 16.67 -25.92 22.92
N ARG A 131 16.40 -26.91 23.78
CA ARG A 131 16.49 -28.31 23.39
C ARG A 131 15.34 -28.73 22.51
N ASN A 132 14.13 -28.25 22.79
CA ASN A 132 12.93 -28.77 22.14
C ASN A 132 12.26 -27.79 21.20
N GLY A 133 12.68 -26.53 21.19
CA GLY A 133 12.12 -25.52 20.31
C GLY A 133 11.13 -24.61 21.02
N ILE A 134 11.03 -23.38 20.51
CA ILE A 134 10.11 -22.40 21.04
C ILE A 134 8.84 -22.36 20.19
N ARG A 135 7.84 -21.64 20.69
CA ARG A 135 6.58 -21.40 19.98
C ARG A 135 6.49 -19.92 19.64
N LEU A 136 6.38 -19.60 18.35
CA LEU A 136 6.27 -18.24 17.87
C LEU A 136 4.87 -17.98 17.33
N MET A 137 4.45 -16.74 17.43
CA MET A 137 3.27 -16.26 16.74
C MET A 137 3.70 -15.18 15.74
N ILE A 138 2.76 -14.81 14.88
CA ILE A 138 2.90 -13.67 13.98
C ILE A 138 2.13 -12.52 14.59
N SER A 139 2.80 -11.37 14.71
CA SER A 139 2.18 -10.19 15.32
C SER A 139 1.14 -9.55 14.41
N ALA A 140 0.18 -8.88 15.05
CA ALA A 140 -0.74 -8.01 14.34
C ALA A 140 -0.07 -6.72 13.91
N THR A 141 1.02 -6.36 14.57
CA THR A 141 1.81 -5.17 14.26
C THR A 141 2.84 -5.48 13.20
N ARG A 142 2.97 -4.60 12.22
CA ARG A 142 3.91 -4.77 11.13
C ARG A 142 5.24 -4.09 11.42
N GLY A 143 6.26 -4.51 10.67
CA GLY A 143 7.53 -3.83 10.72
C GLY A 143 7.41 -2.42 10.18
N PHE A 144 8.43 -1.64 10.48
CA PHE A 144 8.48 -0.27 9.97
C PHE A 144 8.79 -0.26 8.48
N PRO A 145 8.05 0.48 7.66
CA PRO A 145 8.46 0.66 6.26
C PRO A 145 9.82 1.35 6.17
N ALA A 146 10.53 1.08 5.07
CA ALA A 146 11.87 1.62 4.91
C ALA A 146 11.89 3.13 4.87
N ASP A 147 10.78 3.74 4.44
CA ASP A 147 10.67 5.19 4.38
C ASP A 147 9.99 5.79 5.61
N THR A 148 9.97 5.08 6.74
CA THR A 148 9.59 5.68 8.02
C THR A 148 10.79 5.70 8.95
N LEU A 149 11.04 4.59 9.65
CA LEU A 149 12.26 4.42 10.44
C LEU A 149 12.82 3.08 9.94
N ASP A 150 13.81 3.14 9.07
CA ASP A 150 14.25 1.93 8.36
C ASP A 150 14.58 0.80 9.34
N PRO A 151 14.07 -0.42 9.12
CA PRO A 151 14.52 -1.56 9.92
C PRO A 151 16.02 -1.78 10.00
N ARG A 152 16.81 -1.22 9.08
CA ARG A 152 18.26 -1.39 9.12
C ARG A 152 18.89 -0.69 10.31
N TYR A 153 18.19 0.26 10.91
N TYR A 153 18.19 0.26 10.91
CA TYR A 153 18.68 0.87 12.14
CA TYR A 153 18.68 0.90 12.12
C TYR A 153 18.61 -0.10 13.30
C TYR A 153 18.60 -0.07 13.31
N LYS A 154 19.69 -0.19 14.07
CA LYS A 154 19.63 -0.76 15.40
C LYS A 154 19.62 0.44 16.33
N CYS A 155 18.44 0.79 16.85
CA CYS A 155 18.30 2.08 17.53
C CYS A 155 17.39 1.94 18.74
N LEU A 156 17.31 3.04 19.50
CA LEU A 156 16.63 3.02 20.78
C LEU A 156 15.11 3.01 20.67
N ASP A 157 14.56 3.04 19.47
CA ASP A 157 13.15 3.33 19.26
C ASP A 157 12.40 2.02 19.12
N ARG A 158 12.11 1.39 20.27
CA ARG A 158 11.62 0.03 20.28
C ARG A 158 10.34 -0.15 21.10
N LEU A 159 9.57 0.93 21.32
CA LEU A 159 8.27 0.76 21.94
C LEU A 159 7.40 -0.21 21.13
N HIS A 160 7.48 -0.09 19.80
CA HIS A 160 6.87 -1.01 18.84
C HIS A 160 7.04 -2.46 19.26
N SER A 161 8.26 -2.89 19.51
CA SER A 161 8.44 -4.31 19.81
C SER A 161 8.20 -4.63 21.27
N GLN A 162 8.26 -3.63 22.17
CA GLN A 162 7.82 -3.86 23.53
C GLN A 162 6.33 -4.21 23.58
N LEU A 163 5.51 -3.51 22.79
CA LEU A 163 4.09 -3.80 22.73
C LEU A 163 3.81 -5.12 22.03
N ILE A 164 4.64 -5.49 21.05
CA ILE A 164 4.53 -6.81 20.46
C ILE A 164 4.82 -7.88 21.50
N ARG A 165 5.81 -7.64 22.37
CA ARG A 165 6.14 -8.59 23.42
C ARG A 165 4.98 -8.77 24.38
N LEU A 166 4.34 -7.67 24.77
CA LEU A 166 3.17 -7.78 25.63
C LEU A 166 2.10 -8.66 25.00
N GLU A 167 1.88 -8.48 23.70
CA GLU A 167 0.88 -9.25 22.98
C GLU A 167 1.25 -10.71 22.89
N ALA A 168 2.52 -11.01 22.65
CA ALA A 168 2.94 -12.40 22.60
C ALA A 168 2.77 -13.08 23.94
N LEU A 169 3.14 -12.39 25.04
CA LEU A 169 2.99 -12.99 26.36
C LEU A 169 1.53 -13.22 26.70
N GLU A 170 0.66 -12.26 26.36
CA GLU A 170 -0.75 -12.42 26.66
C GLU A 170 -1.35 -13.58 25.89
N ALA A 171 -0.82 -13.86 24.71
CA ALA A 171 -1.27 -14.94 23.83
C ALA A 171 -0.60 -16.26 24.15
N GLY A 172 0.32 -16.29 25.11
CA GLY A 172 0.91 -17.55 25.53
C GLY A 172 2.05 -18.07 24.67
N TYR A 173 2.67 -17.22 23.86
CA TYR A 173 3.78 -17.60 22.99
C TYR A 173 5.11 -17.12 23.56
N ASP A 174 6.21 -17.70 23.05
CA ASP A 174 7.54 -17.32 23.53
C ASP A 174 8.00 -16.01 22.94
N ASP A 175 7.57 -15.69 21.73
CA ASP A 175 8.00 -14.49 21.02
C ASP A 175 7.08 -14.36 19.83
N ALA A 176 7.20 -13.23 19.14
CA ALA A 176 6.42 -12.95 17.94
C ALA A 176 7.34 -12.44 16.84
N LEU A 177 7.14 -12.98 15.63
CA LEU A 177 7.67 -12.44 14.40
C LEU A 177 6.70 -11.40 13.86
N TRP A 178 7.22 -10.45 13.09
CA TRP A 178 6.35 -9.55 12.36
C TRP A 178 6.58 -9.66 10.86
N LEU A 179 5.54 -9.29 10.13
CA LEU A 179 5.54 -9.18 8.69
C LEU A 179 5.85 -7.75 8.28
N ASP A 180 6.27 -7.59 7.03
CA ASP A 180 6.27 -6.29 6.41
C ASP A 180 4.90 -6.01 5.82
N HIS A 181 4.75 -4.83 5.22
CA HIS A 181 3.42 -4.47 4.76
C HIS A 181 2.98 -5.20 3.51
N SER A 182 3.87 -5.92 2.83
CA SER A 182 3.47 -6.82 1.77
C SER A 182 3.10 -8.20 2.30
N GLY A 183 3.08 -8.36 3.62
CA GLY A 183 2.70 -9.62 4.21
C GLY A 183 3.76 -10.70 4.21
N HIS A 184 5.01 -10.34 3.98
CA HIS A 184 6.09 -11.31 4.03
C HIS A 184 6.79 -11.21 5.36
N VAL A 185 7.25 -12.38 5.84
CA VAL A 185 7.82 -12.47 7.17
C VAL A 185 9.15 -11.74 7.22
N SER A 186 9.37 -10.98 8.28
CA SER A 186 10.60 -10.20 8.42
C SER A 186 11.53 -10.80 9.50
N GLU A 187 11.21 -10.54 10.76
CA GLU A 187 12.12 -10.85 11.87
C GLU A 187 11.35 -10.71 13.17
N SER A 188 12.06 -10.89 14.29
CA SER A 188 11.57 -10.54 15.61
C SER A 188 12.43 -9.41 16.18
N ALA A 189 12.05 -8.94 17.37
CA ALA A 189 12.77 -7.80 17.95
C ALA A 189 14.23 -8.12 18.20
N ALA A 190 14.53 -9.37 18.55
CA ALA A 190 15.85 -9.79 18.94
C ALA A 190 16.56 -10.63 17.89
N SER A 191 15.86 -11.13 16.89
CA SER A 191 16.39 -12.23 16.10
C SER A 191 16.01 -12.10 14.64
N ASN A 192 16.80 -12.75 13.80
CA ASN A 192 16.42 -13.02 12.43
C ASN A 192 15.85 -14.43 12.33
N LEU A 193 15.20 -14.69 11.18
CA LEU A 193 14.46 -15.92 10.95
C LEU A 193 15.07 -16.73 9.81
N PHE A 194 15.23 -18.04 10.03
CA PHE A 194 15.62 -18.99 9.00
C PHE A 194 14.60 -20.13 8.90
N ILE A 195 14.37 -20.62 7.69
CA ILE A 195 13.63 -21.86 7.50
C ILE A 195 14.45 -22.78 6.60
N VAL A 196 14.12 -24.07 6.66
CA VAL A 196 14.70 -25.09 5.81
C VAL A 196 13.57 -25.74 5.02
N LYS A 197 13.74 -25.87 3.71
CA LYS A 197 12.80 -26.61 2.87
C LYS A 197 13.57 -27.43 1.85
N ASN A 198 13.39 -28.75 1.89
CA ASN A 198 14.02 -29.67 0.95
C ASN A 198 15.52 -29.44 0.87
N GLY A 199 16.15 -29.28 2.04
CA GLY A 199 17.60 -29.22 2.11
C GLY A 199 18.19 -27.88 1.79
N VAL A 200 17.38 -26.86 1.61
CA VAL A 200 17.83 -25.51 1.32
C VAL A 200 17.44 -24.58 2.46
N LEU A 201 18.37 -23.70 2.83
CA LEU A 201 18.17 -22.72 3.87
C LEU A 201 17.66 -21.43 3.25
N TYR A 202 16.58 -20.88 3.81
CA TYR A 202 16.00 -19.63 3.32
C TYR A 202 15.89 -18.62 4.45
N THR A 203 16.05 -17.34 4.13
CA THR A 203 15.90 -16.28 5.09
C THR A 203 15.39 -15.01 4.41
N PRO A 204 14.54 -14.23 5.08
CA PRO A 204 14.01 -13.00 4.48
C PRO A 204 15.10 -12.07 3.97
N SER A 205 14.81 -11.42 2.84
CA SER A 205 15.75 -10.57 2.14
C SER A 205 15.63 -9.09 2.48
N ALA A 206 14.45 -8.62 2.85
CA ALA A 206 14.21 -7.18 2.96
C ALA A 206 13.43 -6.87 4.23
N GLY A 207 13.49 -5.61 4.63
CA GLY A 207 12.67 -5.17 5.75
C GLY A 207 13.18 -5.62 7.09
N ILE A 208 14.48 -5.87 7.22
CA ILE A 208 15.06 -6.44 8.42
C ILE A 208 16.32 -5.67 8.85
N LEU A 209 16.67 -5.87 10.11
CA LEU A 209 18.03 -5.64 10.57
C LEU A 209 18.88 -6.79 10.05
N ARG A 210 19.99 -6.47 9.39
CA ARG A 210 20.89 -7.50 8.85
C ARG A 210 21.79 -7.99 9.98
N GLY A 211 21.34 -9.04 10.65
CA GLY A 211 22.01 -9.55 11.82
C GLY A 211 23.41 -10.06 11.49
N ILE A 212 24.29 -9.95 12.48
CA ILE A 212 25.63 -10.53 12.34
C ILE A 212 25.56 -12.05 12.51
N THR A 213 24.69 -12.51 13.41
CA THR A 213 24.48 -13.95 13.51
C THR A 213 23.94 -14.49 12.19
N ARG A 214 22.98 -13.78 11.60
CA ARG A 214 22.48 -14.13 10.28
C ARG A 214 23.60 -14.24 9.25
N ASP A 215 24.50 -13.24 9.20
CA ASP A 215 25.64 -13.29 8.31
C ASP A 215 26.44 -14.56 8.58
N THR A 216 26.66 -14.85 9.87
CA THR A 216 27.49 -15.99 10.25
C THR A 216 26.84 -17.31 9.84
N ILE A 217 25.53 -17.42 10.01
CA ILE A 217 24.78 -18.63 9.59
C ILE A 217 24.99 -18.86 8.10
N LEU A 218 24.88 -17.81 7.29
CA LEU A 218 25.07 -18.02 5.85
C LEU A 218 26.49 -18.44 5.54
N GLU A 219 27.48 -17.85 6.22
CA GLU A 219 28.87 -18.28 6.07
C GLU A 219 29.03 -19.74 6.47
N LEU A 220 28.42 -20.14 7.59
CA LEU A 220 28.55 -21.53 8.02
C LEU A 220 27.86 -22.49 7.07
N ALA A 221 26.70 -22.09 6.55
CA ALA A 221 26.02 -22.94 5.58
C ALA A 221 26.91 -23.21 4.39
N THR A 222 27.56 -22.18 3.86
CA THR A 222 28.45 -22.40 2.73
C THR A 222 29.58 -23.35 3.09
N GLU A 223 30.13 -23.21 4.30
CA GLU A 223 31.20 -24.11 4.73
C GLU A 223 30.72 -25.55 4.84
N LEU A 224 29.45 -25.76 5.20
CA LEU A 224 28.88 -27.09 5.32
C LEU A 224 28.25 -27.58 4.02
N ASP A 225 28.38 -26.81 2.94
CA ASP A 225 27.77 -27.11 1.65
C ASP A 225 26.26 -27.32 1.78
N ILE A 226 25.63 -26.47 2.57
CA ILE A 226 24.18 -26.36 2.63
C ILE A 226 23.79 -25.20 1.72
N PRO A 227 23.01 -25.42 0.67
CA PRO A 227 22.60 -24.30 -0.18
C PRO A 227 21.70 -23.34 0.59
N TRP A 228 21.83 -22.05 0.29
CA TRP A 228 20.99 -21.05 0.92
C TRP A 228 20.54 -19.99 -0.09
N LYS A 229 19.44 -19.32 0.27
CA LYS A 229 18.80 -18.30 -0.55
C LYS A 229 18.27 -17.22 0.37
N GLU A 230 18.51 -15.96 0.01
CA GLU A 230 17.78 -14.85 0.61
C GLU A 230 16.57 -14.60 -0.29
N ARG A 231 15.38 -14.62 0.29
CA ARG A 231 14.20 -14.41 -0.55
C ARG A 231 13.02 -13.99 0.31
N GLN A 232 11.99 -13.48 -0.35
CA GLN A 232 10.73 -13.20 0.33
C GLN A 232 10.04 -14.50 0.73
N LEU A 233 9.60 -14.57 1.98
CA LEU A 233 8.90 -15.71 2.56
C LEU A 233 7.61 -15.17 3.15
N SER A 234 6.51 -15.88 2.95
CA SER A 234 5.27 -15.59 3.66
C SER A 234 5.16 -16.54 4.86
N ALA A 235 4.18 -16.26 5.72
CA ALA A 235 3.93 -17.16 6.84
C ALA A 235 3.71 -18.59 6.35
N PHE A 236 2.99 -18.74 5.23
CA PHE A 236 2.78 -20.05 4.62
C PHE A 236 4.10 -20.82 4.50
N ASP A 237 5.14 -20.15 3.99
CA ASP A 237 6.45 -20.82 3.86
C ASP A 237 6.93 -21.35 5.19
N VAL A 238 6.72 -20.59 6.26
CA VAL A 238 7.19 -21.00 7.58
C VAL A 238 6.42 -22.21 8.06
N TYR A 239 5.09 -22.15 7.96
CA TYR A 239 4.25 -23.24 8.45
C TYR A 239 4.63 -24.58 7.81
N ILE A 240 4.99 -24.57 6.52
CA ILE A 240 5.21 -25.79 5.77
C ILE A 240 6.66 -26.19 5.72
N ALA A 241 7.55 -25.43 6.36
CA ALA A 241 8.97 -25.71 6.31
C ALA A 241 9.31 -27.04 6.97
N ASP A 242 10.45 -27.61 6.57
CA ASP A 242 10.97 -28.81 7.23
C ASP A 242 11.59 -28.47 8.58
N GLU A 243 12.13 -27.26 8.73
CA GLU A 243 12.80 -26.81 9.94
C GLU A 243 12.65 -25.31 10.02
N VAL A 244 12.64 -24.78 11.25
CA VAL A 244 12.58 -23.34 11.49
C VAL A 244 13.47 -23.01 12.68
N PHE A 245 14.25 -21.94 12.57
CA PHE A 245 14.97 -21.46 13.73
C PHE A 245 15.16 -19.96 13.61
N THR A 246 15.34 -19.33 14.77
CA THR A 246 15.72 -17.92 14.82
C THR A 246 17.20 -17.83 15.23
N CYS A 247 17.78 -16.65 15.09
CA CYS A 247 19.17 -16.47 15.48
C CYS A 247 19.39 -15.05 15.97
N SER A 248 20.32 -14.94 16.91
CA SER A 248 20.63 -13.69 17.61
C SER A 248 21.99 -13.80 18.27
N THR A 249 22.64 -12.65 18.44
CA THR A 249 23.79 -12.61 19.33
C THR A 249 23.42 -13.12 20.72
N ALA A 250 22.16 -12.95 21.14
CA ALA A 250 21.66 -13.52 22.39
C ALA A 250 21.31 -14.97 22.12
N GLY A 251 22.30 -15.85 22.21
CA GLY A 251 22.05 -17.28 22.23
C GLY A 251 22.36 -18.04 20.96
N GLY A 252 22.72 -17.36 19.87
CA GLY A 252 22.95 -18.08 18.62
C GLY A 252 21.65 -18.56 18.01
N ALA A 253 21.69 -19.76 17.43
CA ALA A 253 20.52 -20.36 16.79
C ALA A 253 19.59 -20.96 17.83
N LEU A 254 18.29 -20.76 17.62
CA LEU A 254 17.24 -21.21 18.55
C LEU A 254 16.15 -21.93 17.76
N PRO A 255 15.95 -23.24 17.97
CA PRO A 255 14.97 -23.96 17.16
C PRO A 255 13.55 -23.52 17.49
N VAL A 256 12.69 -23.63 16.47
CA VAL A 256 11.28 -23.27 16.54
C VAL A 256 10.46 -24.52 16.26
N ARG A 257 9.59 -24.90 17.19
CA ARG A 257 8.80 -26.13 17.01
C ARG A 257 7.38 -25.82 16.55
N GLU A 258 6.94 -24.58 16.65
CA GLU A 258 5.57 -24.26 16.28
C GLU A 258 5.47 -22.79 15.94
N VAL A 259 4.68 -22.47 14.92
CA VAL A 259 4.37 -21.07 14.59
C VAL A 259 2.87 -20.95 14.41
N ALA A 260 2.24 -20.13 15.25
CA ALA A 260 0.83 -19.77 15.11
C ALA A 260 -0.08 -20.99 15.02
N GLY A 261 0.18 -21.96 15.88
CA GLY A 261 -0.61 -23.17 15.93
C GLY A 261 -0.26 -24.23 14.92
N ARG A 262 0.69 -23.98 14.03
CA ARG A 262 1.16 -24.99 13.08
C ARG A 262 2.44 -25.58 13.65
N THR A 263 2.39 -26.87 14.03
CA THR A 263 3.58 -27.55 14.51
C THR A 263 4.47 -27.87 13.31
N ILE A 264 5.73 -27.44 13.39
CA ILE A 264 6.66 -27.64 12.28
C ILE A 264 6.88 -29.14 12.15
N ARG A 265 6.74 -29.65 10.93
CA ARG A 265 6.82 -31.09 10.73
C ARG A 265 8.24 -31.60 10.92
N GLY A 266 8.34 -32.88 11.27
CA GLY A 266 9.61 -33.49 11.57
C GLY A 266 10.01 -33.28 13.01
N THR A 267 11.26 -33.66 13.30
CA THR A 267 11.80 -33.52 14.64
C THR A 267 12.43 -32.15 14.80
N THR A 268 12.17 -31.51 15.95
CA THR A 268 12.76 -30.22 16.28
C THR A 268 13.72 -30.44 17.44
N PRO A 269 15.01 -30.08 17.32
CA PRO A 269 15.61 -29.45 16.15
C PRO A 269 15.90 -30.39 15.00
N GLY A 270 15.74 -29.88 13.78
CA GLY A 270 16.01 -30.63 12.59
C GLY A 270 17.50 -30.76 12.33
N PRO A 271 17.84 -31.58 11.34
CA PRO A 271 19.26 -31.90 11.13
C PRO A 271 20.08 -30.72 10.63
N ILE A 272 19.51 -29.86 9.78
CA ILE A 272 20.27 -28.71 9.33
C ILE A 272 20.41 -27.67 10.44
N THR A 273 19.34 -27.47 11.22
CA THR A 273 19.42 -26.60 12.39
C THR A 273 20.55 -27.05 13.31
N GLN A 274 20.61 -28.35 13.61
CA GLN A 274 21.64 -28.88 14.49
C GLN A 274 23.03 -28.69 13.90
N ALA A 275 23.18 -28.96 12.60
CA ALA A 275 24.49 -28.85 11.97
C ALA A 275 25.00 -27.42 12.01
N ILE A 276 24.12 -26.44 11.75
CA ILE A 276 24.52 -25.04 11.78
C ILE A 276 24.81 -24.61 13.22
N ASP A 277 23.92 -24.94 14.16
CA ASP A 277 24.14 -24.60 15.57
C ASP A 277 25.46 -25.18 16.05
N ASN A 278 25.71 -26.46 15.79
CA ASN A 278 26.97 -27.06 16.20
C ASN A 278 28.17 -26.33 15.60
N ALA A 279 28.06 -25.96 14.31
CA ALA A 279 29.18 -25.32 13.63
C ALA A 279 29.41 -23.90 14.15
N TYR A 280 28.34 -23.22 14.54
CA TYR A 280 28.47 -21.91 15.16
C TYR A 280 29.30 -21.99 16.44
N TRP A 281 28.91 -22.87 17.37
CA TRP A 281 29.62 -22.96 18.63
C TRP A 281 31.01 -23.55 18.45
N ALA A 282 31.19 -24.48 17.53
CA ALA A 282 32.53 -24.92 17.18
C ALA A 282 33.37 -23.73 16.73
N MET A 283 32.82 -22.88 15.85
CA MET A 283 33.57 -21.73 15.37
C MET A 283 34.02 -20.84 16.52
N ARG A 284 33.18 -20.71 17.55
CA ARG A 284 33.49 -19.78 18.63
C ARG A 284 34.43 -20.35 19.66
N GLU A 285 34.60 -21.67 19.71
CA GLU A 285 35.65 -22.24 20.54
C GLU A 285 37.01 -22.19 19.86
N THR A 286 37.07 -21.62 18.66
CA THR A 286 38.33 -21.30 17.99
C THR A 286 38.62 -19.81 18.14
N ASP A 287 39.69 -19.37 17.49
CA ASP A 287 40.04 -17.95 17.49
C ASP A 287 39.56 -17.24 16.23
N ARG A 288 38.68 -17.87 15.45
CA ARG A 288 38.11 -17.24 14.28
C ARG A 288 37.27 -16.05 14.72
N TYR A 289 37.56 -14.89 14.14
CA TYR A 289 36.86 -13.64 14.47
C TYR A 289 36.93 -13.33 15.95
N ALA A 290 37.97 -13.80 16.63
CA ALA A 290 38.11 -13.62 18.07
C ALA A 290 38.98 -12.43 18.43
N THR A 291 38.49 -11.63 19.37
CA THR A 291 39.28 -10.61 20.05
C THR A 291 39.44 -11.06 21.48
N PRO A 292 40.62 -11.48 21.93
CA PRO A 292 40.74 -11.98 23.31
C PRO A 292 40.65 -10.84 24.32
N LEU A 293 39.90 -11.08 25.41
CA LEU A 293 39.85 -10.12 26.50
C LEU A 293 41.22 -10.01 27.16
N SER A 294 41.96 -11.12 27.10
CA SER A 294 43.37 -11.21 27.49
C SER A 294 44.25 -10.17 26.86
N GLY A 295 43.99 -9.83 25.60
CA GLY A 295 45.00 -9.22 24.76
C GLY A 295 45.94 -10.20 24.08
N SER A 296 45.91 -11.49 24.44
CA SER A 296 46.86 -12.47 23.89
C SER A 296 46.19 -13.48 22.97
N SER B 2 -39.32 -36.26 15.06
CA SER B 2 -37.97 -35.96 14.58
C SER B 2 -37.47 -34.65 15.17
N ASP B 3 -36.22 -34.61 15.60
CA ASP B 3 -35.56 -33.33 15.79
C ASP B 3 -34.55 -33.05 14.68
N GLU B 4 -34.54 -33.88 13.64
CA GLU B 4 -33.66 -33.65 12.51
C GLU B 4 -34.04 -32.35 11.80
N PRO B 5 -33.09 -31.49 11.46
CA PRO B 5 -33.44 -30.24 10.78
C PRO B 5 -34.05 -30.51 9.41
N ILE B 6 -34.98 -29.65 9.04
CA ILE B 6 -35.61 -29.67 7.71
C ILE B 6 -35.06 -28.51 6.92
N ILE B 7 -34.53 -28.78 5.75
CA ILE B 7 -33.96 -27.70 4.96
C ILE B 7 -34.66 -27.60 3.61
N TYR B 8 -34.71 -26.37 3.12
CA TYR B 8 -35.15 -26.09 1.77
C TYR B 8 -33.97 -26.25 0.83
N ILE B 9 -34.14 -27.03 -0.22
CA ILE B 9 -33.08 -27.18 -1.21
C ILE B 9 -33.70 -27.36 -2.58
N ASN B 10 -33.49 -26.36 -3.44
CA ASN B 10 -33.97 -26.37 -4.82
C ASN B 10 -35.46 -26.75 -4.90
N GLY B 11 -36.25 -26.16 -3.99
CA GLY B 11 -37.69 -26.30 -4.03
C GLY B 11 -38.26 -27.42 -3.19
N ASP B 12 -37.43 -28.34 -2.72
CA ASP B 12 -37.88 -29.44 -1.88
C ASP B 12 -37.58 -29.12 -0.43
N TYR B 13 -38.41 -29.64 0.48
CA TYR B 13 -38.14 -29.60 1.91
C TYR B 13 -37.75 -31.02 2.32
N LEU B 14 -36.49 -31.19 2.73
CA LEU B 14 -35.94 -32.51 3.03
C LEU B 14 -35.24 -32.50 4.39
N PRO B 15 -35.29 -33.63 5.11
CA PRO B 15 -34.42 -33.78 6.28
C PRO B 15 -32.96 -33.56 5.88
N LEU B 16 -32.20 -32.91 6.77
CA LEU B 16 -30.82 -32.58 6.45
C LEU B 16 -30.04 -33.80 5.97
N SER B 17 -30.26 -34.96 6.58
CA SER B 17 -29.55 -36.16 6.18
C SER B 17 -29.83 -36.57 4.74
N GLN B 18 -30.98 -36.16 4.20
CA GLN B 18 -31.33 -36.50 2.81
C GLN B 18 -30.95 -35.40 1.83
N ALA B 19 -30.82 -34.17 2.29
CA ALA B 19 -30.46 -33.06 1.42
C ALA B 19 -29.04 -33.22 0.92
N ARG B 20 -28.83 -32.95 -0.37
CA ARG B 20 -27.55 -33.23 -1.01
C ARG B 20 -27.06 -32.02 -1.79
N VAL B 21 -25.82 -31.64 -1.53
CA VAL B 21 -25.05 -30.78 -2.43
C VAL B 21 -24.14 -31.68 -3.25
N SER B 22 -24.09 -31.45 -4.56
CA SER B 22 -23.23 -32.27 -5.40
C SER B 22 -21.77 -31.96 -5.13
N PRO B 23 -20.89 -32.97 -5.16
CA PRO B 23 -19.46 -32.69 -5.02
C PRO B 23 -18.91 -31.80 -6.12
N VAL B 24 -19.59 -31.66 -7.26
CA VAL B 24 -19.11 -30.76 -8.31
C VAL B 24 -19.90 -29.46 -8.36
N ASP B 25 -20.71 -29.18 -7.33
CA ASP B 25 -21.33 -27.87 -7.19
C ASP B 25 -20.25 -26.81 -7.11
N GLN B 26 -20.40 -25.75 -7.90
CA GLN B 26 -19.39 -24.70 -7.89
C GLN B 26 -19.38 -23.92 -6.59
N GLY B 27 -20.48 -23.91 -5.81
CA GLY B 27 -20.40 -23.39 -4.46
C GLY B 27 -19.44 -24.17 -3.58
N PHE B 28 -19.31 -25.48 -3.83
CA PHE B 28 -18.41 -26.31 -3.06
C PHE B 28 -17.00 -26.24 -3.61
N LEU B 29 -16.83 -26.43 -4.92
CA LEU B 29 -15.49 -26.55 -5.48
C LEU B 29 -14.79 -25.19 -5.55
N LEU B 30 -15.55 -24.12 -5.73
CA LEU B 30 -14.98 -22.83 -6.04
C LEU B 30 -15.47 -21.72 -5.14
N GLY B 31 -16.29 -22.03 -4.12
CA GLY B 31 -16.82 -20.97 -3.27
C GLY B 31 -17.68 -19.98 -4.02
N ASP B 32 -18.32 -20.43 -5.10
CA ASP B 32 -19.08 -19.55 -5.98
C ASP B 32 -20.51 -19.47 -5.48
N GLY B 33 -20.70 -18.68 -4.45
CA GLY B 33 -22.01 -18.52 -3.84
C GLY B 33 -21.99 -17.39 -2.83
N VAL B 34 -23.19 -16.89 -2.55
CA VAL B 34 -23.36 -15.83 -1.54
C VAL B 34 -24.46 -16.30 -0.60
N PHE B 35 -24.51 -15.67 0.57
CA PHE B 35 -25.48 -16.07 1.57
C PHE B 35 -25.83 -14.89 2.45
N ASP B 36 -26.88 -15.07 3.23
CA ASP B 36 -27.24 -14.12 4.27
C ASP B 36 -27.83 -14.91 5.43
N VAL B 37 -27.99 -14.24 6.56
CA VAL B 37 -28.56 -14.86 7.76
C VAL B 37 -29.49 -13.86 8.41
N VAL B 38 -30.72 -14.27 8.68
CA VAL B 38 -31.71 -13.48 9.38
C VAL B 38 -32.15 -14.30 10.59
N SER B 39 -32.65 -13.60 11.61
CA SER B 39 -33.06 -14.25 12.85
C SER B 39 -34.55 -14.08 13.10
N ALA B 40 -35.11 -15.04 13.83
CA ALA B 40 -36.44 -14.98 14.40
C ALA B 40 -36.35 -14.97 15.92
N TRP B 41 -37.24 -14.21 16.55
CA TRP B 41 -37.33 -14.13 18.01
C TRP B 41 -38.81 -14.08 18.39
N LYS B 42 -39.23 -15.06 19.19
CA LYS B 42 -40.60 -15.13 19.70
C LYS B 42 -41.63 -15.03 18.57
N GLY B 43 -41.34 -15.69 17.45
CA GLY B 43 -42.34 -15.86 16.42
C GLY B 43 -42.30 -14.81 15.35
N ASN B 44 -41.37 -13.86 15.43
CA ASN B 44 -41.21 -12.85 14.41
C ASN B 44 -39.81 -12.92 13.82
N ILE B 45 -39.73 -12.89 12.48
CA ILE B 45 -38.45 -12.64 11.82
C ILE B 45 -38.18 -11.14 11.87
N PHE B 46 -36.93 -10.77 12.14
CA PHE B 46 -36.55 -9.37 12.28
C PHE B 46 -35.74 -8.90 11.08
N LYS B 47 -36.21 -7.82 10.45
CA LYS B 47 -35.54 -7.16 9.32
C LYS B 47 -35.34 -8.11 8.14
N LEU B 48 -36.34 -8.94 7.88
CA LEU B 48 -36.28 -9.84 6.72
C LEU B 48 -36.10 -9.06 5.43
N ASP B 49 -36.83 -7.96 5.26
CA ASP B 49 -36.73 -7.21 4.01
C ASP B 49 -35.32 -6.64 3.83
N ALA B 50 -34.70 -6.13 4.90
CA ALA B 50 -33.35 -5.61 4.77
C ALA B 50 -32.34 -6.70 4.44
N HIS B 51 -32.50 -7.89 5.06
CA HIS B 51 -31.60 -8.99 4.77
C HIS B 51 -31.80 -9.48 3.33
N LEU B 52 -33.05 -9.56 2.86
CA LEU B 52 -33.25 -9.94 1.47
C LEU B 52 -32.63 -8.92 0.52
N ASP B 53 -32.79 -7.62 0.82
CA ASP B 53 -32.17 -6.60 -0.02
C ASP B 53 -30.65 -6.79 -0.07
N ARG B 54 -30.02 -7.07 1.07
CA ARG B 54 -28.58 -7.26 1.08
C ARG B 54 -28.20 -8.53 0.31
N PHE B 55 -28.93 -9.62 0.51
CA PHE B 55 -28.73 -10.84 -0.26
C PHE B 55 -28.77 -10.56 -1.75
N PHE B 56 -29.78 -9.81 -2.20
CA PHE B 56 -29.90 -9.55 -3.63
C PHE B 56 -28.85 -8.55 -4.10
N ASP B 57 -28.29 -7.73 -3.19
CA ASP B 57 -27.13 -6.91 -3.53
C ASP B 57 -25.94 -7.81 -3.86
N SER B 58 -25.65 -8.77 -2.97
CA SER B 58 -24.56 -9.70 -3.18
C SER B 58 -24.76 -10.48 -4.48
N ILE B 59 -26.01 -10.89 -4.73
CA ILE B 59 -26.34 -11.62 -5.96
C ILE B 59 -26.03 -10.77 -7.19
N GLN B 60 -26.51 -9.53 -7.18
CA GLN B 60 -26.25 -8.60 -8.28
C GLN B 60 -24.74 -8.44 -8.53
N ALA B 61 -23.97 -8.23 -7.46
CA ALA B 61 -22.55 -7.96 -7.65
C ALA B 61 -21.82 -9.20 -8.16
N ALA B 62 -22.27 -10.39 -7.77
CA ALA B 62 -21.66 -11.64 -8.19
C ALA B 62 -22.29 -12.22 -9.46
N ARG B 63 -23.21 -11.49 -10.11
CA ARG B 63 -23.87 -11.98 -11.32
C ARG B 63 -24.53 -13.34 -11.08
N LEU B 64 -25.13 -13.51 -9.91
CA LEU B 64 -25.84 -14.73 -9.57
C LEU B 64 -27.35 -14.59 -9.78
N ASN B 65 -27.77 -13.60 -10.54
CA ASN B 65 -29.20 -13.41 -10.80
C ASN B 65 -29.80 -14.70 -11.32
N HIS B 66 -30.97 -15.05 -10.81
CA HIS B 66 -31.60 -16.33 -11.11
C HIS B 66 -33.10 -16.10 -11.09
N ASP B 67 -33.87 -17.17 -11.25
CA ASP B 67 -35.30 -17.01 -11.49
C ASP B 67 -36.13 -16.94 -10.21
N MET B 68 -35.57 -17.27 -9.06
CA MET B 68 -36.33 -17.23 -7.83
C MET B 68 -36.45 -15.78 -7.37
N SER B 69 -37.67 -15.28 -7.28
CA SER B 69 -37.86 -13.89 -6.91
C SER B 69 -37.61 -13.66 -5.42
N ARG B 70 -37.52 -12.38 -5.07
N ARG B 70 -37.53 -12.38 -5.07
CA ARG B 70 -37.32 -11.98 -3.69
CA ARG B 70 -37.33 -11.99 -3.69
C ARG B 70 -38.44 -12.52 -2.79
C ARG B 70 -38.44 -12.52 -2.78
N ASP B 71 -39.68 -12.50 -3.27
CA ASP B 71 -40.80 -12.98 -2.47
C ASP B 71 -40.89 -14.49 -2.46
N ALA B 72 -40.33 -15.17 -3.46
CA ALA B 72 -40.18 -16.62 -3.37
C ALA B 72 -39.16 -16.98 -2.31
N TRP B 73 -38.07 -16.23 -2.22
CA TRP B 73 -37.11 -16.47 -1.15
C TRP B 73 -37.75 -16.21 0.21
N LYS B 74 -38.52 -15.11 0.33
CA LYS B 74 -39.22 -14.83 1.58
C LYS B 74 -40.11 -16.00 1.97
N GLU B 75 -40.92 -16.49 1.02
CA GLU B 75 -41.82 -17.60 1.31
C GLU B 75 -41.03 -18.85 1.72
N ALA B 76 -39.91 -19.12 1.04
CA ALA B 76 -39.10 -20.29 1.40
C ALA B 76 -38.50 -20.13 2.79
N ILE B 77 -38.11 -18.91 3.15
CA ILE B 77 -37.54 -18.66 4.47
C ILE B 77 -38.59 -18.89 5.54
N ILE B 78 -39.78 -18.32 5.35
CA ILE B 78 -40.85 -18.50 6.33
C ILE B 78 -41.24 -19.96 6.43
N GLU B 79 -41.42 -20.63 5.30
CA GLU B 79 -41.94 -21.98 5.36
C GLU B 79 -40.92 -22.94 5.95
N THR B 80 -39.63 -22.76 5.63
CA THR B 80 -38.63 -23.63 6.24
C THR B 80 -38.61 -23.43 7.75
N THR B 81 -38.71 -22.19 8.20
CA THR B 81 -38.75 -21.94 9.63
C THR B 81 -39.95 -22.64 10.26
N ARG B 82 -41.12 -22.51 9.63
N ARG B 82 -41.12 -22.50 9.62
CA ARG B 82 -42.30 -23.15 10.15
CA ARG B 82 -42.33 -23.14 10.14
C ARG B 82 -42.13 -24.65 10.27
C ARG B 82 -42.17 -24.65 10.26
N ARG B 83 -41.55 -25.27 9.25
CA ARG B 83 -41.40 -26.72 9.24
C ARG B 83 -40.42 -27.22 10.29
N ASN B 84 -39.53 -26.37 10.77
CA ASN B 84 -38.64 -26.76 11.85
C ASN B 84 -39.23 -26.49 13.22
N GLY B 85 -40.40 -25.85 13.29
CA GLY B 85 -41.11 -25.72 14.55
C GLY B 85 -40.49 -24.73 15.51
N LEU B 86 -39.71 -23.78 14.99
CA LEU B 86 -38.99 -22.84 15.84
C LEU B 86 -39.66 -21.47 15.79
N ASP B 87 -39.76 -20.84 16.97
CA ASP B 87 -40.11 -19.42 17.03
C ASP B 87 -38.90 -18.54 17.29
N ASP B 88 -37.80 -19.12 17.78
CA ASP B 88 -36.51 -18.45 17.91
C ASP B 88 -35.56 -19.16 16.95
N ALA B 89 -34.96 -18.43 16.01
CA ALA B 89 -34.19 -19.13 14.99
C ALA B 89 -33.09 -18.30 14.35
N SER B 90 -32.11 -19.04 13.82
CA SER B 90 -31.04 -18.50 12.99
C SER B 90 -31.20 -19.12 11.62
N ILE B 91 -31.45 -18.27 10.61
CA ILE B 91 -31.94 -18.70 9.30
C ILE B 91 -30.93 -18.30 8.23
N ARG B 92 -30.26 -19.28 7.63
CA ARG B 92 -29.23 -19.02 6.65
C ARG B 92 -29.80 -19.35 5.28
N PHE B 93 -29.71 -18.41 4.34
CA PHE B 93 -30.15 -18.67 2.98
C PHE B 93 -29.02 -18.41 2.00
N ILE B 94 -28.87 -19.33 1.04
CA ILE B 94 -27.66 -19.49 0.24
C ILE B 94 -28.04 -19.71 -1.22
N VAL B 95 -27.33 -19.04 -2.12
CA VAL B 95 -27.44 -19.35 -3.54
C VAL B 95 -26.03 -19.55 -4.10
N THR B 96 -25.85 -20.59 -4.91
CA THR B 96 -24.58 -20.84 -5.57
C THR B 96 -24.78 -20.94 -7.08
N ARG B 97 -23.65 -20.88 -7.79
CA ARG B 97 -23.70 -21.01 -9.24
C ARG B 97 -24.04 -22.44 -9.68
N GLY B 98 -24.13 -23.38 -8.74
CA GLY B 98 -24.67 -24.68 -9.03
C GLY B 98 -23.71 -25.60 -9.77
N GLU B 99 -24.29 -26.66 -10.34
CA GLU B 99 -23.50 -27.64 -11.08
C GLU B 99 -23.31 -27.18 -12.52
N PRO B 100 -22.11 -27.35 -13.08
CA PRO B 100 -21.86 -26.81 -14.42
C PRO B 100 -22.88 -27.25 -15.45
N LYS B 101 -23.24 -26.30 -16.30
CA LYS B 101 -24.26 -26.41 -17.33
C LYS B 101 -23.55 -26.34 -18.67
N GLY B 102 -23.68 -27.38 -19.47
CA GLY B 102 -23.03 -27.42 -20.77
C GLY B 102 -21.58 -27.87 -20.70
N VAL B 103 -20.98 -27.95 -21.89
CA VAL B 103 -19.61 -28.45 -22.04
C VAL B 103 -18.62 -27.50 -21.36
N VAL B 104 -18.74 -26.21 -21.68
CA VAL B 104 -17.78 -25.21 -21.22
C VAL B 104 -18.50 -24.29 -20.24
N ALA B 105 -17.92 -24.17 -19.05
CA ALA B 105 -18.55 -23.44 -17.95
C ALA B 105 -18.49 -21.95 -18.21
N ASP B 106 -19.65 -21.36 -18.48
CA ASP B 106 -19.81 -19.91 -18.59
C ASP B 106 -20.58 -19.45 -17.37
N PRO B 107 -19.97 -18.72 -16.43
CA PRO B 107 -20.71 -18.34 -15.22
C PRO B 107 -21.91 -17.44 -15.48
N ARG B 108 -22.12 -16.99 -16.73
CA ARG B 108 -23.32 -16.24 -17.06
C ARG B 108 -24.51 -17.14 -17.32
N ASP B 109 -24.28 -18.43 -17.53
CA ASP B 109 -25.31 -19.40 -17.89
C ASP B 109 -25.25 -20.53 -16.86
N PHE B 110 -26.21 -20.54 -15.93
CA PHE B 110 -26.12 -21.50 -14.83
C PHE B 110 -27.51 -21.81 -14.27
N LYS B 111 -27.58 -22.92 -13.54
CA LYS B 111 -28.76 -23.34 -12.80
C LYS B 111 -28.39 -23.25 -11.34
N PRO B 112 -29.01 -22.37 -10.55
CA PRO B 112 -28.53 -22.16 -9.18
C PRO B 112 -28.86 -23.30 -8.25
N THR B 113 -28.04 -23.40 -7.19
CA THR B 113 -28.39 -24.16 -6.00
C THR B 113 -28.94 -23.18 -4.98
N CYS B 114 -30.16 -23.43 -4.48
CA CYS B 114 -30.80 -22.53 -3.54
C CYS B 114 -31.17 -23.28 -2.28
N ILE B 115 -30.69 -22.79 -1.13
CA ILE B 115 -30.84 -23.51 0.13
C ILE B 115 -31.29 -22.56 1.24
N VAL B 116 -32.16 -23.05 2.12
CA VAL B 116 -32.45 -22.40 3.40
C VAL B 116 -32.20 -23.40 4.50
N TRP B 117 -31.33 -23.04 5.45
CA TRP B 117 -30.99 -23.87 6.59
C TRP B 117 -31.38 -23.10 7.85
N VAL B 118 -32.28 -23.69 8.64
CA VAL B 118 -32.81 -23.05 9.84
C VAL B 118 -32.36 -23.82 11.07
N ALA B 119 -31.83 -23.10 12.05
CA ALA B 119 -31.37 -23.69 13.29
C ALA B 119 -31.84 -22.85 14.47
N PRO B 120 -31.76 -23.35 15.70
CA PRO B 120 -32.11 -22.52 16.86
C PRO B 120 -31.30 -21.23 16.90
N TYR B 121 -31.90 -20.21 17.52
CA TYR B 121 -31.21 -18.93 17.69
C TYR B 121 -29.90 -19.15 18.44
N ILE B 122 -28.85 -18.48 18.01
CA ILE B 122 -27.53 -18.65 18.63
C ILE B 122 -26.95 -17.28 19.01
N PHE B 123 -26.25 -17.26 20.15
CA PHE B 123 -25.42 -16.16 20.57
C PHE B 123 -23.97 -16.51 20.24
N LEU B 124 -23.13 -15.49 20.15
CA LEU B 124 -21.71 -15.71 19.87
C LEU B 124 -20.89 -15.99 21.12
N ALA B 125 -21.48 -15.85 22.30
CA ALA B 125 -20.77 -16.10 23.54
C ALA B 125 -21.77 -16.61 24.55
N ASP B 126 -21.28 -17.42 25.49
CA ASP B 126 -22.13 -17.94 26.54
C ASP B 126 -22.56 -16.80 27.47
N GLU B 127 -23.54 -17.10 28.31
CA GLU B 127 -24.21 -16.07 29.09
C GLU B 127 -23.26 -15.36 30.04
N GLU B 128 -22.25 -16.06 30.57
CA GLU B 128 -21.33 -15.39 31.49
C GLU B 128 -20.46 -14.38 30.75
N LYS B 129 -19.99 -14.75 29.57
CA LYS B 129 -19.20 -13.82 28.76
C LYS B 129 -20.04 -12.67 28.25
N ARG B 130 -21.32 -12.90 27.96
CA ARG B 130 -22.19 -11.79 27.59
C ARG B 130 -22.37 -10.83 28.75
N ARG B 131 -22.40 -11.36 30.00
CA ARG B 131 -22.62 -10.49 31.15
C ARG B 131 -21.37 -9.72 31.53
N ASN B 132 -20.19 -10.30 31.39
CA ASN B 132 -18.96 -9.64 31.82
C ASN B 132 -18.15 -9.05 30.68
N GLY B 133 -18.44 -9.43 29.44
CA GLY B 133 -17.69 -8.98 28.29
C GLY B 133 -16.67 -10.01 27.85
N ILE B 134 -16.41 -10.03 26.55
CA ILE B 134 -15.48 -10.98 25.93
C ILE B 134 -14.10 -10.35 25.81
N ARG B 135 -13.13 -11.19 25.46
CA ARG B 135 -11.75 -10.78 25.22
C ARG B 135 -11.43 -10.96 23.74
N LEU B 136 -11.07 -9.86 23.09
CA LEU B 136 -10.75 -9.85 21.66
C LEU B 136 -9.24 -9.63 21.47
N MET B 137 -8.71 -10.23 20.42
CA MET B 137 -7.39 -9.87 19.92
C MET B 137 -7.51 -9.25 18.54
N ILE B 138 -6.40 -8.69 18.09
CA ILE B 138 -6.26 -8.24 16.72
C ILE B 138 -5.51 -9.31 15.95
N SER B 139 -6.06 -9.72 14.82
CA SER B 139 -5.43 -10.75 14.02
C SER B 139 -4.19 -10.26 13.30
N ALA B 140 -3.29 -11.20 13.00
CA ALA B 140 -2.16 -10.92 12.12
C ALA B 140 -2.58 -10.88 10.65
N THR B 141 -3.70 -11.53 10.33
CA THR B 141 -4.28 -11.56 8.99
C THR B 141 -5.13 -10.33 8.79
N ARG B 142 -5.00 -9.70 7.64
CA ARG B 142 -5.76 -8.50 7.32
C ARG B 142 -7.04 -8.84 6.57
N GLY B 143 -7.97 -7.91 6.57
CA GLY B 143 -9.13 -8.04 5.71
C GLY B 143 -8.77 -7.99 4.24
N PHE B 144 -9.74 -8.43 3.42
CA PHE B 144 -9.57 -8.40 1.99
C PHE B 144 -9.61 -6.96 1.46
N PRO B 145 -8.65 -6.56 0.64
CA PRO B 145 -8.80 -5.28 -0.07
C PRO B 145 -10.06 -5.25 -0.95
N ALA B 146 -10.61 -4.06 -1.12
CA ALA B 146 -11.84 -3.95 -1.90
C ALA B 146 -11.66 -4.43 -3.34
N ASP B 147 -10.44 -4.36 -3.88
CA ASP B 147 -10.18 -4.79 -5.24
C ASP B 147 -9.65 -6.23 -5.32
N THR B 148 -9.91 -7.04 -4.28
CA THR B 148 -9.67 -8.48 -4.35
C THR B 148 -11.00 -9.20 -4.28
N LEU B 149 -11.46 -9.51 -3.07
CA LEU B 149 -12.81 -10.02 -2.82
C LEU B 149 -13.43 -9.03 -1.82
N ASP B 150 -14.25 -8.12 -2.32
CA ASP B 150 -14.72 -7.00 -1.51
C ASP B 150 -15.33 -7.50 -0.20
N PRO B 151 -14.95 -6.92 0.94
CA PRO B 151 -15.63 -7.24 2.20
C PRO B 151 -17.13 -7.07 2.17
N ARG B 152 -17.66 -6.35 1.17
CA ARG B 152 -19.10 -6.17 1.08
C ARG B 152 -19.83 -7.45 0.70
N TYR B 153 -19.14 -8.43 0.11
N TYR B 153 -19.15 -8.42 0.09
CA TYR B 153 -19.77 -9.72 -0.16
CA TYR B 153 -19.80 -9.70 -0.17
C TYR B 153 -19.97 -10.48 1.13
C TYR B 153 -19.97 -10.46 1.13
N LYS B 154 -21.17 -11.02 1.33
CA LYS B 154 -21.39 -12.02 2.36
C LYS B 154 -21.41 -13.32 1.57
N CYS B 155 -20.29 -14.06 1.61
CA CYS B 155 -20.11 -15.13 0.64
C CYS B 155 -19.45 -16.33 1.30
N LEU B 156 -19.39 -17.42 0.54
CA LEU B 156 -18.92 -18.69 1.09
C LEU B 156 -17.42 -18.76 1.31
N ASP B 157 -16.68 -17.71 0.98
CA ASP B 157 -15.24 -17.78 0.88
C ASP B 157 -14.62 -17.29 2.19
N ARG B 158 -14.57 -18.20 3.17
CA ARG B 158 -14.24 -17.81 4.54
C ARG B 158 -13.15 -18.68 5.16
N LEU B 159 -12.35 -19.37 4.35
CA LEU B 159 -11.14 -20.00 4.90
C LEU B 159 -10.31 -18.98 5.68
N HIS B 160 -10.20 -17.75 5.13
CA HIS B 160 -9.54 -16.61 5.76
C HIS B 160 -9.92 -16.50 7.22
N SER B 161 -11.22 -16.47 7.50
CA SER B 161 -11.67 -16.24 8.88
C SER B 161 -11.64 -17.53 9.70
N GLN B 162 -11.69 -18.70 9.07
CA GLN B 162 -11.48 -19.93 9.82
C GLN B 162 -10.07 -20.01 10.39
N LEU B 163 -9.06 -19.61 9.60
CA LEU B 163 -7.71 -19.63 10.12
C LEU B 163 -7.50 -18.54 11.17
N ILE B 164 -8.18 -17.40 11.04
CA ILE B 164 -8.15 -16.40 12.10
C ILE B 164 -8.71 -16.96 13.39
N ARG B 165 -9.78 -17.77 13.30
CA ARG B 165 -10.38 -18.38 14.48
C ARG B 165 -9.43 -19.38 15.13
N LEU B 166 -8.75 -20.18 14.32
CA LEU B 166 -7.70 -21.07 14.81
C LEU B 166 -6.69 -20.30 15.64
N GLU B 167 -6.23 -19.17 15.11
CA GLU B 167 -5.24 -18.36 15.82
C GLU B 167 -5.80 -17.76 17.09
N ALA B 168 -7.06 -17.31 17.05
CA ALA B 168 -7.66 -16.73 18.25
C ALA B 168 -7.77 -17.77 19.35
N LEU B 169 -8.19 -18.99 19.01
CA LEU B 169 -8.32 -20.03 20.03
C LEU B 169 -6.95 -20.44 20.57
N GLU B 170 -5.94 -20.54 19.69
CA GLU B 170 -4.61 -20.91 20.14
C GLU B 170 -4.05 -19.87 21.09
N ALA B 171 -4.41 -18.60 20.89
CA ALA B 171 -3.94 -17.48 21.72
C ALA B 171 -4.79 -17.26 22.96
N GLY B 172 -5.88 -18.01 23.13
CA GLY B 172 -6.69 -17.90 24.34
C GLY B 172 -7.73 -16.80 24.34
N TYR B 173 -8.06 -16.25 23.18
CA TYR B 173 -9.04 -15.18 23.06
C TYR B 173 -10.38 -15.74 22.60
N ASP B 174 -11.43 -14.94 22.81
CA ASP B 174 -12.78 -15.33 22.44
C ASP B 174 -13.02 -15.18 20.94
N ASP B 175 -12.34 -14.23 20.30
CA ASP B 175 -12.55 -13.90 18.90
C ASP B 175 -11.44 -12.94 18.52
N ALA B 176 -11.37 -12.63 17.24
CA ALA B 176 -10.37 -11.70 16.70
C ALA B 176 -10.99 -10.72 15.72
N LEU B 177 -10.66 -9.46 15.91
CA LEU B 177 -10.87 -8.43 14.90
C LEU B 177 -9.72 -8.44 13.92
N TRP B 178 -9.99 -7.99 12.71
CA TRP B 178 -8.91 -7.75 11.78
C TRP B 178 -8.89 -6.27 11.37
N LEU B 179 -7.72 -5.85 10.92
CA LEU B 179 -7.51 -4.53 10.36
C LEU B 179 -7.56 -4.57 8.83
N ASP B 180 -7.74 -3.39 8.22
CA ASP B 180 -7.51 -3.26 6.79
C ASP B 180 -6.02 -2.96 6.56
N HIS B 181 -5.65 -2.80 5.31
N HIS B 181 -5.65 -2.86 5.27
CA HIS B 181 -4.23 -2.69 5.03
CA HIS B 181 -4.24 -2.70 4.95
C HIS B 181 -3.67 -1.32 5.36
C HIS B 181 -3.71 -1.37 5.44
N SER B 182 -4.52 -0.35 5.68
N SER B 182 -4.58 -0.39 5.70
CA SER B 182 -4.07 0.91 6.26
CA SER B 182 -4.16 0.88 6.27
C SER B 182 -3.94 0.83 7.78
C SER B 182 -3.96 0.82 7.78
N GLY B 183 -4.14 -0.35 8.38
CA GLY B 183 -3.97 -0.49 9.81
C GLY B 183 -5.14 -0.03 10.65
N HIS B 184 -6.29 0.20 10.03
CA HIS B 184 -7.48 0.62 10.75
C HIS B 184 -8.38 -0.58 10.99
N VAL B 185 -9.04 -0.57 12.15
CA VAL B 185 -9.86 -1.70 12.58
C VAL B 185 -11.06 -1.85 11.65
N SER B 186 -11.37 -3.09 11.28
CA SER B 186 -12.50 -3.34 10.39
C SER B 186 -13.65 -4.02 11.13
N GLU B 187 -13.54 -5.32 11.37
CA GLU B 187 -14.64 -6.14 11.83
C GLU B 187 -14.06 -7.49 12.23
N SER B 188 -14.95 -8.39 12.62
CA SER B 188 -14.64 -9.80 12.81
C SER B 188 -15.48 -10.60 11.81
N ALA B 189 -15.28 -11.93 11.84
CA ALA B 189 -15.95 -12.79 10.87
C ALA B 189 -17.45 -12.78 11.03
N ALA B 190 -17.91 -12.65 12.27
CA ALA B 190 -19.33 -12.68 12.56
C ALA B 190 -19.93 -11.31 12.87
N SER B 191 -19.11 -10.29 13.13
CA SER B 191 -19.63 -9.12 13.81
C SER B 191 -19.01 -7.83 13.31
N ASN B 192 -19.75 -6.74 13.50
CA ASN B 192 -19.18 -5.40 13.39
C ASN B 192 -18.76 -4.89 14.76
N LEU B 193 -17.98 -3.80 14.74
CA LEU B 193 -17.32 -3.28 15.93
C LEU B 193 -17.79 -1.86 16.22
N PHE B 194 -18.11 -1.61 17.48
CA PHE B 194 -18.46 -0.30 17.97
C PHE B 194 -17.58 0.08 19.16
N ILE B 195 -17.29 1.36 19.27
CA ILE B 195 -16.69 1.89 20.48
C ILE B 195 -17.45 3.13 20.93
N VAL B 196 -17.23 3.49 22.19
CA VAL B 196 -17.79 4.70 22.78
C VAL B 196 -16.63 5.52 23.32
N LYS B 197 -16.60 6.81 23.01
CA LYS B 197 -15.62 7.71 23.59
C LYS B 197 -16.30 9.03 23.88
N ASN B 198 -16.28 9.44 25.15
CA ASN B 198 -16.84 10.71 25.59
C ASN B 198 -18.28 10.88 25.10
N GLY B 199 -19.08 9.84 25.29
CA GLY B 199 -20.50 9.91 25.00
C GLY B 199 -20.88 9.77 23.54
N VAL B 200 -19.92 9.52 22.66
CA VAL B 200 -20.16 9.42 21.23
C VAL B 200 -19.85 8.00 20.79
N LEU B 201 -20.70 7.46 19.93
CA LEU B 201 -20.56 6.11 19.39
C LEU B 201 -19.83 6.18 18.06
N TYR B 202 -18.82 5.34 17.90
CA TYR B 202 -18.00 5.32 16.69
C TYR B 202 -17.96 3.92 16.13
N THR B 203 -17.93 3.82 14.80
CA THR B 203 -17.84 2.53 14.13
C THR B 203 -17.06 2.66 12.83
N PRO B 204 -16.28 1.64 12.45
CA PRO B 204 -15.51 1.75 11.20
C PRO B 204 -16.37 2.05 9.98
N SER B 205 -15.80 2.82 9.06
CA SER B 205 -16.48 3.33 7.87
C SER B 205 -16.29 2.47 6.63
N ALA B 206 -15.17 1.77 6.51
CA ALA B 206 -14.82 1.15 5.25
C ALA B 206 -14.24 -0.23 5.50
N GLY B 207 -14.17 -1.02 4.42
CA GLY B 207 -13.53 -2.30 4.49
C GLY B 207 -14.28 -3.34 5.29
N ILE B 208 -15.62 -3.24 5.33
CA ILE B 208 -16.46 -4.11 6.15
C ILE B 208 -17.68 -4.60 5.38
N LEU B 209 -18.26 -5.67 5.90
CA LEU B 209 -19.64 -6.03 5.62
C LEU B 209 -20.54 -5.06 6.38
N ARG B 210 -21.50 -4.45 5.70
CA ARG B 210 -22.38 -3.45 6.30
C ARG B 210 -23.49 -4.21 7.02
N GLY B 211 -23.25 -4.50 8.29
CA GLY B 211 -24.16 -5.35 9.04
C GLY B 211 -25.52 -4.71 9.23
N ILE B 212 -26.54 -5.57 9.26
CA ILE B 212 -27.90 -5.11 9.55
C ILE B 212 -28.03 -4.80 11.04
N THR B 213 -27.34 -5.56 11.90
CA THR B 213 -27.32 -5.19 13.31
C THR B 213 -26.64 -3.83 13.48
N ARG B 214 -25.54 -3.63 12.77
CA ARG B 214 -24.87 -2.33 12.76
C ARG B 214 -25.82 -1.22 12.36
N ASP B 215 -26.58 -1.41 11.27
CA ASP B 215 -27.55 -0.41 10.88
C ASP B 215 -28.53 -0.13 12.01
N THR B 216 -29.01 -1.20 12.67
CA THR B 216 -30.01 -1.08 13.71
C THR B 216 -29.46 -0.32 14.90
N ILE B 217 -28.20 -0.57 15.22
CA ILE B 217 -27.54 0.12 16.33
C ILE B 217 -27.52 1.62 16.10
N LEU B 218 -27.19 2.05 14.88
CA LEU B 218 -27.16 3.49 14.61
C LEU B 218 -28.55 4.09 14.67
N GLU B 219 -29.56 3.37 14.16
CA GLU B 219 -30.95 3.77 14.30
C GLU B 219 -31.32 3.91 15.76
N LEU B 220 -30.95 2.92 16.58
CA LEU B 220 -31.26 2.97 18.00
C LEU B 220 -30.52 4.11 18.68
N ALA B 221 -29.26 4.34 18.30
CA ALA B 221 -28.52 5.45 18.90
C ALA B 221 -29.24 6.77 18.68
N THR B 222 -29.73 6.99 17.47
CA THR B 222 -30.43 8.23 17.18
C THR B 222 -31.69 8.36 18.01
N GLU B 223 -32.44 7.27 18.16
CA GLU B 223 -33.66 7.31 18.97
C GLU B 223 -33.35 7.59 20.44
N LEU B 224 -32.18 7.15 20.91
CA LEU B 224 -31.75 7.40 22.28
C LEU B 224 -30.98 8.71 22.43
N ASP B 225 -30.89 9.51 21.35
CA ASP B 225 -30.14 10.76 21.35
C ASP B 225 -28.67 10.54 21.74
N ILE B 226 -28.12 9.44 21.26
CA ILE B 226 -26.68 9.16 21.38
C ILE B 226 -26.01 9.56 20.08
N PRO B 227 -25.11 10.54 20.08
CA PRO B 227 -24.45 10.93 18.82
C PRO B 227 -23.57 9.81 18.32
N TRP B 228 -23.50 9.65 16.99
CA TRP B 228 -22.67 8.60 16.42
C TRP B 228 -21.94 9.10 15.19
N LYS B 229 -20.85 8.40 14.88
CA LYS B 229 -20.01 8.73 13.75
C LYS B 229 -19.48 7.45 13.11
N GLU B 230 -19.51 7.37 11.79
CA GLU B 230 -18.75 6.39 11.04
C GLU B 230 -17.40 7.02 10.73
N ARG B 231 -16.31 6.37 11.14
N ARG B 231 -16.31 6.37 11.14
CA ARG B 231 -15.00 6.94 10.85
CA ARG B 231 -15.00 6.94 10.88
C ARG B 231 -13.94 5.84 10.94
C ARG B 231 -13.94 5.85 10.96
N GLN B 232 -12.75 6.18 10.47
CA GLN B 232 -11.62 5.28 10.58
C GLN B 232 -11.12 5.27 12.02
N LEU B 233 -10.96 4.07 12.54
CA LEU B 233 -10.48 3.82 13.89
C LEU B 233 -9.25 2.93 13.83
N SER B 234 -8.25 3.23 14.64
CA SER B 234 -7.13 2.33 14.79
C SER B 234 -7.29 1.51 16.06
N ALA B 235 -6.42 0.50 16.23
CA ALA B 235 -6.46 -0.28 17.47
C ALA B 235 -6.33 0.61 18.70
N PHE B 236 -5.51 1.66 18.60
CA PHE B 236 -5.36 2.66 19.66
C PHE B 236 -6.72 3.19 20.12
N ASP B 237 -7.57 3.56 19.17
CA ASP B 237 -8.89 4.07 19.51
C ASP B 237 -9.65 3.07 20.37
N VAL B 238 -9.51 1.78 20.05
CA VAL B 238 -10.23 0.75 20.78
C VAL B 238 -9.67 0.58 22.18
N TYR B 239 -8.35 0.52 22.31
CA TYR B 239 -7.75 0.33 23.63
C TYR B 239 -8.18 1.42 24.61
N ILE B 240 -8.30 2.66 24.12
CA ILE B 240 -8.55 3.80 25.00
C ILE B 240 -10.02 4.15 25.10
N ALA B 241 -10.90 3.41 24.43
CA ALA B 241 -12.33 3.70 24.44
C ALA B 241 -12.92 3.59 25.85
N ASP B 242 -14.02 4.32 26.07
CA ASP B 242 -14.77 4.18 27.31
C ASP B 242 -15.58 2.88 27.34
N GLU B 243 -16.04 2.41 26.18
CA GLU B 243 -16.79 1.16 26.04
C GLU B 243 -16.47 0.57 24.68
N VAL B 244 -16.54 -0.76 24.58
CA VAL B 244 -16.36 -1.47 23.32
C VAL B 244 -17.42 -2.57 23.26
N PHE B 245 -18.02 -2.77 22.09
CA PHE B 245 -18.92 -3.90 21.89
C PHE B 245 -18.95 -4.27 20.41
N THR B 246 -19.21 -5.55 20.16
CA THR B 246 -19.43 -6.01 18.80
C THR B 246 -20.92 -6.27 18.62
N CYS B 247 -21.33 -6.48 17.37
CA CYS B 247 -22.74 -6.75 17.10
C CYS B 247 -22.89 -7.66 15.90
N SER B 248 -23.93 -8.48 15.95
CA SER B 248 -24.18 -9.50 14.95
C SER B 248 -25.63 -9.96 15.06
N THR B 249 -26.16 -10.49 13.96
CA THR B 249 -27.46 -11.15 14.04
C THR B 249 -27.42 -12.30 15.03
N ALA B 250 -26.25 -12.91 15.20
CA ALA B 250 -26.04 -13.93 16.22
C ALA B 250 -25.79 -13.22 17.55
N GLY B 251 -26.88 -12.86 18.21
CA GLY B 251 -26.81 -12.40 19.59
C GLY B 251 -26.95 -10.90 19.82
N GLY B 252 -27.09 -10.10 18.78
CA GLY B 252 -27.19 -8.67 19.03
C GLY B 252 -25.85 -8.12 19.48
N ALA B 253 -25.92 -7.10 20.35
CA ALA B 253 -24.72 -6.48 20.89
C ALA B 253 -24.04 -7.39 21.92
N LEU B 254 -22.71 -7.36 21.92
CA LEU B 254 -21.88 -8.20 22.78
C LEU B 254 -20.78 -7.35 23.39
N PRO B 255 -20.80 -7.12 24.70
CA PRO B 255 -19.78 -6.24 25.28
C PRO B 255 -18.39 -6.87 25.25
N VAL B 256 -17.39 -6.00 25.22
CA VAL B 256 -15.98 -6.37 25.13
C VAL B 256 -15.27 -5.78 26.32
N ARG B 257 -14.61 -6.62 27.11
N ARG B 257 -14.62 -6.63 27.12
CA ARG B 257 -13.94 -6.14 28.31
CA ARG B 257 -13.94 -6.19 28.33
C ARG B 257 -12.44 -5.94 28.11
C ARG B 257 -12.45 -5.96 28.13
N GLU B 258 -11.86 -6.53 27.08
CA GLU B 258 -10.43 -6.43 26.84
C GLU B 258 -10.12 -6.63 25.37
N VAL B 259 -9.15 -5.88 24.85
CA VAL B 259 -8.65 -6.10 23.51
C VAL B 259 -7.12 -6.15 23.59
N ALA B 260 -6.56 -7.29 23.22
CA ALA B 260 -5.11 -7.45 23.06
C ALA B 260 -4.36 -7.07 24.33
N GLY B 261 -4.88 -7.49 25.47
CA GLY B 261 -4.24 -7.25 26.74
C GLY B 261 -4.54 -5.91 27.37
N ARG B 262 -5.26 -5.04 26.67
CA ARG B 262 -5.71 -3.77 27.22
C ARG B 262 -7.12 -3.94 27.75
N THR B 263 -7.26 -3.88 29.06
CA THR B 263 -8.58 -3.92 29.69
C THR B 263 -9.30 -2.60 29.41
N ILE B 264 -10.50 -2.67 28.86
CA ILE B 264 -11.25 -1.46 28.58
C ILE B 264 -11.63 -0.82 29.90
N ARG B 265 -11.39 0.48 30.01
CA ARG B 265 -11.58 1.16 31.28
C ARG B 265 -13.07 1.30 31.59
N GLY B 266 -13.36 1.43 32.87
CA GLY B 266 -14.72 1.52 33.35
C GLY B 266 -15.37 0.16 33.51
N THR B 267 -16.65 0.21 33.81
CA THR B 267 -17.37 -1.05 33.98
C THR B 267 -17.81 -1.57 32.63
N THR B 268 -17.72 -2.87 32.48
CA THR B 268 -18.20 -3.56 31.30
C THR B 268 -19.33 -4.49 31.70
N PRO B 269 -20.51 -4.41 31.06
CA PRO B 269 -20.86 -3.48 29.97
C PRO B 269 -21.01 -2.04 30.47
N GLY B 270 -20.59 -1.09 29.64
CA GLY B 270 -20.77 0.31 29.93
C GLY B 270 -22.20 0.74 29.74
N PRO B 271 -22.49 1.97 30.17
CA PRO B 271 -23.88 2.42 30.15
C PRO B 271 -24.46 2.62 28.76
N ILE B 272 -23.68 3.07 27.77
CA ILE B 272 -24.25 3.21 26.44
C ILE B 272 -24.44 1.83 25.80
N THR B 273 -23.49 0.93 26.01
CA THR B 273 -23.66 -0.45 25.54
C THR B 273 -24.96 -1.05 26.10
N GLN B 274 -25.17 -0.91 27.40
CA GLN B 274 -26.39 -1.42 28.04
C GLN B 274 -27.63 -0.77 27.44
N ALA B 275 -27.61 0.54 27.26
CA ALA B 275 -28.78 1.24 26.75
C ALA B 275 -29.12 0.78 25.33
N ILE B 276 -28.09 0.61 24.49
CA ILE B 276 -28.31 0.18 23.12
C ILE B 276 -28.80 -1.27 23.11
N ASP B 277 -28.16 -2.12 23.92
CA ASP B 277 -28.54 -3.53 24.00
C ASP B 277 -29.97 -3.68 24.45
N ASN B 278 -30.37 -2.91 25.46
CA ASN B 278 -31.75 -3.01 25.94
C ASN B 278 -32.73 -2.50 24.89
N ALA B 279 -32.37 -1.44 24.18
CA ALA B 279 -33.29 -0.88 23.18
C ALA B 279 -33.43 -1.82 21.99
N TYR B 280 -32.37 -2.55 21.66
CA TYR B 280 -32.44 -3.55 20.61
C TYR B 280 -33.48 -4.62 20.94
N TRP B 281 -33.35 -5.26 22.11
CA TRP B 281 -34.27 -6.33 22.47
C TRP B 281 -35.67 -5.80 22.74
N ALA B 282 -35.77 -4.56 23.21
CA ALA B 282 -37.08 -3.94 23.32
C ALA B 282 -37.69 -3.76 21.94
N MET B 283 -36.89 -3.33 20.97
CA MET B 283 -37.39 -3.17 19.60
C MET B 283 -37.95 -4.47 19.07
N ARG B 284 -37.35 -5.59 19.43
CA ARG B 284 -37.74 -6.88 18.88
C ARG B 284 -38.85 -7.56 19.66
N GLU B 285 -39.20 -7.09 20.85
CA GLU B 285 -40.45 -7.50 21.47
C GLU B 285 -41.65 -6.79 20.85
N THR B 286 -41.40 -5.82 20.00
CA THR B 286 -42.43 -5.09 19.26
C THR B 286 -42.63 -5.72 17.89
N ASP B 287 -43.50 -5.09 17.09
CA ASP B 287 -43.75 -5.48 15.72
C ASP B 287 -42.84 -4.77 14.73
N ARG B 288 -41.92 -3.95 15.22
CA ARG B 288 -41.11 -3.13 14.35
C ARG B 288 -40.18 -4.02 13.52
N TYR B 289 -40.26 -3.85 12.20
CA TYR B 289 -39.49 -4.67 11.26
C TYR B 289 -39.78 -6.15 11.43
N ALA B 290 -40.98 -6.47 11.87
CA ALA B 290 -41.37 -7.84 12.14
C ALA B 290 -42.11 -8.45 10.96
N THR B 291 -41.74 -9.68 10.63
CA THR B 291 -42.54 -10.54 9.76
C THR B 291 -42.99 -11.73 10.59
N PRO B 292 -44.27 -11.86 10.92
CA PRO B 292 -44.71 -12.97 11.76
C PRO B 292 -44.57 -14.32 11.05
N LEU B 293 -44.21 -15.34 11.82
CA LEU B 293 -44.18 -16.72 11.32
C LEU B 293 -45.57 -17.31 11.12
N SER B 294 -46.61 -16.75 11.73
CA SER B 294 -47.96 -17.27 11.54
C SER B 294 -48.92 -16.16 11.12
N GLY B 295 -49.98 -16.55 10.42
CA GLY B 295 -50.91 -15.61 9.84
C GLY B 295 -50.31 -14.96 8.60
N SER B 296 -50.99 -13.92 8.13
CA SER B 296 -50.51 -13.21 6.95
C SER B 296 -49.18 -12.52 7.23
N HIS B 297 -48.31 -12.50 6.22
CA HIS B 297 -46.93 -11.92 6.34
C HIS B 297 -46.85 -10.52 5.70
N HIS B 298 -47.97 -9.98 5.19
CA HIS B 298 -47.97 -8.65 4.58
C HIS B 298 -47.89 -7.58 5.67
N HIS B 299 -47.03 -6.60 5.48
CA HIS B 299 -46.92 -5.45 6.38
C HIS B 299 -48.05 -4.45 6.16
N HIS B 300 -48.49 -3.81 7.24
CA HIS B 300 -49.57 -2.80 7.09
C HIS B 300 -49.21 -1.57 7.91
N SER C 2 18.43 32.78 39.04
CA SER C 2 18.25 31.81 37.98
C SER C 2 19.14 30.59 38.15
N ASP C 3 18.87 29.74 39.14
CA ASP C 3 19.72 28.57 39.28
C ASP C 3 19.17 27.43 38.42
N GLU C 4 19.78 26.25 38.53
CA GLU C 4 19.50 25.20 37.57
C GLU C 4 18.08 24.67 37.73
N PRO C 5 17.56 24.06 36.68
CA PRO C 5 16.20 23.50 36.76
C PRO C 5 16.05 22.49 37.87
N ILE C 6 14.83 22.45 38.42
CA ILE C 6 14.44 21.43 39.38
C ILE C 6 13.52 20.43 38.66
N ILE C 7 13.84 19.15 38.78
CA ILE C 7 13.15 18.07 38.08
C ILE C 7 12.38 17.25 39.11
N TYR C 8 11.17 16.85 38.79
CA TYR C 8 10.48 15.83 39.56
C TYR C 8 10.87 14.47 39.02
N ILE C 9 11.33 13.57 39.88
CA ILE C 9 11.68 12.23 39.41
C ILE C 9 11.36 11.23 40.50
N ASN C 10 10.36 10.37 40.25
CA ASN C 10 9.97 9.30 41.18
C ASN C 10 9.74 9.82 42.59
N GLY C 11 9.05 10.96 42.70
CA GLY C 11 8.62 11.51 43.96
C GLY C 11 9.54 12.53 44.56
N ASP C 12 10.76 12.64 44.05
CA ASP C 12 11.74 13.57 44.57
C ASP C 12 11.87 14.77 43.65
N TYR C 13 12.15 15.93 44.25
CA TYR C 13 12.40 17.16 43.51
C TYR C 13 13.89 17.44 43.62
N LEU C 14 14.59 17.35 42.50
CA LEU C 14 16.04 17.39 42.49
C LEU C 14 16.55 18.37 41.43
N PRO C 15 17.65 19.04 41.70
CA PRO C 15 18.33 19.79 40.64
C PRO C 15 18.68 18.87 39.48
N LEU C 16 18.60 19.41 38.27
CA LEU C 16 18.79 18.58 37.07
C LEU C 16 20.11 17.83 37.13
N SER C 17 21.18 18.49 37.53
CA SER C 17 22.50 17.87 37.59
C SER C 17 22.52 16.64 38.48
N GLN C 18 21.60 16.55 39.44
CA GLN C 18 21.54 15.41 40.34
C GLN C 18 20.53 14.36 39.92
N ALA C 19 19.53 14.76 39.13
CA ALA C 19 18.46 13.87 38.70
C ALA C 19 19.01 12.84 37.72
N ARG C 20 18.68 11.58 37.96
CA ARG C 20 19.32 10.49 37.23
C ARG C 20 18.28 9.58 36.59
N VAL C 21 18.45 9.37 35.28
CA VAL C 21 17.85 8.24 34.59
C VAL C 21 18.91 7.15 34.53
N SER C 22 18.53 5.93 34.89
CA SER C 22 19.48 4.85 34.81
C SER C 22 19.85 4.57 33.35
N PRO C 23 21.12 4.26 33.06
CA PRO C 23 21.46 3.81 31.69
C PRO C 23 20.69 2.58 31.24
N VAL C 24 20.10 1.81 32.16
CA VAL C 24 19.31 0.65 31.74
C VAL C 24 17.81 0.87 31.90
N ASP C 25 17.38 2.10 32.11
CA ASP C 25 15.96 2.42 32.05
C ASP C 25 15.42 2.04 30.67
N GLN C 26 14.30 1.32 30.63
CA GLN C 26 13.76 0.89 29.35
C GLN C 26 13.23 2.05 28.53
N GLY C 27 12.96 3.19 29.17
CA GLY C 27 12.64 4.37 28.40
C GLY C 27 13.84 4.89 27.63
N PHE C 28 15.04 4.64 28.14
CA PHE C 28 16.27 5.04 27.46
C PHE C 28 16.69 4.00 26.43
N LEU C 29 16.80 2.73 26.84
CA LEU C 29 17.33 1.70 25.95
C LEU C 29 16.37 1.33 24.85
N LEU C 30 15.07 1.40 25.11
CA LEU C 30 14.07 0.86 24.19
C LEU C 30 12.99 1.86 23.83
N GLY C 31 13.08 3.10 24.28
CA GLY C 31 12.03 4.07 24.00
C GLY C 31 10.68 3.67 24.58
N ASP C 32 10.68 2.93 25.67
CA ASP C 32 9.45 2.38 26.24
C ASP C 32 8.88 3.38 27.23
N GLY C 33 8.22 4.38 26.68
CA GLY C 33 7.69 5.46 27.50
C GLY C 33 6.84 6.37 26.66
N VAL C 34 5.97 7.11 27.35
CA VAL C 34 5.08 8.07 26.72
C VAL C 34 5.20 9.38 27.48
N PHE C 35 4.75 10.45 26.84
CA PHE C 35 4.89 11.76 27.47
C PHE C 35 3.79 12.68 26.99
N ASP C 36 3.61 13.78 27.72
CA ASP C 36 2.76 14.85 27.24
C ASP C 36 3.40 16.17 27.67
N VAL C 37 2.89 17.26 27.10
CA VAL C 37 3.43 18.59 27.34
C VAL C 37 2.28 19.57 27.49
N VAL C 38 2.24 20.28 28.60
CA VAL C 38 1.23 21.30 28.85
C VAL C 38 1.95 22.61 29.13
N SER C 39 1.26 23.72 28.88
CA SER C 39 1.86 25.04 29.04
C SER C 39 1.16 25.85 30.11
N ALA C 40 1.93 26.77 30.69
CA ALA C 40 1.40 27.81 31.55
C ALA C 40 1.68 29.18 30.94
N TRP C 41 0.72 30.09 31.11
CA TRP C 41 0.79 31.45 30.60
C TRP C 41 0.18 32.35 31.65
N LYS C 42 0.95 33.34 32.11
CA LYS C 42 0.50 34.32 33.07
C LYS C 42 -0.18 33.67 34.26
N GLY C 43 0.47 32.65 34.80
CA GLY C 43 0.05 32.05 36.05
C GLY C 43 -0.94 30.92 35.92
N ASN C 44 -1.44 30.62 34.72
CA ASN C 44 -2.46 29.60 34.52
C ASN C 44 -1.92 28.49 33.64
N ILE C 45 -1.99 27.24 34.12
CA ILE C 45 -1.80 26.10 33.24
C ILE C 45 -3.06 25.93 32.42
N PHE C 46 -2.91 25.73 31.12
CA PHE C 46 -4.05 25.71 30.19
C PHE C 46 -4.36 24.28 29.77
N LYS C 47 -5.61 23.86 30.00
CA LYS C 47 -6.14 22.56 29.58
C LYS C 47 -5.35 21.42 30.19
N LEU C 48 -4.99 21.58 31.46
CA LEU C 48 -4.29 20.50 32.16
C LEU C 48 -5.10 19.22 32.13
N ASP C 49 -6.43 19.32 32.31
CA ASP C 49 -7.23 18.11 32.38
C ASP C 49 -7.25 17.39 31.03
N ALA C 50 -7.30 18.15 29.93
CA ALA C 50 -7.27 17.54 28.61
C ALA C 50 -5.93 16.86 28.33
N HIS C 51 -4.83 17.48 28.76
CA HIS C 51 -3.51 16.89 28.56
C HIS C 51 -3.35 15.64 29.43
N LEU C 52 -3.85 15.67 30.67
CA LEU C 52 -3.80 14.48 31.49
C LEU C 52 -4.63 13.36 30.89
N ASP C 53 -5.82 13.69 30.37
CA ASP C 53 -6.65 12.70 29.70
C ASP C 53 -5.86 12.03 28.57
N ARG C 54 -5.18 12.83 27.75
CA ARG C 54 -4.46 12.27 26.61
C ARG C 54 -3.27 11.44 27.07
N PHE C 55 -2.56 11.92 28.09
CA PHE C 55 -1.46 11.17 28.69
C PHE C 55 -1.91 9.80 29.16
N PHE C 56 -3.03 9.75 29.87
CA PHE C 56 -3.52 8.48 30.38
C PHE C 56 -4.10 7.62 29.27
N ASP C 57 -4.50 8.24 28.14
CA ASP C 57 -4.84 7.46 26.96
C ASP C 57 -3.61 6.74 26.41
N SER C 58 -2.49 7.46 26.24
CA SER C 58 -1.28 6.81 25.76
C SER C 58 -0.82 5.74 26.74
N ILE C 59 -0.87 6.06 28.04
CA ILE C 59 -0.56 5.06 29.08
C ILE C 59 -1.39 3.80 28.86
N GLN C 60 -2.71 3.95 28.69
CA GLN C 60 -3.58 2.79 28.53
C GLN C 60 -3.19 1.98 27.29
N ALA C 61 -2.92 2.66 26.18
CA ALA C 61 -2.63 1.92 24.95
C ALA C 61 -1.30 1.19 25.04
N ALA C 62 -0.31 1.77 25.74
CA ALA C 62 1.02 1.17 25.89
C ALA C 62 1.13 0.26 27.12
N ARG C 63 0.02 0.01 27.81
N ARG C 63 0.02 0.01 27.81
CA ARG C 63 -0.01 -0.83 29.01
CA ARG C 63 -0.01 -0.83 29.01
C ARG C 63 1.02 -0.35 30.03
C ARG C 63 1.02 -0.35 30.03
N LEU C 64 1.12 0.97 30.18
CA LEU C 64 2.00 1.57 31.18
C LEU C 64 1.26 1.96 32.46
N ASN C 65 0.11 1.33 32.71
CA ASN C 65 -0.67 1.63 33.90
C ASN C 65 0.20 1.42 35.14
N HIS C 66 0.15 2.38 36.05
CA HIS C 66 1.04 2.38 37.21
C HIS C 66 0.29 3.05 38.35
N ASP C 67 0.95 3.14 39.50
CA ASP C 67 0.25 3.48 40.73
C ASP C 67 0.08 4.97 40.93
N MET C 68 0.84 5.79 40.24
CA MET C 68 0.80 7.23 40.49
C MET C 68 -0.51 7.77 39.95
N SER C 69 -1.37 8.25 40.83
CA SER C 69 -2.69 8.66 40.42
C SER C 69 -2.66 9.91 39.55
N ARG C 70 -3.79 10.14 38.87
CA ARG C 70 -3.96 11.37 38.11
C ARG C 70 -3.81 12.60 38.99
N ASP C 71 -4.37 12.56 40.21
CA ASP C 71 -4.22 13.66 41.16
C ASP C 71 -2.75 13.87 41.52
N ALA C 72 -2.01 12.78 41.71
CA ALA C 72 -0.59 12.90 42.03
C ALA C 72 0.19 13.53 40.87
N TRP C 73 -0.16 13.18 39.62
CA TRP C 73 0.49 13.79 38.48
C TRP C 73 0.16 15.28 38.38
N LYS C 74 -1.11 15.63 38.60
CA LYS C 74 -1.49 17.04 38.59
C LYS C 74 -0.71 17.81 39.64
N GLU C 75 -0.60 17.25 40.83
N GLU C 75 -0.58 17.24 40.83
CA GLU C 75 0.14 17.93 41.90
CA GLU C 75 0.15 17.90 41.91
C GLU C 75 1.62 18.05 41.53
C GLU C 75 1.63 18.02 41.58
N ALA C 76 2.20 17.00 40.96
CA ALA C 76 3.61 17.07 40.57
C ALA C 76 3.84 18.10 39.47
N ILE C 77 2.89 18.22 38.55
CA ILE C 77 3.04 19.19 37.47
C ILE C 77 3.02 20.61 38.04
N ILE C 78 2.07 20.89 38.93
CA ILE C 78 1.99 22.23 39.52
C ILE C 78 3.20 22.51 40.40
N GLU C 79 3.55 21.55 41.27
CA GLU C 79 4.63 21.79 42.22
C GLU C 79 5.97 21.93 41.49
N THR C 80 6.21 21.15 40.43
CA THR C 80 7.49 21.31 39.75
C THR C 80 7.61 22.70 39.15
N THR C 81 6.51 23.21 38.62
CA THR C 81 6.54 24.55 38.02
C THR C 81 6.86 25.61 39.07
N ARG C 82 6.22 25.50 40.25
CA ARG C 82 6.45 26.46 41.31
C ARG C 82 7.85 26.32 41.79
N ARG C 83 8.26 25.06 41.88
CA ARG C 83 9.60 24.87 42.35
C ARG C 83 10.66 25.48 41.40
N ASN C 84 10.31 25.70 40.10
CA ASN C 84 11.28 26.38 39.22
C ASN C 84 11.08 27.89 39.15
N GLY C 85 10.20 28.44 39.97
CA GLY C 85 10.03 29.87 40.05
C GLY C 85 9.39 30.50 38.84
N LEU C 86 8.58 29.75 38.10
CA LEU C 86 8.04 30.21 36.81
C LEU C 86 6.58 30.65 36.92
N ASP C 87 6.23 31.60 36.06
CA ASP C 87 4.84 32.02 35.83
C ASP C 87 4.34 31.68 34.44
N ASP C 88 5.24 31.50 33.48
CA ASP C 88 4.96 30.97 32.16
C ASP C 88 5.81 29.71 32.05
N ALA C 89 5.35 28.67 31.35
CA ALA C 89 6.14 27.45 31.32
C ALA C 89 5.74 26.50 30.22
N SER C 90 6.71 25.66 29.86
CA SER C 90 6.53 24.49 29.01
C SER C 90 6.83 23.29 29.90
N ILE C 91 5.83 22.45 30.13
CA ILE C 91 5.86 21.42 31.17
C ILE C 91 5.75 20.04 30.52
N ARG C 92 6.80 19.24 30.61
CA ARG C 92 6.80 17.90 30.02
C ARG C 92 6.67 16.85 31.13
N PHE C 93 5.73 15.93 30.98
CA PHE C 93 5.59 14.86 31.97
C PHE C 93 5.69 13.53 31.22
N ILE C 94 6.48 12.61 31.81
CA ILE C 94 6.96 11.40 31.15
C ILE C 94 6.78 10.21 32.10
N VAL C 95 6.29 9.09 31.56
CA VAL C 95 6.35 7.83 32.29
C VAL C 95 7.01 6.78 31.40
N THR C 96 7.93 6.02 31.97
CA THR C 96 8.57 4.93 31.27
C THR C 96 8.36 3.62 32.02
N ARG C 97 8.64 2.53 31.33
CA ARG C 97 8.57 1.19 31.90
C ARG C 97 9.68 0.95 32.92
N GLY C 98 10.63 1.86 33.07
CA GLY C 98 11.57 1.80 34.18
C GLY C 98 12.67 0.78 33.99
N GLU C 99 13.34 0.49 35.11
CA GLU C 99 14.43 -0.48 35.14
C GLU C 99 13.86 -1.88 35.32
N PRO C 100 14.38 -2.89 34.60
CA PRO C 100 13.70 -4.19 34.61
C PRO C 100 13.55 -4.76 36.01
N LYS C 101 12.40 -5.37 36.22
CA LYS C 101 11.97 -5.91 37.50
C LYS C 101 11.91 -7.44 37.36
N GLY C 102 12.60 -8.16 38.24
CA GLY C 102 12.62 -9.63 38.13
C GLY C 102 13.69 -10.09 37.17
N VAL C 103 13.78 -11.41 36.96
CA VAL C 103 14.82 -12.01 36.08
C VAL C 103 14.33 -11.94 34.62
N VAL C 104 13.03 -12.18 34.43
CA VAL C 104 12.40 -12.21 33.08
C VAL C 104 11.70 -10.87 32.82
N ALA C 105 12.14 -10.15 31.79
CA ALA C 105 11.57 -8.85 31.45
C ALA C 105 10.16 -9.08 30.93
N ASP C 106 9.17 -8.89 31.79
CA ASP C 106 7.77 -8.97 31.41
C ASP C 106 7.19 -7.56 31.48
N PRO C 107 6.93 -6.91 30.35
CA PRO C 107 6.46 -5.52 30.41
C PRO C 107 5.13 -5.32 31.14
N ARG C 108 4.44 -6.40 31.52
CA ARG C 108 3.21 -6.29 32.30
C ARG C 108 3.46 -6.07 33.78
N ASP C 109 4.69 -6.26 34.23
CA ASP C 109 5.06 -6.20 35.64
C ASP C 109 6.27 -5.28 35.74
N PHE C 110 6.07 -4.03 36.18
CA PHE C 110 7.16 -3.06 36.15
C PHE C 110 7.00 -1.98 37.23
N LYS C 111 8.11 -1.28 37.48
CA LYS C 111 8.17 -0.13 38.36
C LYS C 111 8.47 1.07 37.48
N PRO C 112 7.56 2.02 37.36
CA PRO C 112 7.73 3.11 36.39
C PRO C 112 8.79 4.11 36.81
N THR C 113 9.32 4.81 35.80
CA THR C 113 10.03 6.05 35.99
C THR C 113 9.07 7.18 35.64
N CYS C 114 8.90 8.12 36.58
CA CYS C 114 7.94 9.21 36.45
C CYS C 114 8.68 10.52 36.59
N ILE C 115 8.60 11.36 35.56
CA ILE C 115 9.39 12.58 35.49
C ILE C 115 8.52 13.77 35.11
N VAL C 116 8.79 14.91 35.74
CA VAL C 116 8.28 16.20 35.26
C VAL C 116 9.46 17.14 35.07
N TRP C 117 9.58 17.67 33.84
CA TRP C 117 10.62 18.62 33.45
C TRP C 117 9.93 19.91 33.01
N VAL C 118 10.26 21.01 33.68
CA VAL C 118 9.65 22.30 33.40
C VAL C 118 10.70 23.30 32.95
N ALA C 119 10.36 24.05 31.91
CA ALA C 119 11.20 25.08 31.36
C ALA C 119 10.33 26.30 31.02
N PRO C 120 10.94 27.44 30.72
CA PRO C 120 10.12 28.60 30.34
C PRO C 120 9.29 28.31 29.09
N TYR C 121 8.21 29.09 28.94
CA TYR C 121 7.36 28.96 27.77
C TYR C 121 8.21 29.15 26.51
N ILE C 122 7.99 28.30 25.50
CA ILE C 122 8.72 28.42 24.25
C ILE C 122 7.80 28.47 23.04
N PHE C 123 8.25 29.24 22.04
CA PHE C 123 7.62 29.30 20.73
C PHE C 123 8.43 28.46 19.75
N LEU C 124 7.82 28.12 18.61
CA LEU C 124 8.54 27.32 17.63
C LEU C 124 9.27 28.14 16.58
N ALA C 125 9.06 29.45 16.54
CA ALA C 125 9.72 30.30 15.57
C ALA C 125 10.00 31.64 16.22
N ASP C 126 10.98 32.37 15.68
CA ASP C 126 11.32 33.68 16.23
C ASP C 126 10.23 34.70 15.90
N GLU C 127 10.35 35.89 16.48
N GLU C 127 10.38 35.88 16.50
CA GLU C 127 9.22 36.82 16.37
CA GLU C 127 9.36 36.92 16.40
C GLU C 127 9.02 37.33 14.95
C GLU C 127 9.04 37.24 14.95
N GLU C 128 10.08 37.42 14.13
CA GLU C 128 9.88 37.81 12.73
C GLU C 128 9.09 36.74 11.97
N LYS C 129 9.39 35.47 12.24
CA LYS C 129 8.70 34.39 11.52
C LYS C 129 7.27 34.21 12.01
N ARG C 130 7.03 34.43 13.30
N ARG C 130 7.02 34.45 13.30
CA ARG C 130 5.66 34.48 13.78
CA ARG C 130 5.65 34.47 13.78
C ARG C 130 4.86 35.57 13.07
C ARG C 130 4.85 35.59 13.11
N ARG C 131 5.49 36.73 12.82
CA ARG C 131 4.79 37.85 12.23
C ARG C 131 4.55 37.66 10.73
N ASN C 132 5.51 37.05 10.03
CA ASN C 132 5.45 37.00 8.57
C ASN C 132 5.30 35.60 8.02
N GLY C 133 5.40 34.57 8.85
CA GLY C 133 5.16 33.22 8.42
C GLY C 133 6.45 32.44 8.23
N ILE C 134 6.35 31.12 8.38
CA ILE C 134 7.47 30.22 8.22
C ILE C 134 7.41 29.55 6.85
N ARG C 135 8.50 28.90 6.48
CA ARG C 135 8.62 28.15 5.24
C ARG C 135 8.70 26.67 5.58
N LEU C 136 7.77 25.88 5.05
CA LEU C 136 7.74 24.45 5.31
C LEU C 136 8.08 23.68 4.04
N MET C 137 8.70 22.53 4.21
CA MET C 137 8.83 21.56 3.13
C MET C 137 8.04 20.31 3.49
N ILE C 138 7.91 19.43 2.50
CA ILE C 138 7.35 18.10 2.71
C ILE C 138 8.52 17.13 2.77
N SER C 139 8.54 16.30 3.81
CA SER C 139 9.62 15.34 3.99
C SER C 139 9.55 14.18 3.01
N ALA C 140 10.73 13.61 2.71
CA ALA C 140 10.77 12.34 1.99
C ALA C 140 10.39 11.17 2.88
N THR C 141 10.47 11.34 4.19
CA THR C 141 10.08 10.35 5.18
C THR C 141 8.59 10.45 5.47
N ARG C 142 7.91 9.31 5.49
CA ARG C 142 6.48 9.23 5.76
C ARG C 142 6.21 9.02 7.25
N GLY C 143 4.98 9.35 7.64
CA GLY C 143 4.54 9.07 8.98
C GLY C 143 4.40 7.57 9.20
N PHE C 144 4.33 7.21 10.47
CA PHE C 144 4.21 5.81 10.84
C PHE C 144 2.83 5.29 10.49
N PRO C 145 2.71 4.14 9.82
CA PRO C 145 1.38 3.52 9.67
C PRO C 145 0.77 3.21 11.02
N ALA C 146 -0.56 3.22 11.07
CA ALA C 146 -1.27 2.97 12.31
C ALA C 146 -0.98 1.59 12.87
N ASP C 147 -0.66 0.63 12.02
CA ASP C 147 -0.32 -0.71 12.47
C ASP C 147 1.18 -0.93 12.64
N THR C 148 1.96 0.13 12.81
CA THR C 148 3.36 0.00 13.22
C THR C 148 3.55 0.62 14.60
N LEU C 149 3.78 1.92 14.66
CA LEU C 149 3.79 2.68 15.90
C LEU C 149 2.79 3.80 15.66
N ASP C 150 1.58 3.65 16.18
CA ASP C 150 0.48 4.55 15.81
C ASP C 150 0.87 6.00 16.05
N PRO C 151 0.60 6.90 15.08
CA PRO C 151 0.80 8.33 15.34
C PRO C 151 0.07 8.89 16.54
N ARG C 152 -0.96 8.19 17.02
CA ARG C 152 -1.70 8.66 18.19
C ARG C 152 -0.86 8.64 19.45
N TYR C 153 0.20 7.84 19.51
N TYR C 153 0.20 7.84 19.51
CA TYR C 153 1.10 7.86 20.65
CA TYR C 153 1.09 7.88 20.65
C TYR C 153 1.92 9.14 20.67
C TYR C 153 1.89 9.18 20.66
N LYS C 154 1.96 9.82 21.81
CA LYS C 154 2.94 10.87 22.06
C LYS C 154 4.01 10.16 22.89
N CYS C 155 5.10 9.75 22.24
CA CYS C 155 6.02 8.83 22.91
C CYS C 155 7.47 9.22 22.63
N LEU C 156 8.38 8.50 23.28
CA LEU C 156 9.80 8.85 23.25
C LEU C 156 10.50 8.48 21.95
N ASP C 157 9.79 7.86 21.00
CA ASP C 157 10.41 7.23 19.85
C ASP C 157 10.37 8.18 18.65
N ARG C 158 11.33 9.13 18.65
CA ARG C 158 11.29 10.24 17.71
C ARG C 158 12.57 10.41 16.93
N LEU C 159 13.41 9.37 16.81
CA LEU C 159 14.55 9.46 15.91
C LEU C 159 14.09 9.81 14.48
N HIS C 160 13.00 9.18 14.04
CA HIS C 160 12.25 9.50 12.81
C HIS C 160 12.20 11.00 12.56
N SER C 161 11.68 11.76 13.53
CA SER C 161 11.50 13.19 13.26
C SER C 161 12.77 13.99 13.51
N GLN C 162 13.72 13.47 14.29
CA GLN C 162 15.02 14.12 14.37
C GLN C 162 15.72 14.11 13.02
N LEU C 163 15.62 12.99 12.30
CA LEU C 163 16.25 12.91 10.98
C LEU C 163 15.50 13.77 9.97
N ILE C 164 14.18 13.90 10.14
CA ILE C 164 13.42 14.82 9.30
C ILE C 164 13.88 16.25 9.55
N ARG C 165 14.13 16.59 10.82
CA ARG C 165 14.63 17.91 11.15
C ARG C 165 15.98 18.18 10.52
N LEU C 166 16.85 17.17 10.53
CA LEU C 166 18.18 17.34 9.90
C LEU C 166 18.00 17.68 8.42
N GLU C 167 17.11 16.95 7.75
CA GLU C 167 16.86 17.17 6.32
C GLU C 167 16.26 18.55 6.07
N ALA C 168 15.33 18.97 6.93
CA ALA C 168 14.74 20.30 6.75
C ALA C 168 15.80 21.39 6.88
N LEU C 169 16.69 21.27 7.87
CA LEU C 169 17.72 22.28 8.05
C LEU C 169 18.68 22.28 6.88
N GLU C 170 19.09 21.09 6.41
CA GLU C 170 20.00 21.05 5.27
C GLU C 170 19.38 21.69 4.03
N ALA C 171 18.06 21.61 3.91
CA ALA C 171 17.35 22.12 2.74
C ALA C 171 16.98 23.58 2.89
N GLY C 172 17.26 24.19 4.05
CA GLY C 172 17.03 25.61 4.23
C GLY C 172 15.62 25.97 4.63
N TYR C 173 14.87 25.03 5.19
CA TYR C 173 13.49 25.27 5.59
C TYR C 173 13.37 25.37 7.10
N ASP C 174 12.27 25.95 7.55
CA ASP C 174 12.04 26.08 8.99
C ASP C 174 11.60 24.79 9.64
N ASP C 175 10.88 23.95 8.91
N ASP C 175 10.90 23.94 8.90
CA ASP C 175 10.33 22.71 9.45
CA ASP C 175 10.33 22.71 9.45
C ASP C 175 9.85 21.90 8.26
C ASP C 175 9.87 21.88 8.27
N ALA C 176 9.45 20.66 8.54
CA ALA C 176 8.92 19.77 7.52
C ALA C 176 7.66 19.08 8.02
N LEU C 177 6.67 19.04 7.13
CA LEU C 177 5.49 18.21 7.28
C LEU C 177 5.83 16.86 6.68
N TRP C 178 5.15 15.83 7.15
CA TRP C 178 5.19 14.57 6.45
C TRP C 178 3.80 14.15 6.02
N LEU C 179 3.80 13.26 5.03
CA LEU C 179 2.62 12.63 4.48
C LEU C 179 2.44 11.24 5.08
N ASP C 180 1.23 10.73 4.97
CA ASP C 180 1.00 9.31 5.23
C ASP C 180 1.26 8.51 3.97
N HIS C 181 1.12 7.19 4.07
CA HIS C 181 1.50 6.39 2.92
C HIS C 181 0.52 6.48 1.76
N SER C 182 -0.66 7.07 1.96
N SER C 182 -0.65 7.07 1.96
CA SER C 182 -1.55 7.38 0.85
CA SER C 182 -1.56 7.39 0.87
C SER C 182 -1.24 8.72 0.21
C SER C 182 -1.27 8.75 0.25
N GLY C 183 -0.17 9.40 0.65
CA GLY C 183 0.22 10.66 0.05
C GLY C 183 -0.55 11.85 0.54
N HIS C 184 -1.26 11.71 1.65
CA HIS C 184 -1.98 12.86 2.20
C HIS C 184 -1.23 13.45 3.38
N VAL C 185 -1.33 14.78 3.49
CA VAL C 185 -0.54 15.50 4.47
C VAL C 185 -1.00 15.16 5.88
N SER C 186 -0.05 14.95 6.77
CA SER C 186 -0.37 14.56 8.13
C SER C 186 -0.11 15.70 9.11
N GLU C 187 1.15 15.90 9.49
CA GLU C 187 1.52 16.79 10.59
C GLU C 187 3.04 16.97 10.54
N SER C 188 3.54 17.74 11.49
CA SER C 188 4.97 17.83 11.75
C SER C 188 5.25 17.25 13.12
N ALA C 189 6.53 17.21 13.50
CA ALA C 189 6.92 16.59 14.76
C ALA C 189 6.34 17.34 15.95
N ALA C 190 6.17 18.66 15.83
CA ALA C 190 5.72 19.47 16.94
C ALA C 190 4.30 19.98 16.78
N SER C 191 3.71 19.87 15.59
CA SER C 191 2.53 20.67 15.28
C SER C 191 1.54 19.91 14.42
N ASN C 192 0.29 20.35 14.51
CA ASN C 192 -0.72 19.96 13.55
C ASN C 192 -0.83 21.04 12.48
N LEU C 193 -1.50 20.69 11.39
CA LEU C 193 -1.57 21.53 10.20
C LEU C 193 -3.02 21.93 9.92
N PHE C 194 -3.23 23.23 9.65
CA PHE C 194 -4.51 23.74 9.18
C PHE C 194 -4.34 24.50 7.87
N ILE C 195 -5.36 24.42 6.99
CA ILE C 195 -5.44 25.29 5.83
C ILE C 195 -6.81 25.95 5.81
N VAL C 196 -6.90 27.04 5.06
CA VAL C 196 -8.15 27.75 4.79
C VAL C 196 -8.37 27.77 3.29
N LYS C 197 -9.58 27.41 2.86
CA LYS C 197 -9.95 27.53 1.45
C LYS C 197 -11.38 28.03 1.37
N ASN C 198 -11.57 29.16 0.69
CA ASN C 198 -12.87 29.80 0.51
C ASN C 198 -13.65 29.90 1.81
N GLY C 199 -12.98 30.37 2.85
CA GLY C 199 -13.65 30.65 4.10
C GLY C 199 -13.90 29.47 5.01
N VAL C 200 -13.39 28.29 4.66
CA VAL C 200 -13.57 27.07 5.45
C VAL C 200 -12.21 26.61 5.94
N LEU C 201 -12.16 26.22 7.21
CA LEU C 201 -10.96 25.69 7.82
C LEU C 201 -10.92 24.18 7.64
N TYR C 202 -9.77 23.65 7.21
CA TYR C 202 -9.58 22.22 7.01
C TYR C 202 -8.35 21.73 7.74
N THR C 203 -8.42 20.48 8.21
CA THR C 203 -7.28 19.90 8.90
C THR C 203 -7.29 18.39 8.68
N PRO C 204 -6.12 17.76 8.54
CA PRO C 204 -6.08 16.30 8.32
C PRO C 204 -6.86 15.52 9.37
N SER C 205 -7.47 14.44 8.93
CA SER C 205 -8.33 13.62 9.78
C SER C 205 -7.65 12.39 10.34
N ALA C 206 -6.62 11.87 9.70
CA ALA C 206 -6.06 10.58 10.14
C ALA C 206 -4.54 10.63 10.11
N GLY C 207 -3.93 9.64 10.76
CA GLY C 207 -2.49 9.51 10.72
C GLY C 207 -1.75 10.56 11.50
N ILE C 208 -2.36 11.11 12.54
CA ILE C 208 -1.80 12.22 13.31
C ILE C 208 -1.93 11.98 14.81
N LEU C 209 -1.12 12.72 15.56
CA LEU C 209 -1.37 13.01 16.96
C LEU C 209 -2.52 14.01 17.02
N ARG C 210 -3.55 13.72 17.82
N ARG C 210 -3.54 13.71 17.81
CA ARG C 210 -4.69 14.62 17.94
CA ARG C 210 -4.68 14.61 17.94
C ARG C 210 -4.32 15.69 18.96
C ARG C 210 -4.32 15.69 18.95
N GLY C 211 -3.78 16.80 18.44
CA GLY C 211 -3.28 17.85 19.30
C GLY C 211 -4.38 18.50 20.11
N ILE C 212 -3.99 18.95 21.31
CA ILE C 212 -4.91 19.74 22.12
C ILE C 212 -5.05 21.14 21.55
N THR C 213 -3.98 21.69 20.98
CA THR C 213 -4.13 22.98 20.32
C THR C 213 -5.07 22.85 19.12
N ARG C 214 -4.90 21.77 18.36
CA ARG C 214 -5.82 21.44 17.27
C ARG C 214 -7.27 21.39 17.76
N ASP C 215 -7.52 20.65 18.85
CA ASP C 215 -8.86 20.63 19.45
C ASP C 215 -9.35 22.05 19.72
N THR C 216 -8.48 22.87 20.32
CA THR C 216 -8.85 24.22 20.71
C THR C 216 -9.14 25.09 19.50
N ILE C 217 -8.37 24.91 18.43
CA ILE C 217 -8.61 25.68 17.21
C ILE C 217 -9.98 25.36 16.63
N LEU C 218 -10.39 24.09 16.65
CA LEU C 218 -11.73 23.76 16.17
C LEU C 218 -12.79 24.38 17.07
N GLU C 219 -12.56 24.39 18.38
N GLU C 219 -12.58 24.32 18.39
CA GLU C 219 -13.53 25.02 19.28
CA GLU C 219 -13.45 25.01 19.33
C GLU C 219 -13.62 26.52 19.04
C GLU C 219 -13.61 26.48 18.97
N LEU C 220 -12.49 27.17 18.81
CA LEU C 220 -12.50 28.61 18.55
C LEU C 220 -13.15 28.92 17.22
N ALA C 221 -12.87 28.11 16.19
CA ALA C 221 -13.52 28.33 14.91
C ALA C 221 -15.03 28.31 15.06
N THR C 222 -15.55 27.34 15.81
CA THR C 222 -16.98 27.29 16.06
C THR C 222 -17.47 28.55 16.79
N GLU C 223 -16.72 29.01 17.79
CA GLU C 223 -17.11 30.21 18.52
C GLU C 223 -17.16 31.42 17.60
N LEU C 224 -16.28 31.45 16.59
CA LEU C 224 -16.17 32.55 15.64
C LEU C 224 -17.02 32.36 14.39
N ASP C 225 -17.87 31.33 14.34
CA ASP C 225 -18.70 31.05 13.17
C ASP C 225 -17.88 30.81 11.92
N ILE C 226 -16.73 30.17 12.06
CA ILE C 226 -15.88 29.77 10.95
C ILE C 226 -16.13 28.30 10.70
N PRO C 227 -16.68 27.91 9.55
CA PRO C 227 -16.93 26.48 9.30
C PRO C 227 -15.63 25.72 9.22
N TRP C 228 -15.67 24.47 9.68
CA TRP C 228 -14.46 23.66 9.61
C TRP C 228 -14.79 22.22 9.27
N LYS C 229 -13.78 21.54 8.72
CA LYS C 229 -13.87 20.14 8.34
C LYS C 229 -12.56 19.41 8.63
N GLU C 230 -12.68 18.21 9.19
CA GLU C 230 -11.59 17.23 9.18
C GLU C 230 -11.67 16.42 7.89
N ARG C 231 -10.58 16.38 7.13
N ARG C 231 -10.60 16.42 7.09
CA ARG C 231 -10.62 15.78 5.81
CA ARG C 231 -10.64 15.80 5.77
C ARG C 231 -9.21 15.38 5.40
C ARG C 231 -9.22 15.41 5.37
N GLN C 232 -9.14 14.43 4.48
CA GLN C 232 -7.88 14.10 3.82
C GLN C 232 -7.48 15.26 2.94
N LEU C 233 -6.23 15.68 3.05
CA LEU C 233 -5.67 16.76 2.26
C LEU C 233 -4.38 16.28 1.64
N SER C 234 -4.17 16.60 0.36
CA SER C 234 -2.87 16.34 -0.26
C SER C 234 -2.02 17.61 -0.25
N ALA C 235 -0.77 17.47 -0.67
CA ALA C 235 0.09 18.65 -0.74
C ALA C 235 -0.51 19.71 -1.66
N PHE C 236 -1.14 19.29 -2.75
CA PHE C 236 -1.85 20.19 -3.65
C PHE C 236 -2.80 21.11 -2.90
N ASP C 237 -3.61 20.54 -2.00
CA ASP C 237 -4.55 21.32 -1.21
C ASP C 237 -3.84 22.44 -0.45
N VAL C 238 -2.65 22.14 0.07
CA VAL C 238 -1.88 23.13 0.82
C VAL C 238 -1.36 24.21 -0.11
N TYR C 239 -0.77 23.83 -1.25
CA TYR C 239 -0.20 24.81 -2.15
C TYR C 239 -1.22 25.85 -2.59
N ILE C 240 -2.47 25.41 -2.82
CA ILE C 240 -3.49 26.28 -3.40
C ILE C 240 -4.36 26.94 -2.35
N ALA C 241 -4.09 26.69 -1.06
CA ALA C 241 -4.94 27.21 0.01
C ALA C 241 -4.88 28.74 0.05
N ASP C 242 -5.92 29.33 0.62
CA ASP C 242 -5.93 30.77 0.86
C ASP C 242 -5.03 31.15 2.04
N GLU C 243 -4.92 30.25 3.02
CA GLU C 243 -4.13 30.47 4.22
C GLU C 243 -3.64 29.11 4.71
N VAL C 244 -2.49 29.12 5.37
CA VAL C 244 -1.93 27.92 5.98
C VAL C 244 -1.30 28.29 7.32
N PHE C 245 -1.53 27.45 8.33
CA PHE C 245 -0.85 27.65 9.62
C PHE C 245 -0.71 26.31 10.32
N THR C 246 0.28 26.23 11.20
CA THR C 246 0.46 25.07 12.06
C THR C 246 0.10 25.47 13.48
N CYS C 247 -0.05 24.49 14.36
CA CYS C 247 -0.38 24.81 15.75
C CYS C 247 0.22 23.79 16.69
N SER C 248 0.52 24.26 17.90
CA SER C 248 1.24 23.47 18.89
C SER C 248 1.10 24.14 20.25
N THR C 249 1.23 23.33 21.31
CA THR C 249 1.36 23.91 22.65
C THR C 249 2.56 24.83 22.72
N ALA C 250 3.59 24.56 21.92
CA ALA C 250 4.73 25.47 21.83
C ALA C 250 4.35 26.55 20.84
N GLY C 251 3.71 27.61 21.35
CA GLY C 251 3.52 28.83 20.59
C GLY C 251 2.14 29.07 20.01
N GLY C 252 1.21 28.13 20.14
CA GLY C 252 -0.10 28.33 19.54
C GLY C 252 -0.05 28.22 18.02
N ALA C 253 -0.85 29.05 17.36
CA ALA C 253 -0.88 29.06 15.91
C ALA C 253 0.34 29.79 15.35
N LEU C 254 0.83 29.27 14.22
CA LEU C 254 2.02 29.79 13.55
C LEU C 254 1.75 29.88 12.05
N PRO C 255 1.72 31.09 11.48
CA PRO C 255 1.41 31.20 10.05
C PRO C 255 2.50 30.61 9.20
N VAL C 256 2.09 30.10 8.04
CA VAL C 256 2.97 29.51 7.03
C VAL C 256 2.85 30.35 5.77
N ARG C 257 3.98 30.90 5.31
N ARG C 257 3.98 30.90 5.31
CA ARG C 257 3.99 31.71 4.11
CA ARG C 257 3.99 31.72 4.11
C ARG C 257 4.36 30.95 2.84
C ARG C 257 4.37 30.96 2.84
N GLU C 258 4.94 29.77 2.97
CA GLU C 258 5.37 29.02 1.79
C GLU C 258 5.51 27.54 2.15
N VAL C 259 5.14 26.69 1.19
CA VAL C 259 5.36 25.26 1.33
C VAL C 259 6.02 24.77 0.05
N ALA C 260 7.23 24.23 0.19
CA ALA C 260 7.91 23.53 -0.90
C ALA C 260 8.01 24.39 -2.16
N GLY C 261 8.35 25.65 -1.99
CA GLY C 261 8.54 26.54 -3.12
C GLY C 261 7.29 27.23 -3.62
N ARG C 262 6.12 26.86 -3.10
CA ARG C 262 4.86 27.50 -3.45
C ARG C 262 4.52 28.53 -2.38
N THR C 263 4.57 29.81 -2.76
CA THR C 263 4.18 30.87 -1.83
C THR C 263 2.67 30.85 -1.68
N ILE C 264 2.19 30.77 -0.44
CA ILE C 264 0.75 30.76 -0.20
C ILE C 264 0.19 32.10 -0.65
N ARG C 265 -0.85 32.06 -1.48
CA ARG C 265 -1.37 33.30 -2.03
C ARG C 265 -2.03 34.12 -0.94
N GLY C 266 -2.19 35.41 -1.21
CA GLY C 266 -2.73 36.34 -0.25
C GLY C 266 -1.70 36.78 0.77
N THR C 267 -2.15 37.60 1.70
CA THR C 267 -1.28 38.10 2.76
C THR C 267 -1.13 37.04 3.85
N THR C 268 0.10 36.89 4.34
CA THR C 268 0.39 36.00 5.45
C THR C 268 0.81 36.85 6.64
N PRO C 269 0.16 36.75 7.81
CA PRO C 269 -0.97 35.82 8.07
C PRO C 269 -2.28 36.30 7.47
N GLY C 270 -3.11 35.34 7.06
CA GLY C 270 -4.41 35.64 6.47
C GLY C 270 -5.45 35.95 7.53
N PRO C 271 -6.63 36.40 7.06
CA PRO C 271 -7.62 36.92 8.02
C PRO C 271 -8.16 35.88 9.00
N ILE C 272 -8.39 34.64 8.56
CA ILE C 272 -8.88 33.62 9.48
C ILE C 272 -7.76 33.17 10.42
N THR C 273 -6.53 33.06 9.91
CA THR C 273 -5.41 32.73 10.77
C THR C 273 -5.32 33.74 11.92
N GLN C 274 -5.41 35.02 11.58
CA GLN C 274 -5.32 36.07 12.59
C GLN C 274 -6.49 36.02 13.57
N ALA C 275 -7.71 35.82 13.07
CA ALA C 275 -8.87 35.73 13.95
C ALA C 275 -8.74 34.57 14.94
N ILE C 276 -8.26 33.42 14.47
CA ILE C 276 -8.11 32.27 15.35
C ILE C 276 -6.97 32.50 16.33
N ASP C 277 -5.83 33.00 15.83
CA ASP C 277 -4.70 33.31 16.69
C ASP C 277 -5.10 34.29 17.80
N ASN C 278 -5.76 35.37 17.43
CA ASN C 278 -6.17 36.35 18.43
C ASN C 278 -7.12 35.72 19.44
N ALA C 279 -8.04 34.87 18.98
CA ALA C 279 -9.02 34.28 19.89
C ALA C 279 -8.36 33.27 20.82
N TYR C 280 -7.34 32.58 20.34
CA TYR C 280 -6.61 31.65 21.20
C TYR C 280 -5.93 32.39 22.34
N TRP C 281 -5.20 33.47 22.02
CA TRP C 281 -4.49 34.22 23.07
C TRP C 281 -5.46 34.98 23.95
N ALA C 282 -6.57 35.49 23.40
CA ALA C 282 -7.59 36.08 24.25
C ALA C 282 -8.13 35.03 25.22
N MET C 283 -8.36 33.81 24.73
CA MET C 283 -8.72 32.73 25.64
C MET C 283 -7.59 32.49 26.65
N ARG C 284 -6.33 32.56 26.23
CA ARG C 284 -5.22 32.29 27.14
C ARG C 284 -5.09 33.38 28.19
N GLU C 285 -5.50 34.61 27.87
CA GLU C 285 -5.52 35.67 28.86
C GLU C 285 -6.67 35.52 29.84
N THR C 286 -7.66 34.69 29.55
N THR C 286 -7.63 34.64 29.53
CA THR C 286 -8.70 34.45 30.53
CA THR C 286 -8.74 34.32 30.40
C THR C 286 -8.28 33.31 31.47
C THR C 286 -8.40 33.13 31.30
N ASP C 287 -9.20 32.95 32.34
CA ASP C 287 -9.09 31.78 33.20
C ASP C 287 -9.87 30.58 32.62
N ARG C 288 -10.28 30.64 31.36
CA ARG C 288 -10.93 29.50 30.75
C ARG C 288 -9.95 28.34 30.67
N TYR C 289 -10.38 27.17 31.12
CA TYR C 289 -9.54 25.97 31.11
C TYR C 289 -8.28 26.16 31.95
N ALA C 290 -8.34 27.04 32.94
CA ALA C 290 -7.16 27.39 33.72
C ALA C 290 -7.04 26.61 35.02
N THR C 291 -5.80 26.18 35.30
CA THR C 291 -5.38 25.73 36.60
C THR C 291 -4.34 26.72 37.12
N PRO C 292 -4.67 27.56 38.10
CA PRO C 292 -3.71 28.59 38.53
C PRO C 292 -2.58 28.01 39.34
N LEU C 293 -1.40 28.61 39.16
CA LEU C 293 -0.23 28.17 39.93
C LEU C 293 -0.33 28.60 41.37
N SER C 294 -0.98 29.73 41.64
CA SER C 294 -1.30 30.18 43.00
C SER C 294 -2.80 30.07 43.21
N GLY C 295 -3.20 29.37 44.27
CA GLY C 295 -4.61 29.22 44.58
C GLY C 295 -5.30 28.16 43.75
N SER D 2 -16.74 24.94 -43.50
CA SER D 2 -15.42 24.66 -42.93
C SER D 2 -14.44 25.79 -43.18
N ASP D 3 -14.61 26.84 -42.42
CA ASP D 3 -13.55 27.75 -42.07
C ASP D 3 -12.63 27.03 -41.07
N GLU D 4 -11.40 27.37 -41.16
CA GLU D 4 -10.38 26.85 -40.28
C GLU D 4 -10.58 27.34 -38.85
N PRO D 5 -10.34 26.50 -37.84
CA PRO D 5 -10.35 27.02 -36.47
C PRO D 5 -9.31 28.10 -36.27
N ILE D 6 -9.63 29.06 -35.42
CA ILE D 6 -8.71 30.13 -35.03
C ILE D 6 -8.24 29.85 -33.61
N ILE D 7 -6.92 29.89 -33.42
CA ILE D 7 -6.27 29.56 -32.16
C ILE D 7 -5.72 30.84 -31.57
N TYR D 8 -5.85 31.00 -30.25
CA TYR D 8 -5.06 31.98 -29.51
C TYR D 8 -3.74 31.34 -29.13
N ILE D 9 -2.63 31.99 -29.47
CA ILE D 9 -1.33 31.46 -29.09
C ILE D 9 -0.38 32.62 -28.83
N ASN D 10 -0.02 32.77 -27.56
CA ASN D 10 0.89 33.83 -27.09
C ASN D 10 0.52 35.21 -27.63
N GLY D 11 -0.77 35.54 -27.56
CA GLY D 11 -1.24 36.87 -27.85
C GLY D 11 -1.75 37.06 -29.26
N ASP D 12 -1.54 36.08 -30.12
CA ASP D 12 -1.89 36.16 -31.53
C ASP D 12 -3.07 35.23 -31.82
N TYR D 13 -3.92 35.65 -32.75
CA TYR D 13 -5.05 34.85 -33.22
C TYR D 13 -4.70 34.34 -34.62
N LEU D 14 -4.51 33.03 -34.74
CA LEU D 14 -4.05 32.45 -35.99
C LEU D 14 -4.91 31.27 -36.40
N PRO D 15 -5.04 31.04 -37.71
CA PRO D 15 -5.63 29.78 -38.16
C PRO D 15 -4.84 28.61 -37.62
N LEU D 16 -5.55 27.54 -37.25
CA LEU D 16 -4.88 26.40 -36.62
C LEU D 16 -3.70 25.96 -37.47
N SER D 17 -3.88 25.92 -38.79
CA SER D 17 -2.85 25.49 -39.72
C SER D 17 -1.55 26.26 -39.56
N GLN D 18 -1.60 27.51 -39.11
CA GLN D 18 -0.40 28.30 -38.95
C GLN D 18 0.02 28.48 -37.50
N ALA D 19 -0.79 28.06 -36.54
CA ALA D 19 -0.40 28.12 -35.15
C ALA D 19 0.64 27.03 -34.86
N ARG D 20 1.72 27.40 -34.19
CA ARG D 20 2.85 26.49 -34.03
C ARG D 20 3.23 26.34 -32.57
N VAL D 21 3.35 25.09 -32.14
CA VAL D 21 4.08 24.73 -30.92
C VAL D 21 5.47 24.29 -31.35
N SER D 22 6.50 24.77 -30.66
CA SER D 22 7.84 24.40 -31.02
C SER D 22 8.12 22.95 -30.61
N PRO D 23 8.85 22.19 -31.42
CA PRO D 23 9.19 20.81 -31.00
C PRO D 23 9.95 20.74 -29.70
N VAL D 24 10.56 21.84 -29.25
CA VAL D 24 11.28 21.83 -28.00
C VAL D 24 10.52 22.53 -26.88
N ASP D 25 9.24 22.85 -27.10
CA ASP D 25 8.40 23.32 -26.00
C ASP D 25 8.37 22.29 -24.88
N GLN D 26 8.55 22.74 -23.63
CA GLN D 26 8.57 21.78 -22.54
C GLN D 26 7.19 21.18 -22.28
N GLY D 27 6.14 21.83 -22.75
CA GLY D 27 4.83 21.20 -22.72
C GLY D 27 4.76 19.96 -23.61
N PHE D 28 5.48 19.99 -24.73
CA PHE D 28 5.54 18.85 -25.65
C PHE D 28 6.53 17.80 -25.17
N LEU D 29 7.76 18.22 -24.84
CA LEU D 29 8.79 17.24 -24.55
C LEU D 29 8.61 16.59 -23.19
N LEU D 30 8.05 17.33 -22.23
CA LEU D 30 8.02 16.89 -20.85
C LEU D 30 6.63 16.91 -20.24
N GLY D 31 5.61 17.31 -20.99
CA GLY D 31 4.28 17.39 -20.42
C GLY D 31 4.16 18.44 -19.36
N ASP D 32 4.99 19.48 -19.44
CA ASP D 32 5.11 20.48 -18.37
C ASP D 32 4.10 21.59 -18.68
N GLY D 33 2.85 21.31 -18.35
CA GLY D 33 1.78 22.26 -18.57
C GLY D 33 0.51 21.77 -17.93
N VAL D 34 -0.40 22.73 -17.71
CA VAL D 34 -1.73 22.45 -17.18
C VAL D 34 -2.75 23.09 -18.12
N PHE D 35 -4.00 22.67 -17.95
CA PHE D 35 -5.05 23.13 -18.85
C PHE D 35 -6.39 23.05 -18.14
N ASP D 36 -7.38 23.70 -18.73
CA ASP D 36 -8.76 23.54 -18.28
C ASP D 36 -9.64 23.62 -19.52
N VAL D 37 -10.90 23.24 -19.36
CA VAL D 37 -11.85 23.24 -20.46
C VAL D 37 -13.17 23.79 -19.94
N VAL D 38 -13.69 24.82 -20.60
CA VAL D 38 -14.98 25.42 -20.30
C VAL D 38 -15.83 25.27 -21.56
N SER D 39 -17.15 25.32 -21.39
CA SER D 39 -18.08 25.15 -22.48
C SER D 39 -18.96 26.38 -22.68
N ALA D 40 -19.39 26.57 -23.93
CA ALA D 40 -20.43 27.52 -24.28
C ALA D 40 -21.66 26.76 -24.77
N TRP D 41 -22.84 27.28 -24.41
CA TRP D 41 -24.10 26.69 -24.83
C TRP D 41 -25.03 27.83 -25.23
N LYS D 42 -25.53 27.79 -26.47
CA LYS D 42 -26.43 28.81 -27.00
C LYS D 42 -25.94 30.22 -26.67
N GLY D 43 -24.66 30.45 -26.91
CA GLY D 43 -24.08 31.76 -26.86
C GLY D 43 -23.65 32.23 -25.50
N ASN D 44 -23.66 31.35 -24.50
CA ASN D 44 -23.22 31.67 -23.15
C ASN D 44 -22.14 30.70 -22.72
N ILE D 45 -21.03 31.24 -22.21
CA ILE D 45 -20.04 30.42 -21.53
C ILE D 45 -20.55 30.14 -20.12
N PHE D 46 -20.37 28.92 -19.64
CA PHE D 46 -20.94 28.49 -18.37
C PHE D 46 -19.82 28.28 -17.34
N LYS D 47 -19.92 28.98 -16.22
CA LYS D 47 -19.01 28.84 -15.08
C LYS D 47 -17.57 29.17 -15.48
N LEU D 48 -17.39 30.22 -16.27
CA LEU D 48 -16.05 30.63 -16.67
C LEU D 48 -15.20 30.98 -15.46
N ASP D 49 -15.77 31.70 -14.49
CA ASP D 49 -14.98 32.09 -13.32
C ASP D 49 -14.54 30.88 -12.51
N ALA D 50 -15.41 29.88 -12.36
CA ALA D 50 -15.02 28.68 -11.62
C ALA D 50 -13.93 27.92 -12.33
N HIS D 51 -13.98 27.86 -13.66
CA HIS D 51 -12.94 27.15 -14.39
C HIS D 51 -11.63 27.91 -14.33
N LEU D 52 -11.68 29.24 -14.37
CA LEU D 52 -10.45 30.02 -14.23
C LEU D 52 -9.86 29.85 -12.84
N ASP D 53 -10.71 29.80 -11.81
CA ASP D 53 -10.23 29.53 -10.46
C ASP D 53 -9.44 28.24 -10.41
N ARG D 54 -9.99 27.17 -11.01
CA ARG D 54 -9.31 25.88 -10.98
C ARG D 54 -8.02 25.89 -11.79
N PHE D 55 -8.06 26.51 -12.96
CA PHE D 55 -6.87 26.68 -13.80
C PHE D 55 -5.76 27.35 -13.01
N PHE D 56 -6.08 28.43 -12.32
CA PHE D 56 -5.04 29.11 -11.56
C PHE D 56 -4.65 28.35 -10.29
N ASP D 57 -5.51 27.50 -9.75
CA ASP D 57 -5.06 26.56 -8.72
C ASP D 57 -3.99 25.63 -9.26
N SER D 58 -4.26 24.99 -10.41
CA SER D 58 -3.27 24.10 -11.03
C SER D 58 -1.97 24.84 -11.30
N ILE D 59 -2.08 26.08 -11.80
CA ILE D 59 -0.91 26.90 -12.06
C ILE D 59 -0.10 27.11 -10.80
N GLN D 60 -0.79 27.44 -9.70
CA GLN D 60 -0.12 27.67 -8.43
C GLN D 60 0.60 26.43 -7.96
N ALA D 61 -0.06 25.28 -8.03
CA ALA D 61 0.55 24.05 -7.52
C ALA D 61 1.76 23.63 -8.35
N ALA D 62 1.72 23.89 -9.66
CA ALA D 62 2.81 23.51 -10.56
C ALA D 62 3.85 24.62 -10.72
N ARG D 63 3.70 25.72 -9.98
N ARG D 63 3.69 25.72 -9.99
CA ARG D 63 4.60 26.86 -10.06
CA ARG D 63 4.60 26.86 -10.07
C ARG D 63 4.72 27.37 -11.49
C ARG D 63 4.72 27.36 -11.50
N LEU D 64 3.60 27.37 -12.21
CA LEU D 64 3.53 27.93 -13.56
C LEU D 64 3.09 29.40 -13.54
N ASN D 65 3.24 30.07 -12.41
CA ASN D 65 2.88 31.48 -12.32
C ASN D 65 3.60 32.28 -13.39
N HIS D 66 2.86 33.16 -14.06
CA HIS D 66 3.36 33.89 -15.21
C HIS D 66 2.62 35.22 -15.32
N ASP D 67 2.99 36.01 -16.33
CA ASP D 67 2.60 37.42 -16.34
C ASP D 67 1.21 37.67 -16.90
N MET D 68 0.64 36.75 -17.66
CA MET D 68 -0.69 36.97 -18.23
C MET D 68 -1.73 36.93 -17.11
N SER D 69 -2.42 38.05 -16.90
CA SER D 69 -3.36 38.15 -15.80
C SER D 69 -4.59 37.26 -16.03
N ARG D 70 -5.29 37.00 -14.92
CA ARG D 70 -6.57 36.30 -15.01
C ARG D 70 -7.54 36.99 -15.96
N ASP D 71 -7.59 38.33 -15.93
CA ASP D 71 -8.50 39.04 -16.82
C ASP D 71 -8.08 38.90 -18.27
N ALA D 72 -6.77 38.87 -18.53
CA ALA D 72 -6.29 38.68 -19.90
C ALA D 72 -6.63 37.28 -20.40
N TRP D 73 -6.54 36.30 -19.51
CA TRP D 73 -6.96 34.95 -19.88
C TRP D 73 -8.45 34.91 -20.20
N LYS D 74 -9.26 35.52 -19.34
CA LYS D 74 -10.71 35.56 -19.57
C LYS D 74 -11.04 36.23 -20.89
N GLU D 75 -10.40 37.39 -21.16
CA GLU D 75 -10.65 38.08 -22.42
C GLU D 75 -10.19 37.24 -23.61
N ALA D 76 -9.07 36.53 -23.48
CA ALA D 76 -8.62 35.67 -24.57
C ALA D 76 -9.58 34.51 -24.78
N ILE D 77 -10.09 33.92 -23.70
CA ILE D 77 -11.04 32.82 -23.85
C ILE D 77 -12.30 33.31 -24.55
N ILE D 78 -12.81 34.49 -24.16
CA ILE D 78 -14.04 34.99 -24.76
C ILE D 78 -13.81 35.38 -26.21
N GLU D 79 -12.70 36.06 -26.49
CA GLU D 79 -12.49 36.53 -27.86
C GLU D 79 -12.18 35.36 -28.81
N THR D 80 -11.41 34.37 -28.34
CA THR D 80 -11.15 33.24 -29.22
C THR D 80 -12.45 32.54 -29.59
N THR D 81 -13.36 32.37 -28.62
CA THR D 81 -14.64 31.76 -28.91
C THR D 81 -15.43 32.59 -29.91
N ARG D 82 -15.50 33.91 -29.69
CA ARG D 82 -16.22 34.77 -30.62
C ARG D 82 -15.66 34.64 -32.03
N ARG D 83 -14.33 34.61 -32.16
CA ARG D 83 -13.71 34.57 -33.49
C ARG D 83 -13.96 33.26 -34.22
N ASN D 84 -14.31 32.19 -33.50
CA ASN D 84 -14.63 30.93 -34.13
C ASN D 84 -16.09 30.83 -34.51
N GLY D 85 -16.90 31.82 -34.14
CA GLY D 85 -18.29 31.88 -34.60
C GLY D 85 -19.15 30.73 -34.12
N LEU D 86 -18.86 30.19 -32.95
CA LEU D 86 -19.66 29.10 -32.39
C LEU D 86 -20.46 29.60 -31.19
N ASP D 87 -21.73 29.22 -31.14
CA ASP D 87 -22.55 29.45 -29.96
C ASP D 87 -22.51 28.27 -29.00
N ASP D 88 -22.22 27.07 -29.51
CA ASP D 88 -22.01 25.88 -28.69
C ASP D 88 -20.55 25.47 -28.87
N ALA D 89 -19.77 25.46 -27.79
CA ALA D 89 -18.35 25.24 -27.97
C ALA D 89 -17.71 24.51 -26.79
N SER D 90 -16.62 23.82 -27.10
CA SER D 90 -15.69 23.26 -26.13
C SER D 90 -14.39 24.05 -26.20
N ILE D 91 -14.03 24.70 -25.10
CA ILE D 91 -12.99 25.73 -25.08
C ILE D 91 -11.88 25.28 -24.15
N ARG D 92 -10.71 24.99 -24.71
CA ARG D 92 -9.58 24.51 -23.91
C ARG D 92 -8.55 25.60 -23.79
N PHE D 93 -8.10 25.88 -22.56
CA PHE D 93 -7.02 26.84 -22.36
C PHE D 93 -5.88 26.16 -21.64
N ILE D 94 -4.66 26.44 -22.11
CA ILE D 94 -3.46 25.69 -21.81
C ILE D 94 -2.32 26.65 -21.49
N VAL D 95 -1.56 26.38 -20.42
CA VAL D 95 -0.29 27.09 -20.21
C VAL D 95 0.81 26.07 -20.00
N THR D 96 1.93 26.25 -20.68
CA THR D 96 3.10 25.37 -20.49
C THR D 96 4.32 26.18 -20.08
N ARG D 97 5.34 25.45 -19.59
CA ARG D 97 6.63 26.02 -19.20
C ARG D 97 7.40 26.58 -20.41
N GLY D 98 6.95 26.29 -21.64
CA GLY D 98 7.51 26.97 -22.78
C GLY D 98 8.83 26.44 -23.28
N GLU D 99 9.44 27.24 -24.17
CA GLU D 99 10.71 26.89 -24.77
C GLU D 99 11.84 27.33 -23.83
N PRO D 100 12.90 26.54 -23.71
CA PRO D 100 13.89 26.83 -22.66
C PRO D 100 14.55 28.18 -22.89
N LYS D 101 14.78 28.87 -21.77
CA LYS D 101 15.16 30.27 -21.71
C LYS D 101 16.54 30.38 -21.08
N GLY D 102 17.39 31.25 -21.63
CA GLY D 102 18.71 31.41 -21.08
C GLY D 102 19.60 30.21 -21.37
N VAL D 103 20.47 29.89 -20.41
CA VAL D 103 21.52 28.91 -20.64
C VAL D 103 21.28 27.58 -19.91
N VAL D 104 20.53 27.57 -18.82
CA VAL D 104 20.18 26.29 -18.19
C VAL D 104 18.75 26.37 -17.69
N ALA D 105 17.99 25.29 -17.93
CA ALA D 105 16.55 25.29 -17.67
C ALA D 105 16.27 25.16 -16.18
N ASP D 106 15.58 26.15 -15.64
CA ASP D 106 15.19 26.22 -14.22
C ASP D 106 13.70 26.45 -14.27
N PRO D 107 12.86 25.50 -13.83
CA PRO D 107 11.41 25.68 -14.00
C PRO D 107 10.84 26.86 -13.26
N ARG D 108 11.61 27.51 -12.39
CA ARG D 108 11.17 28.74 -11.74
C ARG D 108 11.33 29.97 -12.63
N ASP D 109 12.00 29.83 -13.77
CA ASP D 109 12.32 30.97 -14.62
C ASP D 109 12.02 30.54 -16.05
N PHE D 110 10.90 31.02 -16.60
CA PHE D 110 10.44 30.51 -17.88
C PHE D 110 9.57 31.55 -18.55
N LYS D 111 9.41 31.39 -19.85
CA LYS D 111 8.48 32.20 -20.62
C LYS D 111 7.37 31.26 -21.08
N PRO D 112 6.13 31.47 -20.68
CA PRO D 112 5.11 30.44 -20.91
C PRO D 112 4.64 30.40 -22.36
N THR D 113 4.06 29.25 -22.70
CA THR D 113 3.24 29.11 -23.89
C THR D 113 1.79 29.12 -23.44
N CYS D 114 1.00 30.03 -24.01
CA CYS D 114 -0.39 30.26 -23.63
C CYS D 114 -1.28 30.05 -24.85
N ILE D 115 -2.22 29.11 -24.76
CA ILE D 115 -3.03 28.72 -25.89
C ILE D 115 -4.50 28.64 -25.50
N VAL D 116 -5.38 29.07 -26.41
CA VAL D 116 -6.81 28.80 -26.32
C VAL D 116 -7.23 28.13 -27.63
N TRP D 117 -7.86 26.96 -27.50
CA TRP D 117 -8.35 26.19 -28.64
C TRP D 117 -9.85 25.98 -28.49
N VAL D 118 -10.61 26.43 -29.47
CA VAL D 118 -12.07 26.37 -29.46
C VAL D 118 -12.54 25.39 -30.52
N ALA D 119 -13.39 24.45 -30.13
CA ALA D 119 -13.95 23.45 -31.02
C ALA D 119 -15.44 23.35 -30.78
N PRO D 120 -16.18 22.71 -31.68
CA PRO D 120 -17.61 22.48 -31.44
C PRO D 120 -17.86 21.73 -30.14
N TYR D 121 -18.99 22.04 -29.51
CA TYR D 121 -19.40 21.34 -28.29
C TYR D 121 -19.48 19.84 -28.58
N ILE D 122 -18.94 19.02 -27.68
CA ILE D 122 -18.89 17.58 -27.87
C ILE D 122 -19.57 16.89 -26.70
N PHE D 123 -20.33 15.84 -27.00
CA PHE D 123 -20.79 14.88 -26.01
C PHE D 123 -19.78 13.71 -25.96
N LEU D 124 -19.89 12.88 -24.92
CA LEU D 124 -19.00 11.74 -24.76
C LEU D 124 -19.59 10.43 -25.26
N ALA D 125 -20.80 10.46 -25.80
CA ALA D 125 -21.40 9.27 -26.40
C ALA D 125 -22.42 9.71 -27.44
N ASP D 126 -22.79 8.80 -28.33
CA ASP D 126 -23.75 9.12 -29.37
C ASP D 126 -25.16 9.25 -28.79
N GLU D 127 -26.11 9.67 -29.63
N GLU D 127 -26.10 9.67 -29.63
CA GLU D 127 -27.45 10.00 -29.14
CA GLU D 127 -27.44 10.00 -29.15
C GLU D 127 -28.14 8.78 -28.54
C GLU D 127 -28.13 8.78 -28.54
N GLU D 128 -27.93 7.60 -29.12
CA GLU D 128 -28.56 6.40 -28.58
C GLU D 128 -28.04 6.10 -27.18
N LYS D 129 -26.74 6.29 -26.95
CA LYS D 129 -26.16 5.98 -25.66
C LYS D 129 -26.53 7.01 -24.61
N ARG D 130 -26.65 8.28 -24.99
N ARG D 130 -26.64 8.28 -24.99
CA ARG D 130 -27.14 9.27 -24.03
CA ARG D 130 -27.14 9.28 -24.05
C ARG D 130 -28.57 8.94 -23.62
C ARG D 130 -28.58 8.96 -23.62
N ARG D 131 -29.36 8.38 -24.53
CA ARG D 131 -30.75 8.05 -24.25
C ARG D 131 -30.86 6.80 -23.38
N ASN D 132 -30.06 5.77 -23.65
CA ASN D 132 -30.26 4.47 -23.03
C ASN D 132 -29.15 4.09 -22.05
N GLY D 133 -28.08 4.86 -22.01
CA GLY D 133 -26.99 4.59 -21.09
C GLY D 133 -25.79 3.95 -21.77
N ILE D 134 -24.61 4.21 -21.20
CA ILE D 134 -23.36 3.65 -21.70
C ILE D 134 -22.99 2.41 -20.89
N ARG D 135 -22.00 1.68 -21.40
CA ARG D 135 -21.42 0.52 -20.73
C ARG D 135 -19.99 0.85 -20.31
N LEU D 136 -19.71 0.79 -19.02
CA LEU D 136 -18.40 1.09 -18.49
C LEU D 136 -17.74 -0.17 -17.96
N MET D 137 -16.42 -0.21 -18.05
CA MET D 137 -15.66 -1.22 -17.34
C MET D 137 -14.78 -0.55 -16.29
N ILE D 138 -14.16 -1.38 -15.45
CA ILE D 138 -13.13 -0.96 -14.50
C ILE D 138 -11.78 -1.30 -15.10
N SER D 139 -10.89 -0.32 -15.14
CA SER D 139 -9.57 -0.50 -15.73
C SER D 139 -8.67 -1.35 -14.85
N ALA D 140 -7.74 -2.07 -15.49
CA ALA D 140 -6.66 -2.71 -14.74
C ALA D 140 -5.63 -1.71 -14.25
N THR D 141 -5.56 -0.52 -14.86
CA THR D 141 -4.65 0.56 -14.49
C THR D 141 -5.31 1.39 -13.40
N ARG D 142 -4.54 1.72 -12.37
CA ARG D 142 -5.04 2.53 -11.27
C ARG D 142 -4.75 4.02 -11.49
N GLY D 143 -5.46 4.83 -10.71
CA GLY D 143 -5.19 6.24 -10.69
C GLY D 143 -3.82 6.56 -10.10
N PHE D 144 -3.37 7.77 -10.32
CA PHE D 144 -2.10 8.21 -9.75
C PHE D 144 -2.23 8.43 -8.25
N PRO D 145 -1.34 7.89 -7.42
CA PRO D 145 -1.31 8.28 -6.02
C PRO D 145 -1.09 9.79 -5.90
N ALA D 146 -1.59 10.33 -4.79
CA ALA D 146 -1.49 11.77 -4.55
C ALA D 146 -0.05 12.23 -4.45
N ASP D 147 0.86 11.34 -4.01
CA ASP D 147 2.27 11.68 -3.89
C ASP D 147 3.07 11.25 -5.09
N THR D 148 2.41 11.06 -6.25
CA THR D 148 3.13 10.89 -7.50
C THR D 148 2.81 12.10 -8.41
N LEU D 149 1.75 12.04 -9.18
CA LEU D 149 1.22 13.18 -9.92
C LEU D 149 -0.23 13.32 -9.47
N ASP D 150 -0.51 14.28 -8.60
CA ASP D 150 -1.79 14.31 -7.90
C ASP D 150 -2.94 14.33 -8.91
N PRO D 151 -3.96 13.50 -8.73
CA PRO D 151 -5.14 13.59 -9.61
C PRO D 151 -5.79 14.95 -9.65
N ARG D 152 -5.50 15.82 -8.68
CA ARG D 152 -6.08 17.16 -8.69
C ARG D 152 -5.58 18.02 -9.85
N TYR D 153 -4.44 17.67 -10.44
N TYR D 153 -4.43 17.68 -10.44
CA TYR D 153 -3.97 18.38 -11.62
CA TYR D 153 -3.98 18.41 -11.61
C TYR D 153 -4.82 18.05 -12.83
C TYR D 153 -4.84 18.05 -12.81
N LYS D 154 -5.25 19.06 -13.56
CA LYS D 154 -5.76 18.88 -14.92
C LYS D 154 -4.57 19.27 -15.79
N CYS D 155 -3.84 18.26 -16.28
CA CYS D 155 -2.56 18.54 -16.91
C CYS D 155 -2.39 17.72 -18.17
N LEU D 156 -1.28 18.00 -18.88
CA LEU D 156 -1.04 17.43 -20.20
C LEU D 156 -0.61 15.96 -20.13
N ASP D 157 -0.45 15.39 -18.95
CA ASP D 157 0.21 14.10 -18.79
C ASP D 157 -0.84 13.00 -18.70
N ARG D 158 -1.34 12.57 -19.88
CA ARG D 158 -2.49 11.68 -19.96
C ARG D 158 -2.24 10.45 -20.83
N LEU D 159 -0.98 10.06 -21.07
CA LEU D 159 -0.72 8.80 -21.72
C LEU D 159 -1.41 7.66 -20.98
N HIS D 160 -1.41 7.73 -19.65
CA HIS D 160 -2.12 6.83 -18.74
C HIS D 160 -3.55 6.59 -19.20
N SER D 161 -4.30 7.64 -19.39
CA SER D 161 -5.70 7.42 -19.75
C SER D 161 -5.88 7.12 -21.24
N GLN D 162 -4.92 7.46 -22.11
CA GLN D 162 -5.00 7.03 -23.49
C GLN D 162 -4.87 5.51 -23.59
N LEU D 163 -3.99 4.92 -22.78
CA LEU D 163 -3.85 3.46 -22.77
C LEU D 163 -5.06 2.79 -22.16
N ILE D 164 -5.66 3.42 -21.15
CA ILE D 164 -6.93 2.92 -20.61
C ILE D 164 -8.01 2.91 -21.68
N ARG D 165 -8.05 3.95 -22.51
CA ARG D 165 -9.00 4.02 -23.61
C ARG D 165 -8.80 2.90 -24.61
N LEU D 166 -7.55 2.65 -25.02
CA LEU D 166 -7.30 1.54 -25.93
C LEU D 166 -7.85 0.25 -25.35
N GLU D 167 -7.69 0.06 -24.04
CA GLU D 167 -8.13 -1.17 -23.38
C GLU D 167 -9.64 -1.26 -23.34
N ALA D 168 -10.31 -0.16 -23.00
CA ALA D 168 -11.76 -0.14 -23.01
C ALA D 168 -12.31 -0.45 -24.39
N LEU D 169 -11.73 0.16 -25.43
CA LEU D 169 -12.23 -0.07 -26.78
C LEU D 169 -11.99 -1.52 -27.21
N GLU D 170 -10.83 -2.08 -26.87
CA GLU D 170 -10.54 -3.46 -27.22
C GLU D 170 -11.48 -4.43 -26.50
N ALA D 171 -11.92 -4.07 -25.29
CA ALA D 171 -12.84 -4.88 -24.50
C ALA D 171 -14.30 -4.62 -24.85
N GLY D 172 -14.57 -3.69 -25.76
CA GLY D 172 -15.92 -3.48 -26.23
C GLY D 172 -16.78 -2.60 -25.36
N TYR D 173 -16.16 -1.80 -24.50
CA TYR D 173 -16.86 -0.90 -23.60
C TYR D 173 -16.77 0.53 -24.12
N ASP D 174 -17.68 1.38 -23.62
CA ASP D 174 -17.71 2.77 -24.04
C ASP D 174 -16.62 3.59 -23.38
N ASP D 175 -16.25 3.15 -22.21
CA ASP D 175 -15.19 3.83 -21.44
C ASP D 175 -14.86 3.02 -20.20
N ALA D 176 -13.88 3.51 -19.46
CA ALA D 176 -13.42 2.82 -18.27
C ALA D 176 -13.22 3.78 -17.12
N LEU D 177 -13.70 3.36 -15.96
CA LEU D 177 -13.38 3.98 -14.69
C LEU D 177 -12.10 3.36 -14.17
N TRP D 178 -11.38 4.10 -13.35
CA TRP D 178 -10.30 3.49 -12.62
C TRP D 178 -10.51 3.63 -11.13
N LEU D 179 -9.86 2.76 -10.39
CA LEU D 179 -9.80 2.79 -8.94
C LEU D 179 -8.50 3.43 -8.46
N ASP D 180 -8.50 3.83 -7.19
CA ASP D 180 -7.27 4.18 -6.50
C ASP D 180 -6.64 2.91 -5.93
N HIS D 181 -5.48 3.07 -5.31
CA HIS D 181 -4.75 1.87 -4.91
C HIS D 181 -5.34 1.21 -3.68
N SER D 182 -6.31 1.83 -3.01
CA SER D 182 -7.11 1.14 -2.00
C SER D 182 -8.33 0.44 -2.60
N GLY D 183 -8.46 0.43 -3.92
CA GLY D 183 -9.52 -0.30 -4.57
C GLY D 183 -10.87 0.39 -4.60
N HIS D 184 -10.90 1.68 -4.34
CA HIS D 184 -12.14 2.46 -4.38
C HIS D 184 -12.21 3.20 -5.71
N VAL D 185 -13.42 3.29 -6.24
CA VAL D 185 -13.64 3.87 -7.55
C VAL D 185 -13.33 5.36 -7.51
N SER D 186 -12.61 5.83 -8.52
CA SER D 186 -12.23 7.24 -8.58
C SER D 186 -13.03 8.00 -9.64
N GLU D 187 -12.68 7.81 -10.91
CA GLU D 187 -13.22 8.63 -12.00
C GLU D 187 -12.83 7.98 -13.32
N SER D 188 -13.16 8.65 -14.41
CA SER D 188 -12.66 8.32 -15.73
C SER D 188 -11.80 9.48 -16.26
N ALA D 189 -11.22 9.29 -17.44
CA ALA D 189 -10.34 10.30 -18.02
C ALA D 189 -11.05 11.62 -18.18
N ALA D 190 -12.33 11.57 -18.55
CA ALA D 190 -13.07 12.77 -18.90
C ALA D 190 -14.12 13.16 -17.89
N SER D 191 -14.46 12.28 -16.95
CA SER D 191 -15.67 12.47 -16.17
C SER D 191 -15.47 12.10 -14.72
N ASN D 192 -16.36 12.63 -13.88
CA ASN D 192 -16.54 12.13 -12.53
C ASN D 192 -17.73 11.17 -12.51
N LEU D 193 -17.84 10.44 -11.39
CA LEU D 193 -18.78 9.35 -11.24
C LEU D 193 -19.75 9.63 -10.11
N PHE D 194 -21.04 9.39 -10.38
CA PHE D 194 -22.10 9.46 -9.40
C PHE D 194 -22.89 8.16 -9.38
N ILE D 195 -23.35 7.78 -8.18
CA ILE D 195 -24.34 6.73 -8.04
C ILE D 195 -25.46 7.22 -7.14
N VAL D 196 -26.58 6.51 -7.24
CA VAL D 196 -27.77 6.72 -6.42
C VAL D 196 -28.08 5.41 -5.73
N LYS D 197 -28.30 5.49 -4.42
CA LYS D 197 -28.74 4.33 -3.64
C LYS D 197 -29.79 4.81 -2.65
N ASN D 198 -30.98 4.25 -2.76
CA ASN D 198 -32.09 4.55 -1.85
C ASN D 198 -32.32 6.04 -1.69
N GLY D 199 -32.36 6.75 -2.83
CA GLY D 199 -32.71 8.14 -2.84
C GLY D 199 -31.60 9.10 -2.49
N VAL D 200 -30.38 8.60 -2.31
CA VAL D 200 -29.22 9.40 -1.94
C VAL D 200 -28.19 9.34 -3.05
N LEU D 201 -27.62 10.49 -3.38
CA LEU D 201 -26.56 10.62 -4.38
C LEU D 201 -25.20 10.51 -3.70
N TYR D 202 -24.32 9.65 -4.24
CA TYR D 202 -22.99 9.43 -3.71
C TYR D 202 -21.95 9.64 -4.79
N THR D 203 -20.79 10.17 -4.41
CA THR D 203 -19.71 10.35 -5.37
C THR D 203 -18.37 10.21 -4.65
N PRO D 204 -17.35 9.67 -5.32
CA PRO D 204 -16.04 9.50 -4.66
C PRO D 204 -15.49 10.79 -4.08
N SER D 205 -14.84 10.66 -2.93
CA SER D 205 -14.34 11.80 -2.18
C SER D 205 -12.88 12.13 -2.46
N ALA D 206 -12.07 11.15 -2.85
CA ALA D 206 -10.63 11.36 -2.93
C ALA D 206 -10.07 10.75 -4.21
N GLY D 207 -8.84 11.15 -4.52
CA GLY D 207 -8.13 10.59 -5.66
C GLY D 207 -8.71 10.96 -7.01
N ILE D 208 -9.31 12.14 -7.12
CA ILE D 208 -10.01 12.56 -8.33
C ILE D 208 -9.65 14.01 -8.67
N LEU D 209 -9.88 14.35 -9.94
CA LEU D 209 -10.05 15.74 -10.34
C LEU D 209 -11.40 16.19 -9.82
N ARG D 210 -11.42 17.34 -9.14
N ARG D 210 -11.42 17.34 -9.13
CA ARG D 210 -12.66 17.89 -8.60
CA ARG D 210 -12.67 17.90 -8.60
C ARG D 210 -13.36 18.66 -9.72
C ARG D 210 -13.36 18.66 -9.72
N GLY D 211 -14.23 17.95 -10.43
CA GLY D 211 -14.84 18.51 -11.62
C GLY D 211 -15.81 19.64 -11.30
N ILE D 212 -15.90 20.58 -12.23
CA ILE D 212 -16.88 21.65 -12.11
C ILE D 212 -18.28 21.12 -12.38
N THR D 213 -18.43 20.14 -13.27
CA THR D 213 -19.74 19.54 -13.45
C THR D 213 -20.15 18.81 -12.17
N ARG D 214 -19.22 18.12 -11.55
CA ARG D 214 -19.47 17.47 -10.27
C ARG D 214 -19.91 18.47 -9.22
N ASP D 215 -19.18 19.58 -9.08
CA ASP D 215 -19.63 20.67 -8.20
C ASP D 215 -21.06 21.09 -8.52
N THR D 216 -21.38 21.27 -9.79
CA THR D 216 -22.71 21.71 -10.19
C THR D 216 -23.78 20.70 -9.81
N ILE D 217 -23.47 19.41 -9.98
CA ILE D 217 -24.43 18.36 -9.65
C ILE D 217 -24.79 18.43 -8.17
N LEU D 218 -23.79 18.59 -7.32
CA LEU D 218 -24.05 18.70 -5.89
C LEU D 218 -24.90 19.91 -5.59
N GLU D 219 -24.61 21.04 -6.26
CA GLU D 219 -25.44 22.23 -6.13
C GLU D 219 -26.88 21.93 -6.51
N LEU D 220 -27.07 21.34 -7.69
CA LEU D 220 -28.41 21.06 -8.20
C LEU D 220 -29.14 20.08 -7.29
N ALA D 221 -28.42 19.08 -6.78
CA ALA D 221 -29.05 18.11 -5.89
C ALA D 221 -29.63 18.80 -4.66
N THR D 222 -28.85 19.70 -4.05
CA THR D 222 -29.37 20.48 -2.93
C THR D 222 -30.59 21.30 -3.35
N GLU D 223 -30.55 21.95 -4.51
CA GLU D 223 -31.69 22.74 -4.96
C GLU D 223 -32.92 21.86 -5.17
N LEU D 224 -32.73 20.59 -5.49
CA LEU D 224 -33.83 19.66 -5.72
C LEU D 224 -34.17 18.84 -4.48
N ASP D 225 -33.56 19.15 -3.33
CA ASP D 225 -33.77 18.43 -2.08
C ASP D 225 -33.37 16.95 -2.20
N ILE D 226 -32.39 16.64 -3.03
CA ILE D 226 -31.84 15.29 -3.12
C ILE D 226 -30.64 15.21 -2.20
N PRO D 227 -30.64 14.34 -1.18
CA PRO D 227 -29.49 14.24 -0.30
C PRO D 227 -28.29 13.69 -1.04
N TRP D 228 -27.10 14.13 -0.63
CA TRP D 228 -25.87 13.65 -1.27
C TRP D 228 -24.76 13.51 -0.25
N LYS D 229 -23.78 12.68 -0.61
CA LYS D 229 -22.63 12.39 0.23
C LYS D 229 -21.40 12.20 -0.66
N GLU D 230 -20.29 12.79 -0.24
CA GLU D 230 -18.99 12.42 -0.80
C GLU D 230 -18.41 11.32 0.09
N ARG D 231 -18.07 10.17 -0.50
N ARG D 231 -18.06 10.18 -0.50
CA ARG D 231 -17.55 9.09 0.32
CA ARG D 231 -17.54 9.10 0.31
C ARG D 231 -16.79 8.10 -0.56
C ARG D 231 -16.80 8.10 -0.57
N GLN D 232 -16.07 7.20 0.11
CA GLN D 232 -15.38 6.12 -0.58
C GLN D 232 -16.40 5.11 -1.09
N LEU D 233 -16.29 4.75 -2.36
CA LEU D 233 -17.16 3.76 -2.98
C LEU D 233 -16.29 2.70 -3.63
N SER D 234 -16.68 1.44 -3.50
CA SER D 234 -16.03 0.38 -4.24
C SER D 234 -16.84 0.02 -5.47
N ALA D 235 -16.25 -0.80 -6.34
CA ALA D 235 -16.97 -1.25 -7.52
C ALA D 235 -18.28 -1.91 -7.13
N PHE D 236 -18.26 -2.67 -6.03
CA PHE D 236 -19.46 -3.26 -5.46
C PHE D 236 -20.59 -2.23 -5.32
N ASP D 237 -20.28 -1.08 -4.74
CA ASP D 237 -21.29 -0.03 -4.61
C ASP D 237 -21.89 0.34 -5.95
N VAL D 238 -21.06 0.39 -7.00
CA VAL D 238 -21.56 0.76 -8.31
C VAL D 238 -22.46 -0.33 -8.88
N TYR D 239 -22.05 -1.59 -8.77
CA TYR D 239 -22.84 -2.67 -9.35
C TYR D 239 -24.25 -2.70 -8.77
N ILE D 240 -24.37 -2.42 -7.47
CA ILE D 240 -25.63 -2.60 -6.78
C ILE D 240 -26.45 -1.32 -6.73
N ALA D 241 -25.95 -0.23 -7.31
CA ALA D 241 -26.62 1.06 -7.20
C ALA D 241 -27.97 1.04 -7.90
N ASP D 242 -28.84 1.95 -7.45
CA ASP D 242 -30.13 2.12 -8.11
C ASP D 242 -29.97 2.81 -9.46
N GLU D 243 -29.04 3.76 -9.55
CA GLU D 243 -28.72 4.49 -10.77
C GLU D 243 -27.23 4.82 -10.76
N VAL D 244 -26.67 4.98 -11.95
CA VAL D 244 -25.27 5.37 -12.13
C VAL D 244 -25.22 6.35 -13.28
N PHE D 245 -24.40 7.40 -13.13
CA PHE D 245 -24.15 8.32 -14.25
C PHE D 245 -22.79 8.94 -14.04
N THR D 246 -22.18 9.38 -15.15
CA THR D 246 -20.93 10.14 -15.14
C THR D 246 -21.25 11.57 -15.53
N CYS D 247 -20.32 12.47 -15.27
CA CYS D 247 -20.54 13.86 -15.64
C CYS D 247 -19.24 14.50 -16.06
N SER D 248 -19.36 15.47 -16.97
CA SER D 248 -18.23 16.14 -17.58
C SER D 248 -18.72 17.43 -18.22
N THR D 249 -17.79 18.38 -18.36
CA THR D 249 -18.07 19.52 -19.20
C THR D 249 -18.40 19.07 -20.62
N ALA D 250 -17.82 17.96 -21.06
CA ALA D 250 -18.18 17.37 -22.35
C ALA D 250 -19.45 16.55 -22.16
N GLY D 251 -20.60 17.22 -22.25
CA GLY D 251 -21.89 16.55 -22.35
C GLY D 251 -22.77 16.55 -21.12
N GLY D 252 -22.29 17.07 -19.99
CA GLY D 252 -23.11 17.05 -18.79
C GLY D 252 -23.20 15.65 -18.20
N ALA D 253 -24.37 15.35 -17.63
CA ALA D 253 -24.59 14.02 -17.06
C ALA D 253 -24.83 13.01 -18.16
N LEU D 254 -24.30 11.80 -17.98
CA LEU D 254 -24.40 10.71 -18.96
C LEU D 254 -24.82 9.44 -18.24
N PRO D 255 -25.99 8.89 -18.53
CA PRO D 255 -26.43 7.68 -17.82
C PRO D 255 -25.56 6.48 -18.14
N VAL D 256 -25.44 5.58 -17.16
CA VAL D 256 -24.67 4.34 -17.27
C VAL D 256 -25.63 3.18 -17.05
N ARG D 257 -25.75 2.29 -18.05
CA ARG D 257 -26.69 1.18 -17.93
C ARG D 257 -26.04 -0.12 -17.46
N GLU D 258 -24.71 -0.18 -17.50
CA GLU D 258 -23.99 -1.40 -17.13
C GLU D 258 -22.56 -1.06 -16.74
N VAL D 259 -22.05 -1.75 -15.73
CA VAL D 259 -20.65 -1.64 -15.36
C VAL D 259 -20.09 -3.05 -15.23
N ALA D 260 -19.12 -3.38 -16.08
CA ALA D 260 -18.37 -4.63 -15.98
C ALA D 260 -19.27 -5.85 -15.96
N GLY D 261 -20.27 -5.88 -16.86
CA GLY D 261 -21.18 -7.00 -16.99
C GLY D 261 -22.33 -7.00 -16.02
N ARG D 262 -22.34 -6.10 -15.04
CA ARG D 262 -23.45 -5.96 -14.12
C ARG D 262 -24.38 -4.88 -14.68
N THR D 263 -25.56 -5.30 -15.13
CA THR D 263 -26.56 -4.36 -15.60
C THR D 263 -27.15 -3.63 -14.40
N ILE D 264 -27.15 -2.30 -14.44
CA ILE D 264 -27.69 -1.53 -13.32
C ILE D 264 -29.20 -1.76 -13.27
N ARG D 265 -29.71 -2.03 -12.07
CA ARG D 265 -31.10 -2.45 -11.94
C ARG D 265 -32.04 -1.27 -12.15
N GLY D 266 -33.25 -1.59 -12.57
CA GLY D 266 -34.24 -0.58 -12.88
C GLY D 266 -34.04 0.01 -14.27
N THR D 267 -34.79 1.07 -14.55
CA THR D 267 -34.75 1.69 -15.86
C THR D 267 -33.61 2.71 -15.91
N THR D 268 -32.87 2.70 -17.00
CA THR D 268 -31.83 3.70 -17.22
C THR D 268 -32.24 4.60 -18.37
N PRO D 269 -32.22 5.93 -18.19
CA PRO D 269 -31.79 6.67 -16.99
C PRO D 269 -32.84 6.61 -15.88
N GLY D 270 -32.37 6.59 -14.63
CA GLY D 270 -33.24 6.55 -13.48
C GLY D 270 -33.83 7.91 -13.19
N PRO D 271 -34.74 7.95 -12.21
CA PRO D 271 -35.47 9.20 -11.96
C PRO D 271 -34.58 10.33 -11.44
N ILE D 272 -33.63 10.05 -10.54
CA ILE D 272 -32.77 11.11 -10.04
C ILE D 272 -31.78 11.53 -11.11
N THR D 273 -31.25 10.59 -11.87
CA THR D 273 -30.41 10.94 -13.02
C THR D 273 -31.16 11.91 -13.93
N GLN D 274 -32.43 11.60 -14.25
CA GLN D 274 -33.19 12.46 -15.14
C GLN D 274 -33.44 13.83 -14.52
N ALA D 275 -33.74 13.87 -13.22
CA ALA D 275 -34.06 15.14 -12.58
C ALA D 275 -32.85 16.05 -12.56
N ILE D 276 -31.67 15.47 -12.27
CA ILE D 276 -30.44 16.26 -12.23
C ILE D 276 -30.07 16.71 -13.64
N ASP D 277 -30.11 15.80 -14.60
CA ASP D 277 -29.83 16.16 -15.99
C ASP D 277 -30.73 17.31 -16.45
N ASN D 278 -32.05 17.16 -16.25
CA ASN D 278 -32.99 18.23 -16.62
C ASN D 278 -32.66 19.54 -15.93
N ALA D 279 -32.28 19.49 -14.66
CA ALA D 279 -31.99 20.72 -13.92
C ALA D 279 -30.69 21.36 -14.40
N TYR D 280 -29.73 20.54 -14.80
CA TYR D 280 -28.48 21.05 -15.34
C TYR D 280 -28.73 21.89 -16.58
N TRP D 281 -29.44 21.33 -17.56
CA TRP D 281 -29.69 22.05 -18.80
C TRP D 281 -30.67 23.20 -18.59
N ALA D 282 -31.61 23.06 -17.65
CA ALA D 282 -32.46 24.19 -17.29
C ALA D 282 -31.62 25.35 -16.76
N MET D 283 -30.70 25.06 -15.85
CA MET D 283 -29.81 26.09 -15.33
C MET D 283 -29.06 26.77 -16.45
N ARG D 284 -28.64 26.02 -17.47
CA ARG D 284 -27.82 26.57 -18.53
C ARG D 284 -28.60 27.40 -19.54
N GLU D 285 -29.91 27.23 -19.59
CA GLU D 285 -30.76 28.09 -20.40
C GLU D 285 -31.10 29.38 -19.67
N THR D 286 -30.53 29.61 -18.50
CA THR D 286 -30.70 30.84 -17.76
C THR D 286 -29.42 31.66 -17.74
N ASP D 287 -29.50 32.78 -17.02
CA ASP D 287 -28.44 33.72 -16.71
C ASP D 287 -27.37 33.13 -15.81
N ARG D 288 -27.64 31.99 -15.19
CA ARG D 288 -26.88 31.56 -14.04
C ARG D 288 -25.49 31.15 -14.47
N TYR D 289 -24.49 31.82 -13.90
CA TYR D 289 -23.09 31.56 -14.19
C TYR D 289 -22.78 31.77 -15.68
N ALA D 290 -23.47 32.68 -16.33
CA ALA D 290 -23.34 32.86 -17.77
C ALA D 290 -22.43 34.03 -18.08
N THR D 291 -21.50 33.81 -19.01
CA THR D 291 -20.78 34.91 -19.64
C THR D 291 -21.24 35.00 -21.09
N PRO D 292 -21.98 36.03 -21.50
CA PRO D 292 -22.44 36.07 -22.89
C PRO D 292 -21.29 36.33 -23.85
N LEU D 293 -21.32 35.64 -24.99
CA LEU D 293 -20.28 35.83 -25.98
C LEU D 293 -20.33 37.23 -26.57
N SER D 294 -21.52 37.78 -26.76
CA SER D 294 -21.66 39.11 -27.33
C SER D 294 -21.93 40.14 -26.25
N GLY D 295 -20.97 41.04 -26.06
CA GLY D 295 -20.88 42.22 -25.17
C GLY D 295 -21.71 42.38 -23.91
N SER D 296 -23.01 42.05 -23.89
CA SER D 296 -23.79 42.44 -22.73
C SER D 296 -24.51 41.26 -22.09
N SER E 2 -17.50 -46.00 -16.47
CA SER E 2 -18.64 -46.75 -17.04
C SER E 2 -19.56 -45.89 -17.93
N ASP E 3 -20.39 -45.17 -17.17
CA ASP E 3 -21.48 -44.29 -17.55
C ASP E 3 -21.33 -43.00 -16.76
N GLU E 4 -21.80 -43.05 -15.52
CA GLU E 4 -21.68 -41.94 -14.58
C GLU E 4 -20.28 -41.90 -14.00
N PRO E 5 -19.72 -40.72 -13.74
CA PRO E 5 -18.44 -40.66 -13.02
C PRO E 5 -18.57 -41.33 -11.67
N ILE E 6 -17.48 -41.94 -11.22
CA ILE E 6 -17.39 -42.57 -9.91
C ILE E 6 -16.54 -41.69 -9.01
N ILE E 7 -17.09 -41.34 -7.85
CA ILE E 7 -16.50 -40.43 -6.88
C ILE E 7 -15.98 -41.24 -5.71
N TYR E 8 -14.75 -40.96 -5.27
CA TYR E 8 -14.32 -41.37 -3.94
C TYR E 8 -14.79 -40.33 -2.94
N ILE E 9 -15.48 -40.76 -1.90
CA ILE E 9 -15.94 -39.82 -0.88
C ILE E 9 -15.95 -40.54 0.46
N ASN E 10 -15.07 -40.11 1.36
CA ASN E 10 -15.02 -40.61 2.74
C ASN E 10 -14.91 -42.14 2.77
N GLY E 11 -14.10 -42.68 1.86
CA GLY E 11 -13.80 -44.10 1.82
C GLY E 11 -14.67 -44.93 0.91
N ASP E 12 -15.76 -44.36 0.39
CA ASP E 12 -16.70 -45.08 -0.45
C ASP E 12 -16.56 -44.63 -1.90
N TYR E 13 -16.77 -45.56 -2.82
CA TYR E 13 -16.79 -45.26 -4.25
C TYR E 13 -18.24 -45.28 -4.70
N LEU E 14 -18.74 -44.13 -5.14
CA LEU E 14 -20.15 -43.98 -5.48
C LEU E 14 -20.32 -43.26 -6.81
N PRO E 15 -21.36 -43.58 -7.56
CA PRO E 15 -21.73 -42.74 -8.71
C PRO E 15 -21.95 -41.31 -8.26
N LEU E 16 -21.52 -40.36 -9.11
CA LEU E 16 -21.64 -38.94 -8.76
C LEU E 16 -23.04 -38.58 -8.29
N SER E 17 -24.08 -39.09 -8.97
CA SER E 17 -25.44 -38.73 -8.59
C SER E 17 -25.80 -39.21 -7.20
N GLN E 18 -25.08 -40.20 -6.67
CA GLN E 18 -25.30 -40.71 -5.32
C GLN E 18 -24.38 -40.06 -4.29
N ALA E 19 -23.23 -39.53 -4.72
CA ALA E 19 -22.30 -38.95 -3.77
C ALA E 19 -22.82 -37.63 -3.23
N ARG E 20 -22.62 -37.41 -1.93
CA ARG E 20 -23.31 -36.34 -1.22
C ARG E 20 -22.35 -35.55 -0.35
N VAL E 21 -22.33 -34.24 -0.59
CA VAL E 21 -21.79 -33.28 0.37
C VAL E 21 -22.95 -32.73 1.17
N SER E 22 -22.78 -32.67 2.49
CA SER E 22 -23.83 -32.14 3.33
C SER E 22 -23.97 -30.64 3.09
N PRO E 23 -25.19 -30.09 3.14
CA PRO E 23 -25.33 -28.63 3.01
C PRO E 23 -24.71 -27.86 4.16
N VAL E 24 -24.34 -28.51 5.27
CA VAL E 24 -23.67 -27.84 6.37
C VAL E 24 -22.20 -28.26 6.47
N ASP E 25 -21.67 -28.89 5.43
CA ASP E 25 -20.23 -29.08 5.34
C ASP E 25 -19.54 -27.72 5.36
N GLN E 26 -18.49 -27.60 6.19
CA GLN E 26 -17.80 -26.32 6.27
C GLN E 26 -17.01 -26.01 5.01
N GLY E 27 -16.68 -27.02 4.21
CA GLY E 27 -16.13 -26.75 2.90
C GLY E 27 -17.11 -26.04 2.00
N PHE E 28 -18.41 -26.30 2.18
CA PHE E 28 -19.45 -25.63 1.40
C PHE E 28 -19.83 -24.30 2.02
N LEU E 29 -20.11 -24.28 3.33
CA LEU E 29 -20.63 -23.05 3.93
C LEU E 29 -19.55 -21.99 4.09
N LEU E 30 -18.29 -22.40 4.26
CA LEU E 30 -17.21 -21.48 4.61
C LEU E 30 -15.98 -21.60 3.71
N GLY E 31 -16.00 -22.43 2.69
CA GLY E 31 -14.80 -22.55 1.88
C GLY E 31 -13.64 -23.16 2.63
N ASP E 32 -13.91 -23.94 3.68
CA ASP E 32 -12.88 -24.41 4.58
C ASP E 32 -12.37 -25.76 4.06
N GLY E 33 -11.54 -25.68 3.02
CA GLY E 33 -10.95 -26.86 2.44
C GLY E 33 -9.87 -26.48 1.45
N VAL E 34 -9.05 -27.48 1.11
CA VAL E 34 -7.98 -27.30 0.15
C VAL E 34 -8.06 -28.44 -0.86
N PHE E 35 -7.41 -28.24 -2.00
CA PHE E 35 -7.47 -29.27 -3.04
C PHE E 35 -6.20 -29.23 -3.88
N ASP E 36 -6.03 -30.29 -4.67
CA ASP E 36 -5.01 -30.29 -5.70
C ASP E 36 -5.58 -31.04 -6.90
N VAL E 37 -4.92 -30.90 -8.05
CA VAL E 37 -5.33 -31.55 -9.29
C VAL E 37 -4.10 -32.14 -9.94
N VAL E 38 -4.10 -33.45 -10.19
CA VAL E 38 -3.07 -34.14 -10.93
C VAL E 38 -3.72 -34.70 -12.19
N SER E 39 -2.90 -34.95 -13.21
CA SER E 39 -3.41 -35.44 -14.49
C SER E 39 -2.85 -36.81 -14.83
N ALA E 40 -3.65 -37.56 -15.61
CA ALA E 40 -3.23 -38.79 -16.27
C ALA E 40 -3.18 -38.57 -17.78
N TRP E 41 -2.18 -39.15 -18.43
CA TRP E 41 -2.06 -39.08 -19.88
C TRP E 41 -1.61 -40.45 -20.36
N LYS E 42 -2.43 -41.06 -21.22
CA LYS E 42 -2.13 -42.37 -21.82
C LYS E 42 -1.82 -43.41 -20.75
N GLY E 43 -2.62 -43.40 -19.69
CA GLY E 43 -2.53 -44.42 -18.66
C GLY E 43 -1.53 -44.17 -17.57
N ASN E 44 -0.85 -43.03 -17.56
CA ASN E 44 0.12 -42.72 -16.52
C ASN E 44 -0.25 -41.42 -15.84
N ILE E 45 -0.33 -41.45 -14.51
CA ILE E 45 -0.44 -40.22 -13.73
C ILE E 45 0.94 -39.58 -13.65
N PHE E 46 0.98 -38.26 -13.79
CA PHE E 46 2.22 -37.52 -13.89
C PHE E 46 2.46 -36.67 -12.65
N LYS E 47 3.61 -36.88 -12.01
CA LYS E 47 4.04 -36.12 -10.84
C LYS E 47 3.05 -36.24 -9.69
N LEU E 48 2.52 -37.45 -9.49
CA LEU E 48 1.61 -37.66 -8.39
C LEU E 48 2.27 -37.32 -7.06
N ASP E 49 3.54 -37.68 -6.89
CA ASP E 49 4.19 -37.40 -5.60
C ASP E 49 4.36 -35.90 -5.37
N ALA E 50 4.71 -35.15 -6.41
CA ALA E 50 4.85 -33.71 -6.26
C ALA E 50 3.53 -33.05 -5.91
N HIS E 51 2.43 -33.54 -6.52
CA HIS E 51 1.13 -32.95 -6.24
C HIS E 51 0.68 -33.31 -4.84
N LEU E 52 0.98 -34.54 -4.40
CA LEU E 52 0.67 -34.91 -3.02
C LEU E 52 1.48 -34.08 -2.04
N ASP E 53 2.77 -33.86 -2.35
CA ASP E 53 3.58 -32.98 -1.51
C ASP E 53 2.90 -31.62 -1.31
N ARG E 54 2.47 -31.00 -2.42
CA ARG E 54 1.87 -29.69 -2.33
C ARG E 54 0.54 -29.73 -1.58
N PHE E 55 -0.26 -30.76 -1.84
CA PHE E 55 -1.53 -30.93 -1.13
C PHE E 55 -1.31 -30.95 0.37
N PHE E 56 -0.34 -31.72 0.83
CA PHE E 56 -0.08 -31.82 2.26
C PHE E 56 0.57 -30.56 2.80
N ASP E 57 1.26 -29.79 1.95
CA ASP E 57 1.66 -28.44 2.35
C ASP E 57 0.44 -27.56 2.64
N SER E 58 -0.50 -27.53 1.70
CA SER E 58 -1.72 -26.73 1.92
C SER E 58 -2.44 -27.19 3.18
N ILE E 59 -2.49 -28.50 3.39
CA ILE E 59 -3.14 -29.04 4.59
C ILE E 59 -2.43 -28.56 5.86
N GLN E 60 -1.11 -28.61 5.87
CA GLN E 60 -0.34 -28.17 7.02
C GLN E 60 -0.61 -26.70 7.33
N ALA E 61 -0.61 -25.85 6.31
CA ALA E 61 -0.79 -24.42 6.54
C ALA E 61 -2.20 -24.10 7.06
N ALA E 62 -3.20 -24.85 6.63
CA ALA E 62 -4.61 -24.64 7.00
C ALA E 62 -5.01 -25.45 8.22
N ARG E 63 -4.06 -26.14 8.85
CA ARG E 63 -4.30 -26.98 10.02
C ARG E 63 -5.41 -27.98 9.74
N LEU E 64 -5.40 -28.54 8.53
CA LEU E 64 -6.34 -29.58 8.16
C LEU E 64 -5.77 -30.99 8.33
N ASN E 65 -4.67 -31.12 9.07
CA ASN E 65 -4.08 -32.44 9.30
C ASN E 65 -5.13 -33.39 9.83
N HIS E 66 -5.17 -34.59 9.27
CA HIS E 66 -6.23 -35.55 9.58
C HIS E 66 -5.62 -36.95 9.48
N ASP E 67 -6.46 -37.96 9.69
CA ASP E 67 -5.93 -39.30 9.93
C ASP E 67 -5.69 -40.09 8.64
N MET E 68 -6.22 -39.66 7.51
CA MET E 68 -6.02 -40.37 6.26
C MET E 68 -4.58 -40.17 5.81
N SER E 69 -3.83 -41.27 5.77
CA SER E 69 -2.42 -41.27 5.43
C SER E 69 -2.21 -40.75 4.02
N ARG E 70 -0.99 -40.28 3.76
CA ARG E 70 -0.60 -39.96 2.39
C ARG E 70 -0.70 -41.18 1.50
N ASP E 71 -0.29 -42.35 1.99
CA ASP E 71 -0.40 -43.58 1.22
C ASP E 71 -1.85 -43.88 0.88
N ALA E 72 -2.76 -43.66 1.84
CA ALA E 72 -4.18 -43.91 1.59
C ALA E 72 -4.73 -42.93 0.57
N TRP E 73 -4.27 -41.68 0.62
CA TRP E 73 -4.68 -40.71 -0.39
C TRP E 73 -4.12 -41.11 -1.76
N LYS E 74 -2.87 -41.53 -1.80
CA LYS E 74 -2.30 -42.00 -3.07
C LYS E 74 -3.10 -43.16 -3.64
N GLU E 75 -3.43 -44.14 -2.79
CA GLU E 75 -4.21 -45.29 -3.25
C GLU E 75 -5.59 -44.87 -3.74
N ALA E 76 -6.24 -43.94 -3.04
CA ALA E 76 -7.56 -43.48 -3.45
C ALA E 76 -7.52 -42.77 -4.79
N ILE E 77 -6.50 -41.92 -4.99
CA ILE E 77 -6.35 -41.23 -6.27
C ILE E 77 -6.19 -42.25 -7.40
N ILE E 78 -5.29 -43.21 -7.23
CA ILE E 78 -5.03 -44.19 -8.28
C ILE E 78 -6.28 -45.03 -8.54
N GLU E 79 -6.93 -45.50 -7.48
CA GLU E 79 -8.07 -46.39 -7.65
C GLU E 79 -9.27 -45.66 -8.22
N THR E 80 -9.51 -44.42 -7.81
CA THR E 80 -10.63 -43.68 -8.38
C THR E 80 -10.43 -43.52 -9.89
N THR E 81 -9.21 -43.16 -10.31
CA THR E 81 -8.95 -43.05 -11.74
C THR E 81 -9.19 -44.37 -12.46
N ARG E 82 -8.70 -45.47 -11.89
N ARG E 82 -8.67 -45.47 -11.89
CA ARG E 82 -8.89 -46.76 -12.55
CA ARG E 82 -8.89 -46.78 -12.51
C ARG E 82 -10.38 -47.08 -12.70
C ARG E 82 -10.37 -47.08 -12.70
N ARG E 83 -11.18 -46.77 -11.68
CA ARG E 83 -12.60 -47.12 -11.73
C ARG E 83 -13.37 -46.27 -12.71
N ASN E 84 -12.89 -45.07 -13.05
CA ASN E 84 -13.54 -44.26 -14.06
C ASN E 84 -13.13 -44.65 -15.48
N GLY E 85 -12.12 -45.53 -15.61
CA GLY E 85 -11.77 -46.09 -16.89
C GLY E 85 -11.22 -45.12 -17.90
N LEU E 86 -10.68 -44.00 -17.45
CA LEU E 86 -10.14 -42.97 -18.34
C LEU E 86 -8.62 -43.03 -18.33
N ASP E 87 -8.02 -43.19 -19.51
CA ASP E 87 -6.56 -43.17 -19.61
C ASP E 87 -6.01 -41.74 -19.62
N ASP E 88 -6.81 -40.78 -20.08
CA ASP E 88 -6.48 -39.36 -20.02
C ASP E 88 -7.45 -38.73 -19.04
N ALA E 89 -6.92 -38.12 -17.97
CA ALA E 89 -7.84 -37.69 -16.92
C ALA E 89 -7.33 -36.46 -16.21
N SER E 90 -8.28 -35.73 -15.63
CA SER E 90 -8.07 -34.63 -14.70
C SER E 90 -8.58 -35.07 -13.33
N ILE E 91 -7.69 -35.10 -12.34
CA ILE E 91 -7.95 -35.80 -11.08
C ILE E 91 -7.84 -34.82 -9.94
N ARG E 92 -8.98 -34.47 -9.35
CA ARG E 92 -9.05 -33.47 -8.30
C ARG E 92 -9.24 -34.19 -6.97
N PHE E 93 -8.39 -33.86 -5.99
CA PHE E 93 -8.55 -34.42 -4.66
C PHE E 93 -8.68 -33.28 -3.65
N ILE E 94 -9.64 -33.45 -2.74
CA ILE E 94 -10.17 -32.37 -1.92
C ILE E 94 -10.29 -32.84 -0.49
N VAL E 95 -9.89 -32.00 0.46
CA VAL E 95 -10.18 -32.25 1.86
C VAL E 95 -10.78 -30.99 2.47
N THR E 96 -11.87 -31.16 3.21
CA THR E 96 -12.50 -30.05 3.90
C THR E 96 -12.60 -30.34 5.40
N ARG E 97 -12.87 -29.28 6.15
CA ARG E 97 -13.06 -29.38 7.60
C ARG E 97 -14.33 -30.15 7.98
N GLY E 98 -15.21 -30.45 7.02
CA GLY E 98 -16.30 -31.35 7.28
C GLY E 98 -17.50 -30.74 7.98
N GLU E 99 -18.32 -31.62 8.50
CA GLU E 99 -19.56 -31.24 9.15
C GLU E 99 -19.33 -30.98 10.63
N PRO E 100 -20.05 -30.01 11.20
CA PRO E 100 -19.72 -29.58 12.56
C PRO E 100 -19.83 -30.75 13.52
N LYS E 101 -18.92 -30.81 14.49
CA LYS E 101 -19.00 -31.84 15.51
C LYS E 101 -20.24 -31.64 16.36
N GLY E 102 -20.52 -30.39 16.75
CA GLY E 102 -21.78 -29.96 17.36
C GLY E 102 -21.99 -28.52 16.95
N VAL E 103 -22.67 -27.67 17.73
CA VAL E 103 -22.67 -26.24 17.36
C VAL E 103 -21.49 -25.53 18.01
N VAL E 104 -20.71 -26.26 18.82
CA VAL E 104 -19.43 -25.82 19.38
C VAL E 104 -18.26 -25.99 18.41
N ALA E 105 -18.14 -25.12 17.40
CA ALA E 105 -17.19 -25.40 16.33
C ALA E 105 -15.79 -24.89 16.66
N ASP E 106 -14.81 -25.81 16.66
CA ASP E 106 -13.40 -25.51 16.90
C ASP E 106 -12.63 -26.08 15.71
N PRO E 107 -12.02 -25.24 14.86
CA PRO E 107 -11.40 -25.78 13.64
C PRO E 107 -10.24 -26.74 13.88
N ARG E 108 -9.74 -26.85 15.12
CA ARG E 108 -8.74 -27.86 15.46
C ARG E 108 -9.34 -29.24 15.71
N ASP E 109 -10.66 -29.35 15.86
CA ASP E 109 -11.37 -30.58 16.21
C ASP E 109 -12.41 -30.82 15.13
N PHE E 110 -12.11 -31.72 14.19
CA PHE E 110 -12.99 -31.92 13.05
C PHE E 110 -12.84 -33.33 12.51
N LYS E 111 -13.86 -33.75 11.76
CA LYS E 111 -13.82 -34.98 10.98
C LYS E 111 -13.83 -34.58 9.51
N PRO E 112 -12.79 -34.89 8.74
CA PRO E 112 -12.69 -34.29 7.40
C PRO E 112 -13.64 -34.94 6.40
N THR E 113 -13.95 -34.15 5.36
CA THR E 113 -14.56 -34.67 4.14
C THR E 113 -13.42 -34.86 3.14
N CYS E 114 -13.33 -36.07 2.57
CA CYS E 114 -12.22 -36.44 1.70
C CYS E 114 -12.79 -36.95 0.38
N ILE E 115 -12.43 -36.30 -0.72
CA ILE E 115 -13.06 -36.56 -2.01
C ILE E 115 -12.01 -36.69 -3.10
N VAL E 116 -12.22 -37.64 -4.02
CA VAL E 116 -11.49 -37.67 -5.29
C VAL E 116 -12.51 -37.67 -6.42
N TRP E 117 -12.35 -36.72 -7.36
CA TRP E 117 -13.23 -36.57 -8.51
C TRP E 117 -12.38 -36.65 -9.77
N VAL E 118 -12.72 -37.58 -10.66
CA VAL E 118 -11.96 -37.87 -11.87
C VAL E 118 -12.83 -37.53 -13.08
N ALA E 119 -12.32 -36.67 -13.94
CA ALA E 119 -12.98 -36.30 -15.19
C ALA E 119 -12.03 -36.46 -16.36
N PRO E 120 -12.54 -36.41 -17.59
CA PRO E 120 -11.64 -36.44 -18.76
C PRO E 120 -10.59 -35.33 -18.73
N TYR E 121 -9.43 -35.63 -19.32
CA TYR E 121 -8.39 -34.61 -19.44
C TYR E 121 -8.95 -33.42 -20.21
N ILE E 122 -8.57 -32.22 -19.79
CA ILE E 122 -9.10 -30.99 -20.37
C ILE E 122 -7.95 -30.04 -20.66
N PHE E 123 -8.03 -29.37 -21.80
CA PHE E 123 -7.18 -28.22 -22.12
C PHE E 123 -7.93 -26.94 -21.79
N LEU E 124 -7.19 -25.84 -21.72
CA LEU E 124 -7.83 -24.57 -21.39
C LEU E 124 -8.26 -23.77 -22.61
N ALA E 125 -7.94 -24.23 -23.82
CA ALA E 125 -8.42 -23.60 -25.04
C ALA E 125 -8.64 -24.66 -26.10
N ASP E 126 -9.46 -24.31 -27.10
CA ASP E 126 -9.73 -25.21 -28.22
C ASP E 126 -8.48 -25.37 -29.09
N GLU E 127 -8.54 -26.32 -30.02
CA GLU E 127 -7.31 -26.70 -30.74
C GLU E 127 -6.78 -25.55 -31.59
N GLU E 128 -7.66 -24.73 -32.17
CA GLU E 128 -7.20 -23.61 -32.96
C GLU E 128 -6.38 -22.64 -32.11
N LYS E 129 -6.87 -22.33 -30.91
CA LYS E 129 -6.18 -21.39 -30.05
C LYS E 129 -4.93 -22.01 -29.45
N ARG E 130 -4.92 -23.33 -29.25
N ARG E 130 -4.92 -23.33 -29.24
CA ARG E 130 -3.70 -24.00 -28.83
CA ARG E 130 -3.69 -23.98 -28.81
C ARG E 130 -2.61 -23.86 -29.89
C ARG E 130 -2.61 -23.88 -29.89
N ARG E 131 -3.01 -23.90 -31.17
N ARG E 131 -3.02 -23.90 -31.16
CA ARG E 131 -2.04 -23.83 -32.26
CA ARG E 131 -2.07 -23.83 -32.28
C ARG E 131 -1.61 -22.39 -32.54
C ARG E 131 -1.61 -22.39 -32.53
N ASN E 132 -2.52 -21.43 -32.42
CA ASN E 132 -2.24 -20.06 -32.81
C ASN E 132 -2.11 -19.09 -31.64
N GLY E 133 -2.48 -19.50 -30.43
CA GLY E 133 -2.31 -18.67 -29.25
C GLY E 133 -3.61 -18.05 -28.80
N ILE E 134 -3.69 -17.78 -27.49
CA ILE E 134 -4.86 -17.19 -26.90
C ILE E 134 -4.64 -15.69 -26.71
N ARG E 135 -5.72 -14.98 -26.39
CA ARG E 135 -5.71 -13.57 -26.06
C ARG E 135 -6.04 -13.41 -24.59
N LEU E 136 -5.13 -12.79 -23.83
CA LEU E 136 -5.34 -12.54 -22.42
C LEU E 136 -5.56 -11.05 -22.19
N MET E 137 -6.33 -10.74 -21.15
CA MET E 137 -6.35 -9.39 -20.60
C MET E 137 -5.76 -9.38 -19.20
N ILE E 138 -5.58 -8.17 -18.66
CA ILE E 138 -5.20 -7.95 -17.27
C ILE E 138 -6.45 -7.53 -16.51
N SER E 139 -6.72 -8.23 -15.41
CA SER E 139 -7.94 -7.98 -14.65
C SER E 139 -7.85 -6.68 -13.87
N ALA E 140 -9.02 -6.07 -13.64
CA ALA E 140 -9.11 -4.97 -12.67
C ALA E 140 -9.00 -5.46 -11.24
N THR E 141 -9.28 -6.74 -11.00
CA THR E 141 -9.19 -7.35 -9.67
C THR E 141 -7.77 -7.83 -9.42
N ARG E 142 -7.22 -7.54 -8.24
CA ARG E 142 -5.87 -7.96 -7.91
C ARG E 142 -5.85 -9.30 -7.20
N GLY E 143 -4.67 -9.90 -7.18
CA GLY E 143 -4.47 -11.10 -6.39
C GLY E 143 -4.61 -10.83 -4.91
N PHE E 144 -4.76 -11.90 -4.14
CA PHE E 144 -4.84 -11.75 -2.68
C PHE E 144 -3.47 -11.41 -2.11
N PRO E 145 -3.35 -10.40 -1.24
CA PRO E 145 -2.09 -10.21 -0.50
C PRO E 145 -1.77 -11.45 0.32
N ALA E 146 -0.47 -11.66 0.56
CA ALA E 146 0.00 -12.81 1.32
C ALA E 146 -0.55 -12.83 2.72
N ASP E 147 -0.86 -11.67 3.30
CA ASP E 147 -1.39 -11.59 4.64
C ASP E 147 -2.92 -11.48 4.66
N THR E 148 -3.58 -11.96 3.61
CA THR E 148 -5.05 -12.11 3.61
C THR E 148 -5.40 -13.59 3.45
N LEU E 149 -5.37 -14.09 2.22
CA LEU E 149 -5.52 -15.51 1.91
C LEU E 149 -4.38 -15.78 0.93
N ASP E 150 -3.28 -16.34 1.44
CA ASP E 150 -2.04 -16.42 0.68
C ASP E 150 -2.30 -17.09 -0.66
N PRO E 151 -1.83 -16.51 -1.78
CA PRO E 151 -1.91 -17.20 -3.07
C PRO E 151 -1.31 -18.59 -3.08
N ARG E 152 -0.44 -18.92 -2.12
CA ARG E 152 0.15 -20.26 -2.08
C ARG E 152 -0.86 -21.35 -1.82
N TYR E 153 -2.01 -21.00 -1.25
N TYR E 153 -2.03 -20.99 -1.27
CA TYR E 153 -3.08 -21.98 -1.07
CA TYR E 153 -3.10 -21.96 -1.08
C TYR E 153 -3.71 -22.34 -2.40
C TYR E 153 -3.74 -22.34 -2.41
N LYS E 154 -3.89 -23.64 -2.65
CA LYS E 154 -4.80 -24.13 -3.68
C LYS E 154 -6.02 -24.53 -2.88
N CYS E 155 -7.07 -23.68 -2.87
CA CYS E 155 -8.19 -23.91 -1.96
C CYS E 155 -9.52 -23.59 -2.64
N LEU E 156 -10.62 -23.87 -1.93
CA LEU E 156 -11.96 -23.79 -2.47
C LEU E 156 -12.46 -22.35 -2.66
N ASP E 157 -11.67 -21.36 -2.26
CA ASP E 157 -12.18 -20.00 -2.12
C ASP E 157 -11.83 -19.22 -3.39
N ARG E 158 -12.64 -19.40 -4.42
CA ARG E 158 -12.31 -18.91 -5.77
C ARG E 158 -13.43 -18.09 -6.39
N LEU E 159 -14.33 -17.54 -5.58
CA LEU E 159 -15.31 -16.61 -6.13
C LEU E 159 -14.61 -15.46 -6.85
N HIS E 160 -13.50 -15.00 -6.27
CA HIS E 160 -12.59 -13.99 -6.83
C HIS E 160 -12.30 -14.26 -8.30
N SER E 161 -11.85 -15.47 -8.59
CA SER E 161 -11.49 -15.76 -9.98
C SER E 161 -12.70 -16.14 -10.83
N GLN E 162 -13.82 -16.60 -10.25
CA GLN E 162 -15.03 -16.73 -11.04
C GLN E 162 -15.50 -15.38 -11.57
N LEU E 163 -15.42 -14.34 -10.74
CA LEU E 163 -15.84 -13.02 -11.20
C LEU E 163 -14.86 -12.46 -12.22
N ILE E 164 -13.57 -12.76 -12.07
CA ILE E 164 -12.61 -12.39 -13.11
C ILE E 164 -12.95 -13.07 -14.43
N ARG E 165 -13.35 -14.33 -14.36
CA ARG E 165 -13.75 -15.05 -15.57
C ARG E 165 -14.91 -14.37 -16.26
N LEU E 166 -15.94 -13.98 -15.49
CA LEU E 166 -17.08 -13.27 -16.07
C LEU E 166 -16.63 -12.01 -16.79
N GLU E 167 -15.68 -11.28 -16.22
N GLU E 167 -15.70 -11.27 -16.16
CA GLU E 167 -15.27 -10.05 -16.88
CA GLU E 167 -15.11 -10.04 -16.71
C GLU E 167 -14.41 -10.32 -18.11
C GLU E 167 -14.41 -10.32 -18.03
N ALA E 168 -13.57 -11.35 -18.07
CA ALA E 168 -12.84 -11.72 -19.29
C ALA E 168 -13.81 -12.08 -20.41
N LEU E 169 -14.84 -12.88 -20.12
CA LEU E 169 -15.79 -13.27 -21.15
C LEU E 169 -16.56 -12.07 -21.67
N GLU E 170 -16.95 -11.16 -20.78
CA GLU E 170 -17.69 -9.98 -21.23
C GLU E 170 -16.82 -9.10 -22.12
N ALA E 171 -15.51 -9.06 -21.84
CA ALA E 171 -14.56 -8.26 -22.60
C ALA E 171 -14.08 -8.97 -23.85
N GLY E 172 -14.49 -10.21 -24.07
CA GLY E 172 -14.13 -10.92 -25.28
C GLY E 172 -12.77 -11.56 -25.28
N TYR E 173 -12.17 -11.80 -24.12
CA TYR E 173 -10.86 -12.41 -24.00
C TYR E 173 -11.00 -13.88 -23.62
N ASP E 174 -9.92 -14.64 -23.84
CA ASP E 174 -9.88 -16.05 -23.50
C ASP E 174 -9.72 -16.29 -22.00
N ASP E 175 -9.03 -15.38 -21.33
CA ASP E 175 -8.72 -15.52 -19.91
C ASP E 175 -8.13 -14.20 -19.46
N ALA E 176 -7.92 -14.10 -18.16
CA ALA E 176 -7.32 -12.90 -17.60
C ALA E 176 -6.25 -13.25 -16.57
N LEU E 177 -5.16 -12.51 -16.64
CA LEU E 177 -4.14 -12.49 -15.63
C LEU E 177 -4.49 -11.41 -14.61
N TRP E 178 -4.03 -11.61 -13.39
CA TRP E 178 -4.11 -10.53 -12.42
C TRP E 178 -2.71 -10.12 -11.97
N LEU E 179 -2.65 -8.88 -11.47
CA LEU E 179 -1.48 -8.31 -10.83
C LEU E 179 -1.57 -8.43 -9.32
N ASP E 180 -0.41 -8.29 -8.66
CA ASP E 180 -0.38 -8.10 -7.22
C ASP E 180 -0.54 -6.60 -6.92
N HIS E 181 -0.54 -6.25 -5.64
N HIS E 181 -0.56 -6.26 -5.63
CA HIS E 181 -0.85 -4.87 -5.35
CA HIS E 181 -0.84 -4.88 -5.27
C HIS E 181 0.32 -3.93 -5.60
C HIS E 181 0.28 -3.94 -5.68
N SER E 182 1.49 -4.46 -5.91
CA SER E 182 2.58 -3.62 -6.42
C SER E 182 2.53 -3.46 -7.93
N GLY E 183 1.51 -4.00 -8.59
CA GLY E 183 1.35 -3.82 -10.02
C GLY E 183 2.15 -4.77 -10.87
N HIS E 184 2.67 -5.84 -10.29
CA HIS E 184 3.46 -6.81 -11.03
C HIS E 184 2.58 -8.02 -11.34
N VAL E 185 2.82 -8.61 -12.52
CA VAL E 185 1.95 -9.66 -13.03
C VAL E 185 2.13 -10.90 -12.17
N SER E 186 1.03 -11.55 -11.85
CA SER E 186 1.11 -12.73 -11.00
C SER E 186 0.83 -14.01 -11.79
N GLU E 187 -0.45 -14.27 -12.06
CA GLU E 187 -0.90 -15.53 -12.62
C GLU E 187 -2.36 -15.38 -13.06
N SER E 188 -2.96 -16.47 -13.49
CA SER E 188 -4.39 -16.58 -13.72
C SER E 188 -4.97 -17.65 -12.80
N ALA E 189 -6.30 -17.82 -12.84
CA ALA E 189 -6.95 -18.75 -11.94
C ALA E 189 -6.46 -20.18 -12.13
N ALA E 190 -6.15 -20.55 -13.37
CA ALA E 190 -5.76 -21.91 -13.68
C ALA E 190 -4.28 -22.08 -13.97
N SER E 191 -3.52 -20.99 -14.15
CA SER E 191 -2.23 -21.10 -14.82
C SER E 191 -1.20 -20.16 -14.24
N ASN E 192 0.07 -20.54 -14.40
CA ASN E 192 1.18 -19.61 -14.20
C ASN E 192 1.57 -19.01 -15.54
N LEU E 193 2.38 -17.96 -15.48
CA LEU E 193 2.75 -17.17 -16.65
C LEU E 193 4.24 -17.20 -16.88
N PHE E 194 4.64 -17.40 -18.14
CA PHE E 194 6.01 -17.32 -18.58
C PHE E 194 6.13 -16.33 -19.73
N ILE E 195 7.27 -15.63 -19.78
CA ILE E 195 7.63 -14.85 -20.95
C ILE E 195 9.05 -15.19 -21.36
N VAL E 196 9.39 -14.80 -22.57
CA VAL E 196 10.72 -14.98 -23.12
C VAL E 196 11.21 -13.62 -23.60
N LYS E 197 12.44 -13.27 -23.26
CA LYS E 197 13.03 -12.04 -23.78
C LYS E 197 14.51 -12.27 -24.04
N ASN E 198 14.94 -12.06 -25.28
CA ASN E 198 16.33 -12.25 -25.69
C ASN E 198 16.86 -13.61 -25.23
N GLY E 199 16.06 -14.64 -25.48
CA GLY E 199 16.48 -16.01 -25.26
C GLY E 199 16.44 -16.45 -23.82
N VAL E 200 15.93 -15.63 -22.92
CA VAL E 200 15.82 -15.97 -21.49
C VAL E 200 14.36 -16.12 -21.12
N LEU E 201 14.08 -17.14 -20.31
CA LEU E 201 12.75 -17.41 -19.78
C LEU E 201 12.57 -16.74 -18.42
N TYR E 202 11.49 -15.97 -18.26
CA TYR E 202 11.18 -15.26 -17.02
C TYR E 202 9.80 -15.67 -16.52
N THR E 203 9.65 -15.72 -15.20
CA THR E 203 8.36 -16.02 -14.60
C THR E 203 8.22 -15.31 -13.26
N PRO E 204 7.02 -14.84 -12.91
CA PRO E 204 6.86 -14.14 -11.63
C PRO E 204 7.35 -14.95 -10.44
N SER E 205 7.89 -14.22 -9.45
CA SER E 205 8.53 -14.79 -8.27
C SER E 205 7.61 -14.91 -7.07
N ALA E 206 6.62 -14.03 -6.94
CA ALA E 206 5.90 -13.89 -5.70
C ALA E 206 4.43 -13.71 -6.01
N GLY E 207 3.61 -13.89 -4.97
CA GLY E 207 2.18 -13.66 -5.07
C GLY E 207 1.47 -14.65 -5.95
N ILE E 208 1.95 -15.90 -5.99
CA ILE E 208 1.40 -16.90 -6.91
C ILE E 208 1.25 -18.24 -6.19
N LEU E 209 0.43 -19.10 -6.79
CA LEU E 209 0.49 -20.54 -6.54
C LEU E 209 1.69 -21.09 -7.30
N ARG E 210 2.53 -21.86 -6.62
N ARG E 210 2.52 -21.86 -6.60
CA ARG E 210 3.74 -22.39 -7.25
CA ARG E 210 3.72 -22.44 -7.20
C ARG E 210 3.34 -23.66 -7.99
C ARG E 210 3.31 -23.67 -7.99
N GLY E 211 2.98 -23.49 -9.26
CA GLY E 211 2.48 -24.60 -10.03
C GLY E 211 3.49 -25.72 -10.22
N ILE E 212 2.97 -26.93 -10.33
CA ILE E 212 3.80 -28.08 -10.66
C ILE E 212 4.20 -28.03 -12.13
N THR E 213 3.33 -27.52 -12.99
CA THR E 213 3.74 -27.39 -14.37
C THR E 213 4.85 -26.35 -14.50
N ARG E 214 4.71 -25.24 -13.76
CA ARG E 214 5.75 -24.22 -13.66
C ARG E 214 7.06 -24.82 -13.20
N ASP E 215 7.04 -25.61 -12.12
CA ASP E 215 8.24 -26.31 -11.68
C ASP E 215 8.83 -27.14 -12.82
N THR E 216 7.97 -27.87 -13.53
CA THR E 216 8.43 -28.75 -14.60
C THR E 216 9.04 -27.95 -15.75
N ILE E 217 8.46 -26.80 -16.08
CA ILE E 217 9.00 -26.02 -17.18
C ILE E 217 10.38 -25.49 -16.82
N LEU E 218 10.61 -25.10 -15.56
CA LEU E 218 11.95 -24.69 -15.16
C LEU E 218 12.92 -25.85 -15.28
N GLU E 219 12.48 -27.05 -14.92
CA GLU E 219 13.32 -28.24 -15.05
C GLU E 219 13.67 -28.51 -16.50
N LEU E 220 12.66 -28.41 -17.37
CA LEU E 220 12.88 -28.65 -18.79
C LEU E 220 13.80 -27.58 -19.38
N ALA E 221 13.62 -26.32 -18.99
CA ALA E 221 14.49 -25.26 -19.47
C ALA E 221 15.95 -25.58 -19.16
N THR E 222 16.24 -25.93 -17.92
CA THR E 222 17.62 -26.29 -17.57
C THR E 222 18.13 -27.45 -18.43
N GLU E 223 17.32 -28.48 -18.62
CA GLU E 223 17.73 -29.61 -19.45
C GLU E 223 17.99 -29.18 -20.88
N LEU E 224 17.24 -28.20 -21.37
CA LEU E 224 17.37 -27.70 -22.73
C LEU E 224 18.39 -26.58 -22.87
N ASP E 225 19.09 -26.22 -21.78
CA ASP E 225 20.07 -25.15 -21.82
C ASP E 225 19.43 -23.80 -22.15
N ILE E 226 18.19 -23.60 -21.72
CA ILE E 226 17.51 -22.32 -21.82
C ILE E 226 17.66 -21.61 -20.50
N PRO E 227 18.32 -20.46 -20.43
CA PRO E 227 18.45 -19.75 -19.15
C PRO E 227 17.10 -19.25 -18.67
N TRP E 228 16.92 -19.25 -17.35
CA TRP E 228 15.66 -18.80 -16.80
C TRP E 228 15.88 -18.04 -15.50
N LYS E 229 14.88 -17.23 -15.15
CA LYS E 229 14.93 -16.34 -14.00
C LYS E 229 13.53 -16.22 -13.41
N GLU E 230 13.43 -16.37 -12.10
CA GLU E 230 12.22 -15.98 -11.39
C GLU E 230 12.39 -14.51 -11.01
N ARG E 231 11.45 -13.65 -11.42
N ARG E 231 11.46 -13.66 -11.42
CA ARG E 231 11.61 -12.25 -11.10
CA ARG E 231 11.59 -12.26 -11.03
C ARG E 231 10.29 -11.51 -11.22
C ARG E 231 10.29 -11.52 -11.20
N GLN E 232 10.28 -10.30 -10.67
CA GLN E 232 9.11 -9.42 -10.78
C GLN E 232 8.99 -8.92 -12.21
N LEU E 233 7.79 -9.06 -12.75
CA LEU E 233 7.46 -8.61 -14.10
C LEU E 233 6.25 -7.70 -14.03
N SER E 234 6.29 -6.60 -14.77
CA SER E 234 5.10 -5.77 -14.94
C SER E 234 4.41 -6.11 -16.25
N ALA E 235 3.21 -5.56 -16.45
CA ALA E 235 2.52 -5.82 -17.70
C ALA E 235 3.39 -5.39 -18.89
N PHE E 236 4.12 -4.29 -18.73
CA PHE E 236 5.04 -3.81 -19.75
C PHE E 236 5.97 -4.91 -20.22
N ASP E 237 6.55 -5.67 -19.28
CA ASP E 237 7.44 -6.79 -19.64
C ASP E 237 6.72 -7.76 -20.55
N VAL E 238 5.45 -8.03 -20.28
CA VAL E 238 4.69 -9.00 -21.07
C VAL E 238 4.42 -8.45 -22.47
N TYR E 239 4.00 -7.19 -22.55
CA TYR E 239 3.68 -6.61 -23.86
C TYR E 239 4.88 -6.65 -24.82
N ILE E 240 6.09 -6.44 -24.30
CA ILE E 240 7.27 -6.32 -25.15
C ILE E 240 8.03 -7.63 -25.29
N ALA E 241 7.55 -8.70 -24.67
CA ALA E 241 8.24 -9.98 -24.69
C ALA E 241 8.35 -10.54 -26.11
N ASP E 242 9.37 -11.38 -26.31
CA ASP E 242 9.50 -12.10 -27.57
C ASP E 242 8.48 -13.22 -27.68
N GLU E 243 8.13 -13.85 -26.56
CA GLU E 243 7.18 -14.94 -26.51
C GLU E 243 6.45 -14.87 -25.17
N VAL E 244 5.20 -15.33 -25.16
CA VAL E 244 4.41 -15.43 -23.93
C VAL E 244 3.67 -16.75 -23.96
N PHE E 245 3.64 -17.44 -22.81
CA PHE E 245 2.79 -18.62 -22.69
C PHE E 245 2.37 -18.79 -21.24
N THR E 246 1.22 -19.43 -21.05
CA THR E 246 0.77 -19.86 -19.72
C THR E 246 0.97 -21.37 -19.59
N CYS E 247 0.86 -21.86 -18.35
CA CYS E 247 1.02 -23.29 -18.15
C CYS E 247 0.16 -23.76 -16.99
N SER E 248 -0.29 -25.01 -17.08
CA SER E 248 -1.22 -25.56 -16.12
C SER E 248 -1.24 -27.07 -16.26
N THR E 249 -1.67 -27.75 -15.20
CA THR E 249 -1.95 -29.17 -15.34
C THR E 249 -3.03 -29.41 -16.38
N ALA E 250 -3.95 -28.44 -16.52
CA ALA E 250 -4.96 -28.47 -17.58
C ALA E 250 -4.30 -27.96 -18.87
N GLY E 251 -3.65 -28.87 -19.60
CA GLY E 251 -3.18 -28.62 -20.94
C GLY E 251 -1.71 -28.34 -21.11
N GLY E 252 -0.94 -28.26 -20.04
CA GLY E 252 0.46 -27.93 -20.20
C GLY E 252 0.66 -26.51 -20.67
N ALA E 253 1.64 -26.30 -21.54
CA ALA E 253 1.96 -24.96 -22.01
C ALA E 253 0.95 -24.50 -23.05
N LEU E 254 0.56 -23.24 -22.95
CA LEU E 254 -0.45 -22.66 -23.84
C LEU E 254 0.07 -21.34 -24.39
N PRO E 255 0.29 -21.23 -25.70
CA PRO E 255 0.86 -19.99 -26.23
C PRO E 255 -0.13 -18.83 -26.17
N VAL E 256 0.42 -17.63 -25.99
CA VAL E 256 -0.33 -16.38 -25.89
C VAL E 256 0.07 -15.48 -27.05
N ARG E 257 -0.89 -15.08 -27.88
CA ARG E 257 -0.61 -14.24 -29.04
C ARG E 257 -0.86 -12.76 -28.79
N GLU E 258 -1.59 -12.42 -27.73
CA GLU E 258 -1.95 -11.04 -27.48
C GLU E 258 -2.27 -10.87 -26.00
N VAL E 259 -1.84 -9.74 -25.42
CA VAL E 259 -2.21 -9.37 -24.05
C VAL E 259 -2.70 -7.93 -24.08
N ALA E 260 -3.97 -7.73 -23.75
CA ALA E 260 -4.58 -6.41 -23.56
C ALA E 260 -4.40 -5.51 -24.77
N GLY E 261 -4.63 -6.07 -25.97
CA GLY E 261 -4.55 -5.31 -27.19
C GLY E 261 -3.15 -5.17 -27.77
N ARG E 262 -2.13 -5.66 -27.09
CA ARG E 262 -0.76 -5.68 -27.59
C ARG E 262 -0.52 -7.07 -28.17
N THR E 263 -0.36 -7.15 -29.49
CA THR E 263 -0.01 -8.42 -30.11
C THR E 263 1.45 -8.71 -29.81
N ILE E 264 1.73 -9.91 -29.28
CA ILE E 264 3.12 -10.27 -28.98
C ILE E 264 3.89 -10.39 -30.30
N ARG E 265 5.07 -9.77 -30.34
CA ARG E 265 5.84 -9.71 -31.57
C ARG E 265 6.42 -11.08 -31.90
N GLY E 266 6.71 -11.26 -33.18
CA GLY E 266 7.16 -12.55 -33.68
C GLY E 266 5.99 -13.44 -34.05
N THR E 267 6.31 -14.70 -34.34
CA THR E 267 5.29 -15.70 -34.59
C THR E 267 4.92 -16.41 -33.30
N THR E 268 3.63 -16.65 -33.13
CA THR E 268 3.14 -17.38 -31.97
C THR E 268 2.62 -18.73 -32.45
N PRO E 269 3.05 -19.86 -31.84
CA PRO E 269 4.05 -19.95 -30.77
C PRO E 269 5.48 -19.71 -31.23
N GLY E 270 6.28 -19.11 -30.33
CA GLY E 270 7.67 -18.87 -30.61
C GLY E 270 8.51 -20.10 -30.35
N PRO E 271 9.81 -19.98 -30.67
CA PRO E 271 10.65 -21.18 -30.69
C PRO E 271 10.93 -21.78 -29.33
N ILE E 272 11.13 -20.94 -28.31
CA ILE E 272 11.34 -21.48 -26.96
C ILE E 272 10.04 -22.07 -26.43
N THR E 273 8.90 -21.41 -26.70
CA THR E 273 7.62 -21.98 -26.31
C THR E 273 7.47 -23.38 -26.89
N GLN E 274 7.75 -23.52 -28.19
CA GLN E 274 7.60 -24.82 -28.84
C GLN E 274 8.57 -25.84 -28.25
N ALA E 275 9.84 -25.45 -28.06
CA ALA E 275 10.82 -26.37 -27.51
C ALA E 275 10.38 -26.89 -26.14
N ILE E 276 9.89 -26.00 -25.26
CA ILE E 276 9.47 -26.41 -23.93
C ILE E 276 8.24 -27.30 -24.01
N ASP E 277 7.26 -26.90 -24.82
CA ASP E 277 6.04 -27.68 -25.00
C ASP E 277 6.37 -29.09 -25.52
N ASN E 278 7.22 -29.20 -26.54
CA ASN E 278 7.55 -30.51 -27.07
C ASN E 278 8.31 -31.34 -26.05
N ALA E 279 9.16 -30.71 -25.25
CA ALA E 279 9.90 -31.44 -24.23
C ALA E 279 8.99 -31.91 -23.11
N TYR E 280 7.97 -31.13 -22.79
CA TYR E 280 7.02 -31.51 -21.74
C TYR E 280 6.29 -32.79 -22.13
N TRP E 281 5.69 -32.79 -23.32
CA TRP E 281 4.95 -33.96 -23.77
C TRP E 281 5.87 -35.14 -24.05
N ALA E 282 7.13 -34.89 -24.42
CA ALA E 282 8.07 -35.98 -24.59
C ALA E 282 8.46 -36.58 -23.24
N MET E 283 8.57 -35.74 -22.22
CA MET E 283 8.86 -36.25 -20.89
C MET E 283 7.76 -37.18 -20.41
N ARG E 284 6.50 -36.87 -20.76
CA ARG E 284 5.37 -37.62 -20.24
C ARG E 284 5.18 -38.97 -20.90
N GLU E 285 5.96 -39.28 -21.93
CA GLU E 285 6.02 -40.64 -22.44
C GLU E 285 7.24 -41.39 -21.91
N THR E 286 8.07 -40.75 -21.10
CA THR E 286 9.10 -41.44 -20.34
C THR E 286 8.46 -42.05 -19.09
N ASP E 287 9.26 -42.77 -18.31
CA ASP E 287 8.82 -43.20 -16.98
C ASP E 287 9.17 -42.18 -15.91
N ARG E 288 9.75 -41.04 -16.28
CA ARG E 288 10.02 -39.99 -15.31
C ARG E 288 8.72 -39.49 -14.71
N TYR E 289 8.59 -39.63 -13.40
CA TYR E 289 7.43 -39.12 -12.66
C TYR E 289 6.13 -39.80 -13.06
N ALA E 290 6.19 -41.02 -13.61
CA ALA E 290 5.00 -41.73 -14.02
C ALA E 290 4.50 -42.65 -12.91
N THR E 291 3.19 -42.63 -12.68
CA THR E 291 2.54 -43.67 -11.88
C THR E 291 1.57 -44.40 -12.80
N PRO E 292 1.85 -45.64 -13.18
CA PRO E 292 0.96 -46.33 -14.11
C PRO E 292 -0.35 -46.70 -13.43
N LEU E 293 -1.44 -46.61 -14.20
CA LEU E 293 -2.75 -46.99 -13.67
C LEU E 293 -2.93 -48.51 -13.77
N SER E 294 -2.18 -49.12 -14.69
CA SER E 294 -2.09 -50.56 -14.93
C SER E 294 -1.05 -51.23 -14.04
N GLY E 295 0.21 -50.81 -14.19
CA GLY E 295 1.32 -51.45 -13.53
C GLY E 295 1.23 -51.30 -12.03
N SER F 2 22.93 30.10 -41.63
CA SER F 2 22.87 28.64 -41.55
C SER F 2 23.56 28.12 -40.30
N ASP F 3 23.00 28.42 -39.12
CA ASP F 3 23.58 27.99 -37.86
C ASP F 3 22.59 27.36 -36.90
N GLU F 4 21.28 27.48 -37.13
CA GLU F 4 20.30 27.01 -36.17
C GLU F 4 20.02 25.52 -36.32
N PRO F 5 19.38 24.91 -35.33
CA PRO F 5 19.22 23.46 -35.34
C PRO F 5 18.32 23.01 -36.48
N ILE F 6 18.63 21.83 -37.02
CA ILE F 6 17.84 21.21 -38.07
C ILE F 6 17.10 20.01 -37.50
N ILE F 7 15.78 19.99 -37.67
CA ILE F 7 14.89 19.00 -37.07
C ILE F 7 14.36 18.06 -38.15
N TYR F 8 14.35 16.76 -37.86
CA TYR F 8 13.57 15.81 -38.66
C TYR F 8 12.14 15.80 -38.14
N ILE F 9 11.16 16.03 -39.03
CA ILE F 9 9.75 15.99 -38.63
C ILE F 9 8.94 15.42 -39.78
N ASN F 10 8.32 14.26 -39.55
CA ASN F 10 7.48 13.57 -40.53
C ASN F 10 8.09 13.58 -41.93
N GLY F 11 9.39 13.27 -42.01
CA GLY F 11 10.05 13.04 -43.25
C GLY F 11 10.79 14.24 -43.80
N ASP F 12 10.52 15.42 -43.27
CA ASP F 12 11.16 16.64 -43.75
C ASP F 12 12.24 17.08 -42.79
N TYR F 13 13.31 17.68 -43.34
CA TYR F 13 14.37 18.28 -42.53
C TYR F 13 14.21 19.80 -42.57
N LEU F 14 13.92 20.41 -41.43
CA LEU F 14 13.56 21.81 -41.38
C LEU F 14 14.34 22.51 -40.27
N PRO F 15 14.63 23.80 -40.46
CA PRO F 15 15.14 24.58 -39.32
C PRO F 15 14.14 24.55 -38.17
N LEU F 16 14.67 24.51 -36.94
CA LEU F 16 13.80 24.45 -35.77
C LEU F 16 12.74 25.54 -35.81
N SER F 17 13.14 26.74 -36.22
CA SER F 17 12.26 27.90 -36.36
C SER F 17 11.01 27.59 -37.16
N GLN F 18 11.11 26.70 -38.14
N GLN F 18 11.12 26.69 -38.14
CA GLN F 18 10.01 26.41 -39.05
CA GLN F 18 10.03 26.41 -39.06
C GLN F 18 9.31 25.12 -38.72
C GLN F 18 9.31 25.11 -38.72
N ALA F 19 9.99 24.19 -38.05
CA ALA F 19 9.38 22.93 -37.66
C ALA F 19 8.21 23.17 -36.71
N ARG F 20 7.10 22.50 -36.97
CA ARG F 20 5.86 22.79 -36.27
C ARG F 20 5.22 21.54 -35.71
N VAL F 21 4.93 21.57 -34.41
CA VAL F 21 3.98 20.66 -33.80
C VAL F 21 2.63 21.37 -33.73
N SER F 22 1.58 20.67 -34.14
CA SER F 22 0.27 21.28 -34.10
C SER F 22 -0.18 21.44 -32.65
N PRO F 23 -0.86 22.53 -32.31
CA PRO F 23 -1.41 22.67 -30.96
C PRO F 23 -2.38 21.57 -30.60
N VAL F 24 -2.94 20.84 -31.57
CA VAL F 24 -3.84 19.75 -31.21
C VAL F 24 -3.19 18.38 -31.42
N ASP F 25 -1.86 18.33 -31.56
CA ASP F 25 -1.15 17.06 -31.52
C ASP F 25 -1.40 16.38 -30.17
N GLN F 26 -1.74 15.10 -30.20
CA GLN F 26 -2.02 14.40 -28.95
C GLN F 26 -0.77 14.20 -28.11
N GLY F 27 0.41 14.27 -28.71
CA GLY F 27 1.62 14.30 -27.90
C GLY F 27 1.71 15.55 -27.06
N PHE F 28 1.14 16.65 -27.55
CA PHE F 28 1.13 17.90 -26.81
C PHE F 28 -0.03 17.98 -25.82
N LEU F 29 -1.24 17.69 -26.27
CA LEU F 29 -2.42 17.91 -25.44
C LEU F 29 -2.54 16.83 -24.36
N LEU F 30 -2.04 15.64 -24.64
CA LEU F 30 -2.28 14.49 -23.78
C LEU F 30 -1.03 13.71 -23.41
N GLY F 31 0.15 14.16 -23.80
CA GLY F 31 1.34 13.42 -23.43
C GLY F 31 1.43 12.08 -24.11
N ASP F 32 0.74 11.92 -25.24
CA ASP F 32 0.57 10.61 -25.88
C ASP F 32 1.73 10.40 -26.85
N GLY F 33 2.87 10.03 -26.27
CA GLY F 33 4.07 9.83 -27.06
C GLY F 33 5.17 9.25 -26.22
N VAL F 34 6.14 8.63 -26.91
CA VAL F 34 7.31 8.06 -26.26
C VAL F 34 8.56 8.59 -26.98
N PHE F 35 9.71 8.47 -26.30
CA PHE F 35 10.93 9.01 -26.88
C PHE F 35 12.12 8.22 -26.37
N ASP F 36 13.26 8.40 -27.04
CA ASP F 36 14.52 7.90 -26.52
C ASP F 36 15.59 8.95 -26.84
N VAL F 37 16.76 8.78 -26.23
CA VAL F 37 17.88 9.70 -26.41
C VAL F 37 19.14 8.86 -26.53
N VAL F 38 19.87 9.03 -27.63
CA VAL F 38 21.15 8.38 -27.85
C VAL F 38 22.18 9.50 -28.03
N SER F 39 23.43 9.18 -27.75
CA SER F 39 24.48 10.18 -27.84
C SER F 39 25.50 9.83 -28.92
N ALA F 40 26.19 10.87 -29.38
CA ALA F 40 27.35 10.75 -30.26
C ALA F 40 28.56 11.35 -29.56
N TRP F 41 29.71 10.73 -29.74
CA TRP F 41 30.95 11.21 -29.16
C TRP F 41 32.03 11.05 -30.21
N LYS F 42 32.69 12.14 -30.54
CA LYS F 42 33.80 12.11 -31.52
C LYS F 42 33.38 11.43 -32.83
N GLY F 43 32.16 11.68 -33.28
CA GLY F 43 31.70 11.24 -34.58
C GLY F 43 31.07 9.87 -34.61
N ASN F 44 30.95 9.21 -33.46
CA ASN F 44 30.28 7.92 -33.38
C ASN F 44 29.02 8.04 -32.53
N ILE F 45 27.91 7.55 -33.05
CA ILE F 45 26.74 7.32 -32.22
C ILE F 45 26.94 6.01 -31.47
N PHE F 46 26.64 6.02 -30.18
CA PHE F 46 26.95 4.91 -29.27
C PHE F 46 25.68 4.13 -28.94
N LYS F 47 25.72 2.83 -29.23
CA LYS F 47 24.65 1.90 -28.87
C LYS F 47 23.31 2.30 -29.50
N LEU F 48 23.36 2.74 -30.75
CA LEU F 48 22.13 3.12 -31.46
C LEU F 48 21.15 1.95 -31.53
N ASP F 49 21.66 0.74 -31.78
CA ASP F 49 20.75 -0.40 -31.89
C ASP F 49 20.05 -0.68 -30.56
N ALA F 50 20.74 -0.52 -29.43
CA ALA F 50 20.12 -0.78 -28.14
C ALA F 50 19.07 0.28 -27.82
N HIS F 51 19.35 1.53 -28.17
CA HIS F 51 18.38 2.59 -27.93
C HIS F 51 17.17 2.44 -28.83
N LEU F 52 17.37 2.02 -30.08
CA LEU F 52 16.25 1.74 -30.96
C LEU F 52 15.44 0.56 -30.43
N ASP F 53 16.10 -0.47 -29.89
CA ASP F 53 15.36 -1.60 -29.32
C ASP F 53 14.44 -1.11 -28.21
N ARG F 54 14.97 -0.25 -27.32
CA ARG F 54 14.16 0.25 -26.21
C ARG F 54 13.02 1.15 -26.71
N PHE F 55 13.31 2.04 -27.66
CA PHE F 55 12.30 2.90 -28.26
C PHE F 55 11.14 2.06 -28.80
N PHE F 56 11.45 1.00 -29.55
CA PHE F 56 10.39 0.17 -30.09
C PHE F 56 9.73 -0.70 -29.03
N ASP F 57 10.40 -0.95 -27.90
CA ASP F 57 9.71 -1.54 -26.75
C ASP F 57 8.62 -0.60 -26.23
N SER F 58 8.96 0.67 -26.01
CA SER F 58 7.98 1.64 -25.53
C SER F 58 6.85 1.80 -26.54
N ILE F 59 7.19 1.82 -27.83
CA ILE F 59 6.16 1.88 -28.87
C ILE F 59 5.23 0.69 -28.75
N GLN F 60 5.79 -0.52 -28.61
CA GLN F 60 4.97 -1.70 -28.51
C GLN F 60 4.02 -1.64 -27.31
N ALA F 61 4.55 -1.21 -26.17
CA ALA F 61 3.73 -1.19 -24.97
C ALA F 61 2.62 -0.14 -25.07
N ALA F 62 2.89 0.99 -25.71
CA ALA F 62 1.92 2.08 -25.82
C ALA F 62 1.06 1.98 -27.07
N ARG F 63 1.15 0.88 -27.81
CA ARG F 63 0.36 0.68 -29.03
C ARG F 63 0.55 1.85 -30.01
N LEU F 64 1.78 2.34 -30.09
CA LEU F 64 2.15 3.39 -31.03
C LEU F 64 2.76 2.83 -32.32
N ASN F 65 2.55 1.54 -32.61
CA ASN F 65 3.08 0.96 -33.83
C ASN F 65 2.59 1.75 -35.04
N HIS F 66 3.49 2.00 -35.98
CA HIS F 66 3.21 2.87 -37.13
C HIS F 66 4.06 2.40 -38.30
N ASP F 67 3.93 3.11 -39.43
CA ASP F 67 4.48 2.62 -40.69
C ASP F 67 5.96 2.91 -40.89
N MET F 68 6.58 3.78 -40.10
CA MET F 68 7.99 4.10 -40.29
C MET F 68 8.84 2.96 -39.75
N SER F 69 9.64 2.37 -40.63
N SER F 69 9.61 2.33 -40.62
CA SER F 69 10.44 1.21 -40.29
CA SER F 69 10.36 1.16 -40.21
C SER F 69 11.50 1.56 -39.25
C SER F 69 11.49 1.54 -39.26
N ARG F 70 12.00 0.51 -38.57
CA ARG F 70 13.16 0.71 -37.71
C ARG F 70 14.36 1.17 -38.52
N ASP F 71 14.53 0.64 -39.73
CA ASP F 71 15.61 1.11 -40.60
C ASP F 71 15.41 2.57 -40.98
N ALA F 72 14.17 2.96 -41.27
CA ALA F 72 13.89 4.36 -41.59
C ALA F 72 14.21 5.26 -40.41
N TRP F 73 13.85 4.84 -39.20
CA TRP F 73 14.19 5.61 -38.02
C TRP F 73 15.70 5.72 -37.86
N LYS F 74 16.42 4.61 -38.04
CA LYS F 74 17.86 4.63 -37.91
C LYS F 74 18.48 5.61 -38.89
N GLU F 75 18.02 5.57 -40.15
CA GLU F 75 18.55 6.49 -41.15
C GLU F 75 18.24 7.94 -40.79
N ALA F 76 17.03 8.20 -40.30
CA ALA F 76 16.66 9.56 -39.93
C ALA F 76 17.51 10.07 -38.78
N ILE F 77 17.79 9.21 -37.80
CA ILE F 77 18.64 9.60 -36.69
C ILE F 77 20.03 9.94 -37.18
N ILE F 78 20.61 9.06 -38.02
CA ILE F 78 21.95 9.29 -38.53
C ILE F 78 21.99 10.57 -39.36
N GLU F 79 21.03 10.71 -40.28
CA GLU F 79 21.08 11.84 -41.21
C GLU F 79 20.82 13.16 -40.49
N THR F 80 19.89 13.18 -39.52
CA THR F 80 19.68 14.42 -38.79
C THR F 80 20.95 14.84 -38.06
N THR F 81 21.63 13.89 -37.42
CA THR F 81 22.88 14.21 -36.75
C THR F 81 23.92 14.74 -37.74
N ARG F 82 24.00 14.12 -38.91
CA ARG F 82 24.92 14.64 -39.92
C ARG F 82 24.60 16.10 -40.24
N ARG F 83 23.32 16.41 -40.46
CA ARG F 83 22.96 17.73 -40.94
C ARG F 83 23.20 18.82 -39.90
N ASN F 84 23.28 18.47 -38.62
CA ASN F 84 23.48 19.44 -37.56
C ASN F 84 24.95 19.72 -37.29
N GLY F 85 25.85 18.93 -37.86
CA GLY F 85 27.27 19.22 -37.79
C GLY F 85 27.89 19.09 -36.42
N LEU F 86 27.28 18.31 -35.53
CA LEU F 86 27.79 18.10 -34.18
C LEU F 86 28.36 16.69 -34.11
N ASP F 87 29.68 16.58 -33.91
CA ASP F 87 30.29 15.28 -33.70
C ASP F 87 30.07 14.76 -32.29
N ASP F 88 29.80 15.64 -31.34
CA ASP F 88 29.38 15.27 -30.00
C ASP F 88 27.94 15.77 -29.84
N ALA F 89 27.01 14.87 -29.54
CA ALA F 89 25.61 15.26 -29.59
C ALA F 89 24.73 14.44 -28.66
N SER F 90 23.60 15.05 -28.31
CA SER F 90 22.47 14.41 -27.64
C SER F 90 21.32 14.35 -28.64
N ILE F 91 20.89 13.15 -28.99
CA ILE F 91 19.98 12.92 -30.12
C ILE F 91 18.67 12.34 -29.58
N ARG F 92 17.60 13.12 -29.64
CA ARG F 92 16.31 12.73 -29.11
C ARG F 92 15.38 12.38 -30.27
N PHE F 93 14.77 11.18 -30.19
CA PHE F 93 13.82 10.75 -31.22
C PHE F 93 12.50 10.41 -30.55
N ILE F 94 11.42 10.88 -31.16
CA ILE F 94 10.10 11.00 -30.52
C ILE F 94 9.06 10.53 -31.50
N VAL F 95 8.09 9.74 -31.02
CA VAL F 95 6.89 9.45 -31.79
C VAL F 95 5.68 9.73 -30.92
N THR F 96 4.71 10.45 -31.48
CA THR F 96 3.44 10.71 -30.81
C THR F 96 2.28 10.16 -31.63
N ARG F 97 1.13 10.09 -30.96
CA ARG F 97 -0.12 9.64 -31.58
C ARG F 97 -0.64 10.64 -32.61
N GLY F 98 -0.09 11.85 -32.66
CA GLY F 98 -0.37 12.78 -33.72
C GLY F 98 -1.68 13.54 -33.58
N GLU F 99 -2.11 14.13 -34.69
CA GLU F 99 -3.33 14.89 -34.73
C GLU F 99 -4.51 13.95 -34.98
N PRO F 100 -5.64 14.14 -34.30
CA PRO F 100 -6.73 13.15 -34.40
C PRO F 100 -7.16 12.90 -35.84
N LYS F 101 -7.37 11.63 -36.15
CA LYS F 101 -7.47 11.13 -37.51
C LYS F 101 -8.91 10.69 -37.79
N GLY F 102 -9.81 11.67 -37.80
CA GLY F 102 -11.20 11.40 -38.09
C GLY F 102 -12.08 12.03 -37.04
N VAL F 103 -13.37 11.73 -37.13
CA VAL F 103 -14.35 12.37 -36.25
C VAL F 103 -14.43 11.64 -34.91
N VAL F 104 -14.12 10.35 -34.90
CA VAL F 104 -13.97 9.57 -33.67
C VAL F 104 -12.49 9.46 -33.35
N ALA F 105 -12.09 9.85 -32.15
CA ALA F 105 -10.70 9.70 -31.74
C ALA F 105 -10.51 8.30 -31.15
N ASP F 106 -9.90 7.41 -31.92
CA ASP F 106 -9.62 6.03 -31.53
C ASP F 106 -8.10 5.85 -31.51
N PRO F 107 -7.46 5.72 -30.35
CA PRO F 107 -5.99 5.66 -30.36
C PRO F 107 -5.43 4.47 -31.15
N ARG F 108 -6.26 3.54 -31.59
CA ARG F 108 -5.77 2.46 -32.45
C ARG F 108 -5.59 2.89 -33.90
N ASP F 109 -6.21 3.98 -34.32
CA ASP F 109 -6.11 4.47 -35.68
C ASP F 109 -5.58 5.90 -35.63
N PHE F 110 -4.35 6.09 -36.09
CA PHE F 110 -3.71 7.40 -35.94
C PHE F 110 -2.62 7.55 -36.99
N LYS F 111 -2.26 8.81 -37.25
CA LYS F 111 -1.11 9.12 -38.07
C LYS F 111 -0.06 9.72 -37.17
N PRO F 112 1.10 9.11 -37.04
CA PRO F 112 2.06 9.54 -36.02
C PRO F 112 2.75 10.86 -36.36
N THR F 113 3.25 11.51 -35.32
CA THR F 113 4.25 12.57 -35.44
C THR F 113 5.60 11.98 -35.10
N CYS F 114 6.55 12.11 -36.03
CA CYS F 114 7.87 11.49 -35.86
C CYS F 114 8.94 12.57 -35.96
N ILE F 115 9.76 12.68 -34.91
CA ILE F 115 10.68 13.79 -34.76
C ILE F 115 12.05 13.29 -34.32
N VAL F 116 13.10 13.86 -34.91
CA VAL F 116 14.45 13.71 -34.39
C VAL F 116 15.01 15.09 -34.13
N TRP F 117 15.48 15.32 -32.91
CA TRP F 117 16.04 16.60 -32.51
C TRP F 117 17.45 16.36 -31.99
N VAL F 118 18.43 17.02 -32.62
CA VAL F 118 19.84 16.86 -32.28
C VAL F 118 20.34 18.14 -31.62
N ALA F 119 20.96 17.99 -30.45
CA ALA F 119 21.47 19.09 -29.67
C ALA F 119 22.88 18.79 -29.22
N PRO F 120 23.59 19.78 -28.68
CA PRO F 120 24.95 19.52 -28.19
C PRO F 120 24.94 18.45 -27.10
N TYR F 121 26.05 17.72 -27.01
CA TYR F 121 26.23 16.80 -25.91
C TYR F 121 26.26 17.57 -24.60
N ILE F 122 25.56 17.04 -23.59
CA ILE F 122 25.43 17.71 -22.31
C ILE F 122 25.79 16.75 -21.18
N PHE F 123 26.51 17.29 -20.20
CA PHE F 123 26.71 16.66 -18.90
C PHE F 123 25.65 17.19 -17.95
N LEU F 124 25.44 16.47 -16.86
CA LEU F 124 24.41 16.87 -15.91
C LEU F 124 24.95 17.76 -14.80
N ALA F 125 26.25 17.92 -14.70
CA ALA F 125 26.87 18.81 -13.75
C ALA F 125 28.07 19.44 -14.42
N ASP F 126 28.48 20.59 -13.91
CA ASP F 126 29.67 21.23 -14.43
C ASP F 126 30.90 20.40 -14.07
N GLU F 127 32.02 20.72 -14.69
CA GLU F 127 33.20 19.89 -14.54
C GLU F 127 33.73 19.87 -13.11
N GLU F 128 33.53 20.96 -12.35
CA GLU F 128 34.01 20.95 -10.97
C GLU F 128 33.18 19.99 -10.11
N LYS F 129 31.88 19.96 -10.32
CA LYS F 129 31.03 19.03 -9.59
C LYS F 129 31.26 17.59 -10.01
N ARG F 130 31.55 17.35 -11.29
CA ARG F 130 31.95 16.01 -11.69
C ARG F 130 33.21 15.58 -10.94
N ARG F 131 34.14 16.50 -10.72
CA ARG F 131 35.39 16.17 -10.03
C ARG F 131 35.17 15.94 -8.54
N ASN F 132 34.33 16.76 -7.92
CA ASN F 132 34.18 16.72 -6.47
C ASN F 132 33.00 15.83 -6.05
N GLY F 133 32.09 15.57 -6.95
CA GLY F 133 30.84 14.87 -6.70
C GLY F 133 29.70 15.85 -6.45
N ILE F 134 28.48 15.38 -6.73
CA ILE F 134 27.28 16.21 -6.60
C ILE F 134 26.62 15.93 -5.26
N ARG F 135 25.64 16.76 -4.91
CA ARG F 135 24.80 16.58 -3.73
C ARG F 135 23.38 16.24 -4.15
N LEU F 136 22.88 15.11 -3.69
CA LEU F 136 21.55 14.62 -4.01
C LEU F 136 20.67 14.66 -2.77
N MET F 137 19.38 14.89 -2.98
CA MET F 137 18.37 14.69 -1.96
C MET F 137 17.42 13.56 -2.38
N ILE F 138 16.57 13.14 -1.44
CA ILE F 138 15.47 12.22 -1.72
C ILE F 138 14.21 13.05 -1.80
N SER F 139 13.45 12.87 -2.87
CA SER F 139 12.22 13.62 -3.08
C SER F 139 11.10 13.18 -2.16
N ALA F 140 10.22 14.12 -1.82
CA ALA F 140 8.96 13.76 -1.16
C ALA F 140 8.00 13.06 -2.10
N THR F 141 8.19 13.23 -3.41
CA THR F 141 7.36 12.63 -4.45
C THR F 141 7.92 11.26 -4.79
N ARG F 142 7.03 10.27 -4.89
CA ARG F 142 7.42 8.90 -5.21
C ARG F 142 7.37 8.64 -6.72
N GLY F 143 8.06 7.58 -7.13
CA GLY F 143 7.94 7.12 -8.49
C GLY F 143 6.54 6.60 -8.79
N PHE F 144 6.25 6.45 -10.06
CA PHE F 144 4.95 5.94 -10.47
C PHE F 144 4.86 4.45 -10.19
N PRO F 145 3.79 3.97 -9.57
CA PRO F 145 3.59 2.52 -9.50
C PRO F 145 3.51 1.91 -10.90
N ALA F 146 3.94 0.64 -10.98
CA ALA F 146 3.93 -0.06 -12.25
C ALA F 146 2.55 -0.16 -12.88
N ASP F 147 1.47 -0.17 -12.07
CA ASP F 147 0.12 -0.23 -12.57
C ASP F 147 -0.54 1.12 -12.69
N THR F 148 0.26 2.18 -12.81
CA THR F 148 -0.24 3.52 -13.16
C THR F 148 0.32 3.92 -14.51
N LEU F 149 1.47 4.56 -14.51
CA LEU F 149 2.26 4.81 -15.70
C LEU F 149 3.63 4.17 -15.47
N ASP F 150 3.85 3.01 -16.02
CA ASP F 150 5.00 2.19 -15.65
C ASP F 150 6.30 2.97 -15.81
N PRO F 151 7.19 2.96 -14.81
CA PRO F 151 8.49 3.59 -14.98
C PRO F 151 9.29 3.10 -16.17
N ARG F 152 8.90 1.95 -16.74
CA ARG F 152 9.63 1.42 -17.89
C ARG F 152 9.42 2.29 -19.14
N TYR F 153 8.35 3.06 -19.19
N TYR F 153 8.34 3.08 -19.18
CA TYR F 153 8.14 3.99 -20.31
CA TYR F 153 8.13 4.00 -20.29
C TYR F 153 9.16 5.11 -20.24
C TYR F 153 9.15 5.13 -20.24
N LYS F 154 9.79 5.40 -21.37
CA LYS F 154 10.51 6.65 -21.55
C LYS F 154 9.53 7.48 -22.39
N CYS F 155 8.79 8.38 -21.74
CA CYS F 155 7.67 9.04 -22.40
C CYS F 155 7.60 10.52 -22.05
N LEU F 156 6.68 11.21 -22.72
CA LEU F 156 6.58 12.67 -22.61
C LEU F 156 6.00 13.14 -21.29
N ASP F 157 5.58 12.24 -20.40
CA ASP F 157 4.75 12.63 -19.26
C ASP F 157 5.64 12.83 -18.04
N ARG F 158 6.21 14.03 -17.95
CA ARG F 158 7.28 14.27 -16.98
C ARG F 158 7.04 15.51 -16.12
N LEU F 159 5.81 16.02 -16.05
CA LEU F 159 5.52 17.08 -15.11
C LEU F 159 5.95 16.69 -13.70
N HIS F 160 5.71 15.42 -13.32
CA HIS F 160 6.18 14.80 -12.08
C HIS F 160 7.64 15.15 -11.77
N SER F 161 8.51 14.96 -12.74
CA SER F 161 9.94 15.22 -12.45
C SER F 161 10.29 16.70 -12.56
N GLN F 162 9.54 17.47 -13.36
CA GLN F 162 9.76 18.90 -13.33
C GLN F 162 9.45 19.47 -11.97
N LEU F 163 8.38 19.00 -11.33
CA LEU F 163 8.05 19.49 -9.99
C LEU F 163 9.10 19.02 -8.98
N ILE F 164 9.63 17.80 -9.14
CA ILE F 164 10.72 17.35 -8.29
C ILE F 164 11.95 18.23 -8.47
N ARG F 165 12.20 18.66 -9.70
CA ARG F 165 13.34 19.55 -9.94
C ARG F 165 13.16 20.89 -9.24
N LEU F 166 11.95 21.46 -9.31
CA LEU F 166 11.63 22.66 -8.57
C LEU F 166 11.98 22.50 -7.10
N GLU F 167 11.62 21.37 -6.50
N GLU F 167 11.57 21.36 -6.52
CA GLU F 167 11.88 21.24 -5.07
CA GLU F 167 11.82 21.03 -5.10
C GLU F 167 13.36 20.99 -4.79
C GLU F 167 13.33 20.99 -4.83
N ALA F 168 14.06 20.30 -5.70
CA ALA F 168 15.49 20.12 -5.49
C ALA F 168 16.21 21.46 -5.53
N LEU F 169 15.86 22.31 -6.51
CA LEU F 169 16.50 23.61 -6.63
C LEU F 169 16.17 24.48 -5.42
N GLU F 170 14.91 24.49 -4.98
CA GLU F 170 14.55 25.29 -3.82
C GLU F 170 15.29 24.83 -2.58
N ALA F 171 15.57 23.53 -2.48
CA ALA F 171 16.27 22.96 -1.34
C ALA F 171 17.79 23.02 -1.48
N GLY F 172 18.29 23.53 -2.61
CA GLY F 172 19.71 23.75 -2.76
C GLY F 172 20.53 22.52 -3.12
N TYR F 173 19.90 21.49 -3.69
CA TYR F 173 20.55 20.26 -4.11
C TYR F 173 20.73 20.24 -5.63
N ASP F 174 21.68 19.41 -6.08
CA ASP F 174 21.96 19.30 -7.50
C ASP F 174 20.88 18.51 -8.22
N ASP F 175 20.26 17.55 -7.55
CA ASP F 175 19.24 16.72 -8.17
C ASP F 175 18.56 15.97 -7.04
N ALA F 176 17.51 15.22 -7.40
CA ALA F 176 16.79 14.43 -6.41
C ALA F 176 16.52 13.05 -6.96
N LEU F 177 16.77 12.04 -6.14
CA LEU F 177 16.30 10.68 -6.32
C LEU F 177 14.88 10.56 -5.78
N TRP F 178 14.12 9.62 -6.33
CA TRP F 178 12.86 9.26 -5.70
C TRP F 178 12.86 7.79 -5.34
N LEU F 179 11.98 7.48 -4.39
CA LEU F 179 11.74 6.14 -3.90
C LEU F 179 10.49 5.59 -4.58
N ASP F 180 10.35 4.27 -4.52
CA ASP F 180 9.06 3.66 -4.85
C ASP F 180 8.19 3.62 -3.60
N HIS F 181 6.98 3.12 -3.74
CA HIS F 181 6.04 3.21 -2.63
C HIS F 181 6.34 2.24 -1.51
N SER F 182 7.26 1.31 -1.70
CA SER F 182 7.80 0.50 -0.61
C SER F 182 9.00 1.17 0.06
N GLY F 183 9.33 2.39 -0.36
CA GLY F 183 10.40 3.13 0.30
C GLY F 183 11.79 2.78 -0.15
N HIS F 184 11.93 2.10 -1.27
CA HIS F 184 13.24 1.73 -1.79
C HIS F 184 13.62 2.70 -2.88
N VAL F 185 14.91 3.02 -2.94
CA VAL F 185 15.41 4.02 -3.87
C VAL F 185 15.26 3.51 -5.29
N SER F 186 14.78 4.39 -6.17
CA SER F 186 14.59 4.01 -7.57
C SER F 186 15.62 4.65 -8.48
N GLU F 187 15.43 5.93 -8.79
CA GLU F 187 16.21 6.61 -9.81
C GLU F 187 15.95 8.11 -9.69
N SER F 188 16.52 8.86 -10.62
CA SER F 188 16.18 10.25 -10.84
C SER F 188 15.59 10.41 -12.23
N ALA F 189 15.21 11.64 -12.57
CA ALA F 189 14.58 11.90 -13.86
C ALA F 189 15.50 11.61 -15.01
N ALA F 190 16.79 11.83 -14.82
CA ALA F 190 17.76 11.69 -15.91
C ALA F 190 18.64 10.45 -15.79
N SER F 191 18.67 9.80 -14.62
CA SER F 191 19.76 8.90 -14.33
C SER F 191 19.29 7.70 -13.53
N ASN F 192 20.09 6.64 -13.61
CA ASN F 192 19.99 5.52 -12.67
C ASN F 192 21.05 5.68 -11.56
N LEU F 193 20.91 4.89 -10.50
CA LEU F 193 21.67 5.03 -9.27
C LEU F 193 22.48 3.78 -9.01
N PHE F 194 23.76 3.96 -8.70
CA PHE F 194 24.65 2.89 -8.30
C PHE F 194 25.25 3.21 -6.94
N ILE F 195 25.46 2.18 -6.13
CA ILE F 195 26.27 2.31 -4.93
C ILE F 195 27.31 1.21 -4.90
N VAL F 196 28.36 1.42 -4.11
CA VAL F 196 29.38 0.42 -3.86
C VAL F 196 29.42 0.15 -2.37
N LYS F 197 29.41 -1.13 -1.99
CA LYS F 197 29.63 -1.51 -0.59
C LYS F 197 30.52 -2.73 -0.55
N ASN F 198 31.62 -2.61 0.18
CA ASN F 198 32.59 -3.70 0.37
C ASN F 198 32.95 -4.37 -0.95
N GLY F 199 33.23 -3.54 -1.94
CA GLY F 199 33.78 -4.01 -3.19
C GLY F 199 32.77 -4.55 -4.18
N VAL F 200 31.49 -4.42 -3.86
CA VAL F 200 30.41 -4.92 -4.70
C VAL F 200 29.57 -3.73 -5.15
N LEU F 201 29.20 -3.74 -6.43
CA LEU F 201 28.34 -2.72 -7.03
C LEU F 201 26.89 -3.16 -6.94
N TYR F 202 26.02 -2.24 -6.48
CA TYR F 202 24.61 -2.50 -6.31
C TYR F 202 23.79 -1.45 -7.05
N THR F 203 22.66 -1.87 -7.62
CA THR F 203 21.75 -0.93 -8.27
C THR F 203 20.32 -1.41 -8.13
N PRO F 204 19.37 -0.48 -8.00
CA PRO F 204 17.97 -0.89 -7.85
C PRO F 204 17.49 -1.79 -8.99
N SER F 205 16.62 -2.74 -8.63
CA SER F 205 16.14 -3.76 -9.55
C SER F 205 14.78 -3.45 -10.14
N ALA F 206 13.92 -2.70 -9.46
CA ALA F 206 12.55 -2.54 -9.88
C ALA F 206 12.15 -1.07 -9.82
N GLY F 207 11.05 -0.75 -10.50
CA GLY F 207 10.49 0.57 -10.44
C GLY F 207 11.30 1.64 -11.14
N ILE F 208 12.00 1.29 -12.22
CA ILE F 208 12.93 2.18 -12.89
C ILE F 208 12.81 2.07 -14.39
N LEU F 209 13.30 3.11 -15.07
CA LEU F 209 13.69 2.99 -16.47
C LEU F 209 15.01 2.22 -16.52
N ARG F 210 15.07 1.20 -17.37
N ARG F 210 15.05 1.19 -17.36
CA ARG F 210 16.25 0.37 -17.48
CA ARG F 210 16.24 0.35 -17.50
C ARG F 210 17.22 1.06 -18.44
C ARG F 210 17.21 1.07 -18.44
N GLY F 211 18.06 1.90 -17.84
CA GLY F 211 18.95 2.72 -18.62
C GLY F 211 19.92 1.91 -19.44
N ILE F 212 20.29 2.46 -20.60
CA ILE F 212 21.35 1.87 -21.41
C ILE F 212 22.70 2.15 -20.80
N THR F 213 22.88 3.31 -20.15
CA THR F 213 24.13 3.53 -19.45
C THR F 213 24.26 2.54 -18.29
N ARG F 214 23.16 2.30 -17.58
CA ARG F 214 23.13 1.29 -16.51
C ARG F 214 23.54 -0.07 -17.04
N ASP F 215 22.97 -0.48 -18.18
CA ASP F 215 23.40 -1.72 -18.80
C ASP F 215 24.90 -1.71 -19.05
N THR F 216 25.42 -0.58 -19.55
CA THR F 216 26.83 -0.49 -19.90
C THR F 216 27.71 -0.58 -18.67
N ILE F 217 27.25 0.03 -17.56
CA ILE F 217 27.98 -0.03 -16.30
C ILE F 217 28.12 -1.47 -15.83
N LEU F 218 27.04 -2.25 -15.93
CA LEU F 218 27.10 -3.64 -15.50
C LEU F 218 28.05 -4.44 -16.40
N GLU F 219 28.03 -4.15 -17.70
CA GLU F 219 28.96 -4.81 -18.60
C GLU F 219 30.40 -4.47 -18.27
N LEU F 220 30.66 -3.18 -17.98
CA LEU F 220 32.01 -2.75 -17.68
C LEU F 220 32.49 -3.34 -16.36
N ALA F 221 31.58 -3.41 -15.37
CA ALA F 221 31.94 -4.01 -14.09
C ALA F 221 32.37 -5.45 -14.26
N THR F 222 31.65 -6.21 -15.09
CA THR F 222 32.03 -7.59 -15.34
C THR F 222 33.37 -7.66 -16.04
N GLU F 223 33.59 -6.78 -17.04
CA GLU F 223 34.88 -6.74 -17.70
C GLU F 223 36.01 -6.49 -16.72
N LEU F 224 35.76 -5.64 -15.71
CA LEU F 224 36.75 -5.28 -14.70
C LEU F 224 36.75 -6.24 -13.50
N ASP F 225 35.98 -7.33 -13.57
CA ASP F 225 35.87 -8.30 -12.48
C ASP F 225 35.40 -7.65 -11.19
N ILE F 226 34.50 -6.68 -11.29
CA ILE F 226 33.84 -6.07 -10.14
C ILE F 226 32.50 -6.77 -9.96
N PRO F 227 32.27 -7.47 -8.85
CA PRO F 227 30.97 -8.12 -8.65
C PRO F 227 29.88 -7.08 -8.59
N TRP F 228 28.71 -7.43 -9.13
CA TRP F 228 27.56 -6.55 -9.08
C TRP F 228 26.28 -7.34 -8.80
N LYS F 229 25.29 -6.62 -8.29
N LYS F 229 25.28 -6.62 -8.30
CA LYS F 229 24.00 -7.18 -7.96
CA LYS F 229 23.99 -7.20 -7.98
C LYS F 229 22.91 -6.15 -8.23
C LYS F 229 22.90 -6.17 -8.20
N GLU F 230 21.79 -6.60 -8.81
CA GLU F 230 20.57 -5.82 -8.87
C GLU F 230 19.76 -6.17 -7.62
N ARG F 231 19.37 -5.19 -6.83
CA ARG F 231 18.61 -5.50 -5.62
C ARG F 231 17.92 -4.27 -5.10
N GLN F 232 16.96 -4.50 -4.22
CA GLN F 232 16.21 -3.42 -3.55
C GLN F 232 17.16 -2.74 -2.56
N LEU F 233 17.25 -1.43 -2.64
CA LEU F 233 18.07 -0.61 -1.78
C LEU F 233 17.21 0.45 -1.11
N SER F 234 17.46 0.73 0.17
CA SER F 234 16.78 1.83 0.83
C SER F 234 17.71 3.03 0.93
N ALA F 235 17.17 4.18 1.34
CA ALA F 235 18.05 5.34 1.47
C ALA F 235 19.21 5.05 2.43
N PHE F 236 18.96 4.26 3.46
CA PHE F 236 19.98 3.81 4.39
C PHE F 236 21.18 3.20 3.67
N ASP F 237 20.91 2.28 2.73
CA ASP F 237 22.00 1.68 1.96
C ASP F 237 22.86 2.74 1.29
N VAL F 238 22.22 3.80 0.77
CA VAL F 238 22.95 4.86 0.09
C VAL F 238 23.81 5.65 1.08
N TYR F 239 23.23 6.05 2.20
CA TYR F 239 23.98 6.87 3.16
C TYR F 239 25.26 6.17 3.62
N ILE F 240 25.19 4.85 3.82
CA ILE F 240 26.32 4.13 4.39
C ILE F 240 27.24 3.54 3.34
N ALA F 241 26.96 3.76 2.06
CA ALA F 241 27.76 3.17 1.00
C ALA F 241 29.19 3.67 1.02
N ASP F 242 30.09 2.84 0.47
CA ASP F 242 31.46 3.27 0.28
C ASP F 242 31.59 4.29 -0.84
N GLU F 243 30.77 4.18 -1.88
CA GLU F 243 30.77 5.08 -3.01
C GLU F 243 29.35 5.16 -3.53
N VAL F 244 29.02 6.29 -4.16
CA VAL F 244 27.73 6.49 -4.81
C VAL F 244 27.95 7.22 -6.13
N PHE F 245 27.26 6.80 -7.17
CA PHE F 245 27.25 7.55 -8.42
C PHE F 245 25.95 7.30 -9.18
N THR F 246 25.57 8.29 -9.99
CA THR F 246 24.46 8.13 -10.91
C THR F 246 25.02 7.95 -12.32
N CYS F 247 24.14 7.55 -13.24
CA CYS F 247 24.58 7.42 -14.62
C CYS F 247 23.45 7.73 -15.60
N SER F 248 23.83 8.19 -16.78
CA SER F 248 22.92 8.71 -17.79
C SER F 248 23.63 8.82 -19.13
N THR F 249 22.87 8.71 -20.21
CA THR F 249 23.41 9.08 -21.51
C THR F 249 23.89 10.53 -21.49
N ALA F 250 23.29 11.35 -20.63
CA ALA F 250 23.78 12.72 -20.41
C ALA F 250 24.92 12.67 -19.40
N GLY F 251 26.13 12.38 -19.91
CA GLY F 251 27.35 12.54 -19.14
C GLY F 251 28.01 11.28 -18.64
N GLY F 252 27.40 10.11 -18.86
CA GLY F 252 27.95 8.90 -18.27
C GLY F 252 27.79 8.89 -16.76
N ALA F 253 28.82 8.40 -16.08
CA ALA F 253 28.78 8.29 -14.64
C ALA F 253 29.09 9.62 -13.98
N LEU F 254 28.39 9.89 -12.88
CA LEU F 254 28.50 11.15 -12.15
C LEU F 254 28.66 10.83 -10.67
N PRO F 255 29.82 11.10 -10.07
CA PRO F 255 29.97 10.76 -8.64
C PRO F 255 29.10 11.62 -7.74
N VAL F 256 28.72 11.02 -6.61
CA VAL F 256 27.86 11.66 -5.62
C VAL F 256 28.63 11.75 -4.31
N ARG F 257 28.77 12.97 -3.77
CA ARG F 257 29.52 13.14 -2.53
C ARG F 257 28.65 13.21 -1.27
N GLU F 258 27.35 13.45 -1.42
CA GLU F 258 26.47 13.64 -0.28
C GLU F 258 25.05 13.33 -0.73
N VAL F 259 24.29 12.64 0.14
CA VAL F 259 22.87 12.42 -0.06
C VAL F 259 22.16 12.84 1.21
N ALA F 260 21.27 13.83 1.10
CA ALA F 260 20.37 14.22 2.18
C ALA F 260 21.11 14.51 3.48
N GLY F 261 22.23 15.22 3.38
CA GLY F 261 22.96 15.64 4.54
C GLY F 261 23.97 14.65 5.05
N ARG F 262 24.01 13.46 4.44
CA ARG F 262 25.00 12.44 4.78
C ARG F 262 26.10 12.48 3.72
N THR F 263 27.29 12.89 4.15
CA THR F 263 28.46 12.86 3.29
C THR F 263 28.90 11.41 3.12
N ILE F 264 29.00 10.97 1.86
CA ILE F 264 29.42 9.61 1.60
C ILE F 264 30.84 9.45 2.10
N ARG F 265 31.09 8.38 2.84
CA ARG F 265 32.38 8.21 3.46
C ARG F 265 33.45 7.88 2.40
N GLY F 266 34.68 8.26 2.71
CA GLY F 266 35.79 8.04 1.81
C GLY F 266 35.94 9.17 0.82
N THR F 267 36.93 9.01 -0.05
CA THR F 267 37.14 10.01 -1.09
C THR F 267 36.10 9.87 -2.19
N THR F 268 35.66 11.01 -2.73
CA THR F 268 34.77 11.04 -3.87
C THR F 268 35.47 11.76 -5.02
N PRO F 269 35.57 11.16 -6.22
CA PRO F 269 35.06 9.82 -6.56
C PRO F 269 35.86 8.68 -5.93
N GLY F 270 35.19 7.59 -5.58
CA GLY F 270 35.87 6.43 -5.04
C GLY F 270 36.51 5.62 -6.14
N PRO F 271 37.24 4.57 -5.73
CA PRO F 271 38.06 3.85 -6.70
C PRO F 271 37.26 3.05 -7.71
N ILE F 272 36.15 2.43 -7.30
CA ILE F 272 35.35 1.68 -8.29
C ILE F 272 34.63 2.65 -9.21
N THR F 273 34.13 3.77 -8.66
CA THR F 273 33.51 4.78 -9.50
C THR F 273 34.48 5.25 -10.58
N GLN F 274 35.73 5.51 -10.18
CA GLN F 274 36.73 5.99 -11.13
C GLN F 274 37.07 4.92 -12.16
N ALA F 275 37.23 3.67 -11.71
CA ALA F 275 37.53 2.59 -12.63
C ALA F 275 36.45 2.47 -13.71
N ILE F 276 35.18 2.51 -13.28
CA ILE F 276 34.08 2.36 -14.23
C ILE F 276 33.98 3.58 -15.13
N ASP F 277 34.09 4.78 -14.54
CA ASP F 277 34.03 6.00 -15.33
C ASP F 277 35.12 6.03 -16.39
N ASN F 278 36.35 5.71 -16.00
CA ASN F 278 37.44 5.71 -16.96
C ASN F 278 37.20 4.67 -18.05
N ALA F 279 36.70 3.49 -17.67
CA ALA F 279 36.44 2.44 -18.65
C ALA F 279 35.31 2.84 -19.61
N TYR F 280 34.31 3.56 -19.10
CA TYR F 280 33.21 4.01 -19.95
C TYR F 280 33.74 4.96 -21.01
N TRP F 281 34.48 5.98 -20.60
CA TRP F 281 34.97 6.97 -21.55
C TRP F 281 36.02 6.38 -22.48
N ALA F 282 36.83 5.43 -22.01
CA ALA F 282 37.72 4.72 -22.93
C ALA F 282 36.93 4.01 -24.03
N MET F 283 35.85 3.33 -23.63
CA MET F 283 34.98 2.67 -24.60
C MET F 283 34.40 3.68 -25.59
N ARG F 284 33.96 4.84 -25.10
CA ARG F 284 33.36 5.84 -25.99
C ARG F 284 34.35 6.38 -27.01
N GLU F 285 35.65 6.22 -26.78
CA GLU F 285 36.65 6.68 -27.71
C GLU F 285 37.07 5.59 -28.70
N THR F 286 36.48 4.41 -28.58
CA THR F 286 36.69 3.33 -29.54
C THR F 286 35.49 3.25 -30.48
N ASP F 287 35.55 2.28 -31.40
CA ASP F 287 34.45 1.98 -32.30
C ASP F 287 33.48 0.96 -31.73
N ARG F 288 33.67 0.56 -30.47
CA ARG F 288 32.76 -0.41 -29.88
C ARG F 288 31.36 0.17 -29.82
N TYR F 289 30.41 -0.58 -30.39
CA TYR F 289 29.01 -0.19 -30.44
C TYR F 289 28.80 1.11 -31.20
N ALA F 290 29.70 1.44 -32.12
CA ALA F 290 29.66 2.70 -32.83
C ALA F 290 28.90 2.61 -34.14
N THR F 291 28.09 3.64 -34.41
CA THR F 291 27.55 3.91 -35.75
C THR F 291 28.21 5.19 -36.23
N PRO F 292 29.14 5.13 -37.18
CA PRO F 292 29.87 6.35 -37.55
C PRO F 292 28.99 7.36 -38.25
N LEU F 293 29.30 8.63 -38.04
CA LEU F 293 28.72 9.73 -38.81
C LEU F 293 29.68 10.01 -39.96
N SER F 294 29.38 9.49 -41.14
CA SER F 294 30.30 9.57 -42.27
C SER F 294 29.58 10.23 -43.44
N GLY F 295 30.12 11.35 -43.91
CA GLY F 295 29.55 12.07 -45.04
C GLY F 295 30.01 11.53 -46.37
N1 PLP G . 16.63 -8.34 14.58
C2 PLP G . 16.58 -7.12 15.21
C2A PLP G . 15.37 -6.26 14.98
C3 PLP G . 17.62 -6.68 16.02
O3 PLP G . 17.52 -5.47 16.62
C4 PLP G . 18.74 -7.53 16.20
C4A PLP G . 20.04 -6.94 16.71
C5 PLP G . 18.76 -8.77 15.58
C6 PLP G . 17.72 -9.17 14.74
C5A PLP G . 19.91 -9.74 15.76
O4P PLP G . 21.09 -9.25 15.18
P PLP G . 22.51 -9.91 15.62
O1P PLP G . 23.56 -9.06 14.98
O2P PLP G . 22.55 -9.87 17.14
O3P PLP G . 22.60 -11.34 15.11
C1 GOL H . 10.84 -21.30 0.55
O1 GOL H . 9.79 -21.78 1.33
C2 GOL H . 10.73 -21.90 -0.87
O2 GOL H . 10.51 -23.26 -0.85
C3 GOL H . 9.55 -21.15 -1.52
O3 GOL H . 10.03 -20.02 -2.15
N1 PLP I . -19.23 -9.09 9.68
C2 PLP I . -19.10 -10.07 8.74
C2A PLP I . -17.78 -10.32 8.06
C3 PLP I . -20.22 -10.84 8.44
O3 PLP I . -20.08 -11.79 7.46
C4 PLP I . -21.44 -10.59 9.06
C4A PLP I . -22.72 -11.13 8.47
C5 PLP I . -21.54 -9.59 10.04
C6 PLP I . -20.40 -8.85 10.34
C5A PLP I . -22.80 -9.29 10.82
O4P PLP I . -23.77 -8.70 10.00
P PLP I . -25.28 -8.72 10.55
O1P PLP I . -26.09 -8.25 9.35
O2P PLP I . -25.64 -10.15 10.97
O3P PLP I . -25.46 -7.73 11.69
C1 GOL J . -12.81 7.94 18.24
O1 GOL J . -11.97 7.16 19.01
C2 GOL J . -12.46 9.41 18.43
O2 GOL J . -12.33 9.77 19.79
C3 GOL J . -11.10 9.58 17.74
O3 GOL J . -11.34 9.63 16.36
N1 PLP K . 2.14 16.64 16.39
C2 PLP K . 2.94 15.77 17.06
C2A PLP K . 3.60 14.68 16.29
C3 PLP K . 3.16 15.95 18.42
O3 PLP K . 3.96 15.05 19.05
C4 PLP K . 2.52 16.99 19.13
C4A PLP K . 2.46 16.96 20.62
C5 PLP K . 1.70 17.87 18.42
C6 PLP K . 1.51 17.67 17.06
C5A PLP K . 1.01 19.06 19.07
O4P PLP K . 0.06 18.66 20.01
P PLP K . -0.45 19.74 21.11
O1P PLP K . -1.27 20.81 20.41
O2P PLP K . 0.77 20.38 21.78
O3P PLP K . -1.32 18.91 21.95
C1 GOL L . -9.84 21.43 0.93
O1 GOL L . -8.69 22.04 0.35
C2 GOL L . -10.99 21.53 -0.10
O2 GOL L . -11.00 22.74 -0.75
C3 GOL L . -10.71 20.35 -1.05
O3 GOL L . -11.15 19.20 -0.41
N1 PLP M . -12.06 13.75 -14.54
C2 PLP M . -10.85 14.07 -15.09
C2A PLP M . -9.69 13.17 -14.86
C3 PLP M . -10.72 15.24 -15.85
O3 PLP M . -9.51 15.57 -16.37
C4 PLP M . -11.84 16.05 -16.03
C4A PLP M . -11.65 17.45 -16.52
C5 PLP M . -13.07 15.71 -15.46
C6 PLP M . -13.18 14.53 -14.73
C5A PLP M . -14.31 16.55 -15.68
O4P PLP M . -14.23 17.78 -15.02
P PLP M . -15.26 18.97 -15.42
O1P PLP M . -15.21 19.02 -16.93
O2P PLP M . -14.77 20.17 -14.67
O3P PLP M . -16.63 18.59 -14.91
C1 GOL N . -23.18 3.81 -1.18
O1 GOL N . -23.23 2.69 -1.98
C2 GOL N . -23.77 3.55 0.20
O2 GOL N . -25.04 2.95 0.17
C3 GOL N . -22.82 2.60 0.97
O3 GOL N . -21.72 3.35 1.39
N1 PLP O . -2.48 -20.83 -10.71
C2 PLP O . -3.50 -21.10 -9.83
C2A PLP O . -4.17 -19.96 -9.11
C3 PLP O . -3.88 -22.41 -9.59
O3 PLP O . -4.86 -22.63 -8.69
C4 PLP O . -3.25 -23.47 -10.26
C4A PLP O . -3.42 -24.88 -9.79
C5 PLP O . -2.22 -23.17 -11.15
C6 PLP O . -1.85 -21.85 -11.38
C5A PLP O . -1.52 -24.27 -11.94
O4P PLP O . -0.76 -25.12 -11.12
P PLP O . -0.31 -26.57 -11.69
O1P PLP O . 0.71 -26.41 -12.78
O2P PLP O . -1.58 -27.24 -12.19
O3P PLP O . 0.27 -27.22 -10.45
C1 GOL P . 14.10 -7.58 -17.53
O1 GOL P . 13.19 -7.52 -16.46
C2 GOL P . 13.24 -7.92 -18.73
O2 GOL P . 13.99 -8.17 -19.82
C3 GOL P . 12.40 -9.13 -18.31
O3 GOL P . 11.26 -8.94 -19.08
N1 PLP Q . 16.10 7.41 -15.60
C2 PLP Q . 15.03 7.91 -16.30
C2A PLP Q . 13.75 8.17 -15.54
C3 PLP Q . 15.15 8.19 -17.65
O3 PLP Q . 14.06 8.70 -18.32
C4 PLP Q . 16.37 7.95 -18.31
C4A PLP Q . 16.44 7.95 -19.81
C5 PLP Q . 17.44 7.44 -17.58
C6 PLP Q . 17.29 7.18 -16.24
C5A PLP Q . 18.80 7.18 -18.19
O4P PLP Q . 18.74 6.14 -19.15
P PLP Q . 19.96 6.07 -20.22
O1P PLP Q . 19.49 5.03 -21.19
O2P PLP Q . 20.16 7.46 -20.83
O3P PLP Q . 21.20 5.59 -19.51
C1 GOL R . 23.87 -3.04 -0.26
O1 GOL R . 23.76 -1.87 0.52
C2 GOL R . 24.14 -4.26 0.61
O2 GOL R . 25.22 -4.08 1.46
C3 GOL R . 22.85 -4.47 1.44
O3 GOL R . 21.92 -4.99 0.55
#